data_5H9U
#
_entry.id   5H9U
#
_cell.length_a   230.024
_cell.length_b   77.053
_cell.length_c   96.792
_cell.angle_alpha   90.00
_cell.angle_beta   112.04
_cell.angle_gamma   90.00
#
_symmetry.space_group_name_H-M   'C 1 2 1'
#
_entity_poly.entity_id   1
_entity_poly.type   'polypeptide(L)'
_entity_poly.pdbx_seq_one_letter_code
;MGSSHHHHSSGLVPRGSHMRALRLVTSESVTEGHPDKLADRISDAILDALIAQDKKARVAAETLVTTGLVFVAGEITTEG
YVDIPNLVRKTVREVGYTRAKYGFDADTCAVLTAIDEQSPDIAGGVNLSYEWRVLKSTDPLDRVGAGDQGLMFGYATDET
PELMPLPITLAHRLTMRLAEVRKTGLLPYLRPDGKAQVTVVYEGDKPLYVKTVVVSAQHSPEVEQEQLREDLIREVVRQA
IPPEYLKDGETEYLINPSGRFILGGPHADTGLTGRKIIVDTYGGAVPHGGGAFSGKDPTKVDRSASYYARYMAKNIVAAG
LARRALVELAYAIGKARPVSLRVETFGTGVLPDEKLTEIAKKVFDPRPLAIIEELDLLRPIYTPTSAYGHFGRPGFPWEE
TDRVEALRREAGL
;
_entity_poly.pdbx_strand_id   C,A,B,D
#
# COMPACT_ATOMS: atom_id res chain seq x y z
N MET A 19 -24.64 -23.87 44.73
CA MET A 19 -23.36 -24.28 45.29
C MET A 19 -22.97 -25.67 44.76
N ARG A 20 -23.98 -26.50 44.53
CA ARG A 20 -23.79 -27.87 44.04
C ARG A 20 -23.94 -28.08 42.52
N ALA A 21 -24.51 -27.10 41.83
CA ALA A 21 -24.83 -27.28 40.42
C ALA A 21 -23.60 -27.13 39.52
N LEU A 22 -23.67 -27.73 38.33
CA LEU A 22 -22.51 -27.82 37.44
C LEU A 22 -22.62 -26.87 36.24
N ARG A 23 -21.58 -26.07 36.03
CA ARG A 23 -21.57 -25.13 34.91
C ARG A 23 -20.32 -25.33 34.05
N LEU A 24 -20.44 -25.05 32.75
CA LEU A 24 -19.31 -25.17 31.83
C LEU A 24 -18.68 -23.80 31.51
N VAL A 25 -17.37 -23.70 31.69
CA VAL A 25 -16.65 -22.43 31.42
C VAL A 25 -15.57 -22.60 30.37
N THR A 26 -15.65 -21.83 29.29
CA THR A 26 -14.72 -22.02 28.18
C THR A 26 -13.83 -20.81 27.92
N SER A 27 -12.54 -21.07 27.69
CA SER A 27 -11.61 -20.00 27.35
C SER A 27 -10.58 -20.48 26.34
N GLU A 28 -9.95 -19.55 25.64
CA GLU A 28 -9.01 -19.94 24.60
C GLU A 28 -7.82 -19.00 24.42
N SER A 29 -6.78 -19.53 23.77
CA SER A 29 -5.55 -18.80 23.50
C SER A 29 -5.07 -19.11 22.09
N VAL A 30 -4.17 -18.27 21.57
CA VAL A 30 -3.52 -18.55 20.29
C VAL A 30 -2.01 -18.47 20.48
N THR A 31 -1.26 -19.11 19.60
CA THR A 31 0.20 -18.99 19.66
C THR A 31 0.66 -17.66 19.09
N GLU A 32 1.96 -17.41 19.26
CA GLU A 32 2.60 -16.22 18.75
C GLU A 32 2.56 -16.12 17.22
N GLY A 33 2.30 -17.24 16.54
CA GLY A 33 2.32 -17.27 15.09
C GLY A 33 1.01 -16.88 14.45
N HIS A 34 0.00 -16.66 15.28
CA HIS A 34 -1.31 -16.24 14.83
C HIS A 34 -1.21 -14.83 14.24
N PRO A 35 -1.86 -14.60 13.09
CA PRO A 35 -1.72 -13.33 12.36
C PRO A 35 -2.07 -12.11 13.21
N ASP A 36 -3.11 -12.23 14.05
CA ASP A 36 -3.47 -11.18 14.99
C ASP A 36 -2.35 -10.94 16.00
N LYS A 37 -1.87 -12.04 16.56
CA LYS A 37 -0.85 -11.96 17.59
C LYS A 37 0.48 -11.56 16.97
N LEU A 38 0.69 -11.91 15.71
CA LEU A 38 1.89 -11.47 15.00
C LEU A 38 1.85 -9.96 14.80
N ALA A 39 0.68 -9.44 14.48
CA ALA A 39 0.50 -7.99 14.38
C ALA A 39 0.78 -7.30 15.71
N ASP A 40 0.27 -7.89 16.78
CA ASP A 40 0.52 -7.37 18.12
C ASP A 40 2.00 -7.32 18.41
N ARG A 41 2.69 -8.42 18.10
CA ARG A 41 4.12 -8.48 18.38
C ARG A 41 4.90 -7.46 17.56
N ILE A 42 4.52 -7.25 16.31
CA ILE A 42 5.17 -6.23 15.48
C ILE A 42 4.99 -4.84 16.09
N SER A 43 3.76 -4.55 16.49
CA SER A 43 3.45 -3.25 17.07
C SER A 43 4.26 -3.00 18.35
N ASP A 44 4.31 -4.01 19.22
CA ASP A 44 5.06 -3.89 20.47
C ASP A 44 6.57 -3.88 20.27
N ALA A 45 7.06 -4.57 19.24
CA ALA A 45 8.48 -4.55 18.91
C ALA A 45 8.89 -3.16 18.49
N ILE A 46 8.03 -2.51 17.70
CA ILE A 46 8.27 -1.14 17.32
C ILE A 46 8.28 -0.26 18.57
N LEU A 47 7.33 -0.48 19.46
CA LEU A 47 7.26 0.31 20.68
C LEU A 47 8.54 0.14 21.53
N ASP A 48 8.97 -1.10 21.70
CA ASP A 48 10.15 -1.44 22.50
C ASP A 48 11.39 -0.80 21.90
N ALA A 49 11.53 -0.90 20.59
CA ALA A 49 12.70 -0.37 19.92
C ALA A 49 12.76 1.15 20.06
N LEU A 50 11.61 1.80 19.91
CA LEU A 50 11.54 3.26 20.05
C LEU A 50 11.84 3.72 21.47
N ILE A 51 11.31 3.00 22.44
CA ILE A 51 11.47 3.37 23.85
C ILE A 51 12.90 3.07 24.33
N ALA A 52 13.55 2.10 23.71
CA ALA A 52 14.94 1.79 24.03
C ALA A 52 15.87 2.98 23.76
N GLN A 53 15.67 3.65 22.64
CA GLN A 53 16.44 4.85 22.30
C GLN A 53 15.88 6.12 22.94
N ASP A 54 14.56 6.20 23.08
CA ASP A 54 13.90 7.34 23.70
C ASP A 54 12.73 6.92 24.59
N LYS A 55 12.87 7.17 25.88
CA LYS A 55 11.93 6.69 26.87
C LYS A 55 10.78 7.71 27.10
N LYS A 56 10.89 8.88 26.47
CA LYS A 56 9.80 9.84 26.48
C LYS A 56 9.04 9.73 25.17
N ALA A 57 9.31 8.65 24.44
CA ALA A 57 8.66 8.37 23.15
C ALA A 57 7.17 8.07 23.26
N ARG A 58 6.39 8.66 22.36
CA ARG A 58 4.94 8.48 22.32
C ARG A 58 4.56 7.57 21.15
N VAL A 59 3.91 6.44 21.40
CA VAL A 59 3.64 5.52 20.29
C VAL A 59 2.19 5.05 20.21
N ALA A 60 1.65 5.11 18.99
CA ALA A 60 0.40 4.43 18.65
C ALA A 60 0.59 3.72 17.31
N ALA A 61 1.15 2.52 17.36
CA ALA A 61 1.49 1.78 16.15
C ALA A 61 0.51 0.64 15.90
N GLU A 62 -0.10 0.67 14.72
CA GLU A 62 -1.06 -0.34 14.31
C GLU A 62 -0.48 -1.15 13.16
N THR A 63 -0.62 -2.46 13.26
CA THR A 63 -0.08 -3.35 12.27
C THR A 63 -1.18 -4.16 11.62
N LEU A 64 -1.16 -4.15 10.30
CA LEU A 64 -2.01 -5.00 9.49
C LEU A 64 -1.09 -6.05 8.90
N VAL A 65 -1.53 -7.29 8.95
CA VAL A 65 -0.74 -8.39 8.43
C VAL A 65 -1.61 -9.21 7.49
N THR A 66 -1.10 -9.45 6.28
CA THR A 66 -1.88 -10.17 5.27
C THR A 66 -0.92 -10.78 4.25
N THR A 67 -1.46 -11.41 3.22
CA THR A 67 -0.65 -12.18 2.28
C THR A 67 0.51 -11.37 1.69
N GLY A 68 1.73 -11.81 2.00
CA GLY A 68 2.91 -11.20 1.43
C GLY A 68 3.24 -9.83 1.99
N LEU A 69 2.44 -9.38 2.94
CA LEU A 69 2.51 -7.99 3.38
C LEU A 69 2.42 -7.77 4.89
N VAL A 70 3.31 -6.90 5.39
CA VAL A 70 3.13 -6.26 6.68
C VAL A 70 2.97 -4.77 6.43
N PHE A 71 1.85 -4.22 6.89
CA PHE A 71 1.52 -2.82 6.68
C PHE A 71 1.49 -2.14 8.05
N VAL A 72 2.40 -1.22 8.29
CA VAL A 72 2.46 -0.53 9.58
C VAL A 72 2.02 0.92 9.45
N ALA A 73 1.04 1.31 10.25
CA ALA A 73 0.49 2.66 10.21
C ALA A 73 0.39 3.20 11.64
N GLY A 74 0.16 4.49 11.81
CA GLY A 74 -0.01 5.02 13.15
C GLY A 74 0.81 6.28 13.39
N GLU A 75 1.04 6.58 14.67
CA GLU A 75 1.73 7.79 15.07
C GLU A 75 2.92 7.54 16.00
N ILE A 76 4.04 8.22 15.74
CA ILE A 76 5.25 8.03 16.57
C ILE A 76 6.02 9.35 16.95
N THR A 77 6.13 9.66 18.25
CA THR A 77 6.96 10.78 18.71
C THR A 77 8.24 10.35 19.32
N THR A 78 9.38 10.68 18.72
CA THR A 78 10.64 10.23 19.32
C THR A 78 11.81 11.12 18.94
N GLU A 79 12.90 10.99 19.69
CA GLU A 79 14.17 11.61 19.34
C GLU A 79 15.08 10.46 18.99
N GLY A 80 14.46 9.31 18.84
CA GLY A 80 15.19 8.13 18.42
C GLY A 80 14.86 7.79 17.00
N TYR A 81 15.62 6.88 16.43
CA TYR A 81 15.19 6.32 15.16
C TYR A 81 15.26 4.82 15.21
N VAL A 82 14.19 4.20 14.74
CA VAL A 82 14.12 2.77 14.61
C VAL A 82 13.87 2.41 13.17
N ASP A 83 14.64 1.45 12.69
CA ASP A 83 14.50 0.94 11.35
C ASP A 83 13.37 -0.08 11.33
N ILE A 84 12.21 0.40 10.89
CA ILE A 84 10.96 -0.34 10.96
C ILE A 84 10.96 -1.59 10.08
N PRO A 85 11.35 -1.49 8.80
CA PRO A 85 11.31 -2.74 8.02
C PRO A 85 12.24 -3.83 8.55
N ASN A 86 13.44 -3.44 8.97
CA ASN A 86 14.40 -4.42 9.47
C ASN A 86 13.88 -5.04 10.76
N LEU A 87 13.27 -4.20 11.59
CA LEU A 87 12.67 -4.64 12.84
C LEU A 87 11.49 -5.59 12.61
N VAL A 88 10.67 -5.27 11.62
CA VAL A 88 9.54 -6.10 11.25
C VAL A 88 10.01 -7.45 10.77
N ARG A 89 11.00 -7.47 9.89
CA ARG A 89 11.48 -8.74 9.36
C ARG A 89 12.11 -9.60 10.44
N LYS A 90 12.90 -8.97 11.31
CA LYS A 90 13.48 -9.69 12.45
C LYS A 90 12.38 -10.30 13.32
N THR A 91 11.36 -9.48 13.58
CA THR A 91 10.24 -9.89 14.40
C THR A 91 9.45 -11.06 13.79
N VAL A 92 9.23 -11.01 12.48
CA VAL A 92 8.55 -12.11 11.79
C VAL A 92 9.42 -13.35 11.86
N ARG A 93 10.74 -13.16 11.83
CA ARG A 93 11.66 -14.29 11.92
C ARG A 93 11.59 -14.99 13.27
N GLU A 94 11.55 -14.22 14.35
CA GLU A 94 11.56 -14.80 15.70
C GLU A 94 10.41 -15.76 15.95
N VAL A 95 9.24 -15.42 15.41
CA VAL A 95 8.02 -16.17 15.66
C VAL A 95 8.01 -17.40 14.74
N GLY A 96 8.93 -17.43 13.78
CA GLY A 96 9.18 -18.66 13.03
C GLY A 96 8.85 -18.66 11.54
N TYR A 97 8.40 -17.53 11.00
CA TYR A 97 8.04 -17.49 9.57
C TYR A 97 9.28 -17.19 8.72
N THR A 98 10.02 -18.25 8.40
CA THR A 98 11.32 -18.15 7.72
C THR A 98 11.37 -18.82 6.34
N ARG A 99 10.31 -19.55 6.00
CA ARG A 99 10.20 -20.22 4.70
C ARG A 99 8.81 -19.99 4.10
N ALA A 100 8.74 -19.87 2.77
CA ALA A 100 7.50 -19.61 2.06
C ALA A 100 6.44 -20.68 2.29
N LYS A 101 6.88 -21.92 2.51
CA LYS A 101 5.98 -23.07 2.68
C LYS A 101 5.06 -22.88 3.88
N TYR A 102 5.52 -22.14 4.89
CA TYR A 102 4.74 -21.88 6.09
C TYR A 102 3.59 -20.91 5.79
N GLY A 103 3.67 -20.26 4.64
CA GLY A 103 2.63 -19.33 4.21
C GLY A 103 3.04 -17.89 4.36
N PHE A 104 4.10 -17.65 5.12
CA PHE A 104 4.61 -16.30 5.32
C PHE A 104 6.13 -16.38 5.51
N ASP A 105 6.85 -15.37 5.04
CA ASP A 105 8.30 -15.43 5.06
C ASP A 105 8.90 -14.04 5.34
N ALA A 106 9.73 -13.96 6.37
CA ALA A 106 10.28 -12.68 6.80
C ALA A 106 11.17 -12.04 5.76
N ASP A 107 11.88 -12.88 5.01
CA ASP A 107 12.85 -12.43 4.03
C ASP A 107 12.24 -11.88 2.74
N THR A 108 11.14 -12.46 2.30
CA THR A 108 10.58 -12.12 0.98
C THR A 108 9.29 -11.30 0.98
N CYS A 109 8.68 -11.09 2.15
CA CYS A 109 7.42 -10.35 2.22
C CYS A 109 7.62 -8.86 2.07
N ALA A 110 6.55 -8.16 1.68
CA ALA A 110 6.63 -6.71 1.58
C ALA A 110 6.35 -6.06 2.94
N VAL A 111 7.13 -5.03 3.26
CA VAL A 111 6.89 -4.26 4.47
C VAL A 111 6.56 -2.82 4.10
N LEU A 112 5.32 -2.41 4.39
CA LEU A 112 4.82 -1.09 4.02
C LEU A 112 4.66 -0.22 5.23
N THR A 113 5.03 1.06 5.09
CA THR A 113 5.00 2.00 6.21
C THR A 113 4.21 3.25 5.89
N ALA A 114 3.26 3.58 6.77
CA ALA A 114 2.51 4.84 6.65
C ALA A 114 2.43 5.49 8.02
N ILE A 115 3.58 5.82 8.58
CA ILE A 115 3.61 6.34 9.93
C ILE A 115 3.88 7.84 9.98
N ASP A 116 3.05 8.58 10.70
CA ASP A 116 3.29 9.99 10.98
C ASP A 116 4.31 10.05 12.11
N GLU A 117 5.57 10.34 11.82
CA GLU A 117 6.49 10.37 12.95
C GLU A 117 6.85 11.77 13.43
N GLN A 118 6.68 11.91 14.75
CA GLN A 118 6.74 13.17 15.47
C GLN A 118 8.10 13.37 16.14
N SER A 119 8.77 14.49 15.86
CA SER A 119 9.81 14.95 16.76
C SER A 119 9.13 15.89 17.74
N PRO A 120 9.50 15.85 19.04
CA PRO A 120 8.78 16.65 20.04
C PRO A 120 8.92 18.14 19.80
N ASP A 121 9.86 18.48 18.92
CA ASP A 121 10.07 19.83 18.42
C ASP A 121 8.79 20.27 17.71
N ILE A 122 8.26 19.37 16.87
CA ILE A 122 6.96 19.53 16.23
C ILE A 122 5.95 18.87 17.19
N ALA A 123 4.64 19.02 16.92
CA ALA A 123 3.60 18.64 17.87
C ALA A 123 3.76 19.45 19.14
N GLY A 124 3.81 18.78 20.28
CA GLY A 124 4.03 19.46 21.55
C GLY A 124 4.33 18.46 22.65
N GLY A 125 4.50 18.97 23.87
CA GLY A 125 4.49 18.08 25.02
C GLY A 125 3.03 17.72 25.23
N VAL A 126 2.77 16.71 26.04
CA VAL A 126 1.39 16.31 26.34
C VAL A 126 0.67 17.53 26.93
N ASN A 127 -0.59 17.72 26.56
CA ASN A 127 -1.27 18.93 26.96
C ASN A 127 -1.73 18.84 28.41
N LEU A 128 -2.17 19.97 28.96
CA LEU A 128 -2.45 20.05 30.38
C LEU A 128 -3.78 19.36 30.66
N SER A 129 -3.88 18.72 31.81
CA SER A 129 -5.09 18.02 32.21
C SER A 129 -6.21 18.99 32.52
N TYR A 130 -7.43 18.45 32.59
CA TYR A 130 -8.62 19.23 32.90
C TYR A 130 -8.50 19.83 34.30
N GLU A 131 -8.04 19.03 35.25
CA GLU A 131 -7.90 19.51 36.62
C GLU A 131 -6.80 20.55 36.73
N TRP A 132 -5.87 20.58 35.78
CA TRP A 132 -4.92 21.68 35.70
C TRP A 132 -5.47 22.89 34.97
N ARG A 133 -6.04 22.64 33.79
CA ARG A 133 -6.49 23.73 32.93
C ARG A 133 -7.81 24.37 33.42
N VAL A 134 -8.79 23.56 33.80
CA VAL A 134 -10.12 24.07 34.14
C VAL A 134 -10.31 24.19 35.65
N LEU A 135 -10.09 23.09 36.36
CA LEU A 135 -9.87 23.19 37.78
C LEU A 135 -8.45 23.72 37.81
N LYS A 136 -8.03 24.36 38.89
CA LYS A 136 -6.66 24.86 38.83
C LYS A 136 -5.80 24.14 39.86
N SER A 137 -5.36 22.94 39.49
CA SER A 137 -4.55 22.10 40.35
C SER A 137 -3.08 22.39 40.13
N THR A 138 -2.34 22.50 41.22
CA THR A 138 -0.89 22.63 41.15
C THR A 138 -0.24 21.28 41.38
N ASP A 139 -1.06 20.28 41.72
CA ASP A 139 -0.59 18.93 41.97
C ASP A 139 0.06 18.33 40.72
N PRO A 140 1.34 17.94 40.82
CA PRO A 140 2.07 17.37 39.66
C PRO A 140 1.53 16.02 39.19
N LEU A 141 0.93 15.26 40.09
CA LEU A 141 0.35 13.98 39.72
C LEU A 141 -0.99 14.17 38.99
N ASP A 142 -1.56 15.37 39.08
CA ASP A 142 -2.73 15.76 38.30
C ASP A 142 -2.38 16.30 36.91
N ARG A 143 -1.09 16.43 36.60
CA ARG A 143 -0.69 17.15 35.40
C ARG A 143 -1.07 16.46 34.08
N VAL A 144 -0.95 15.14 34.05
CA VAL A 144 -1.30 14.40 32.84
C VAL A 144 -2.69 13.77 32.90
N GLY A 145 -3.52 14.12 31.94
CA GLY A 145 -4.86 13.59 31.91
C GLY A 145 -4.95 12.39 31.00
N ALA A 146 -6.08 11.69 31.05
CA ALA A 146 -6.30 10.61 30.12
C ALA A 146 -6.34 11.19 28.72
N GLY A 147 -5.60 10.60 27.81
CA GLY A 147 -5.56 11.07 26.45
C GLY A 147 -6.88 10.85 25.77
N ASP A 148 -7.59 9.83 26.25
CA ASP A 148 -8.84 9.40 25.67
C ASP A 148 -9.77 8.95 26.78
N GLN A 149 -11.07 8.85 26.49
CA GLN A 149 -12.01 8.25 27.43
C GLN A 149 -11.69 6.77 27.51
N GLY A 150 -11.86 6.19 28.70
CA GLY A 150 -11.53 4.79 28.84
C GLY A 150 -12.26 4.03 29.94
N LEU A 151 -12.35 2.72 29.76
CA LEU A 151 -12.91 1.84 30.78
C LEU A 151 -12.02 0.61 30.92
N MET A 152 -11.63 0.28 32.16
CA MET A 152 -10.58 -0.70 32.43
C MET A 152 -11.05 -1.68 33.49
N PHE A 153 -10.70 -2.95 33.32
CA PHE A 153 -11.02 -3.97 34.32
C PHE A 153 -9.78 -4.75 34.70
N GLY A 154 -9.62 -4.97 36.01
CA GLY A 154 -8.49 -5.71 36.55
C GLY A 154 -9.06 -6.85 37.37
N TYR A 155 -8.42 -8.01 37.33
CA TYR A 155 -8.97 -9.17 37.99
C TYR A 155 -7.92 -10.06 38.65
N ALA A 156 -8.30 -10.67 39.76
CA ALA A 156 -7.45 -11.67 40.39
C ALA A 156 -8.31 -12.68 41.13
N THR A 157 -7.85 -13.93 41.18
CA THR A 157 -8.59 -14.97 41.88
C THR A 157 -7.64 -16.07 42.31
N ASP A 158 -7.92 -16.70 43.46
CA ASP A 158 -6.97 -17.64 44.05
C ASP A 158 -7.19 -19.09 43.57
N GLU A 159 -7.94 -19.25 42.49
CA GLU A 159 -8.11 -20.57 41.87
C GLU A 159 -6.77 -21.16 41.48
N THR A 160 -5.84 -20.30 41.09
CA THR A 160 -4.53 -20.70 40.60
C THR A 160 -3.42 -19.92 41.30
N PRO A 161 -2.17 -20.44 41.28
CA PRO A 161 -1.03 -19.76 41.88
C PRO A 161 -0.70 -18.39 41.26
N GLU A 162 -0.94 -18.23 39.97
CA GLU A 162 -0.67 -16.95 39.29
C GLU A 162 -1.75 -15.92 39.64
N LEU A 163 -2.75 -16.36 40.38
CA LEU A 163 -3.88 -15.54 40.80
C LEU A 163 -4.71 -15.10 39.59
N MET A 164 -4.86 -16.02 38.64
CA MET A 164 -5.63 -15.79 37.43
C MET A 164 -6.74 -16.83 37.33
N PRO A 165 -7.78 -16.54 36.55
CA PRO A 165 -8.77 -17.59 36.27
C PRO A 165 -8.14 -18.79 35.58
N LEU A 166 -8.60 -19.99 35.93
CA LEU A 166 -7.97 -21.22 35.45
C LEU A 166 -8.11 -21.45 33.94
N PRO A 167 -9.28 -21.20 33.34
CA PRO A 167 -9.40 -21.56 31.91
C PRO A 167 -8.42 -20.83 30.99
N ILE A 168 -8.33 -19.51 31.14
CA ILE A 168 -7.40 -18.74 30.34
C ILE A 168 -5.95 -19.12 30.68
N THR A 169 -5.70 -19.47 31.93
CA THR A 169 -4.37 -19.91 32.36
C THR A 169 -3.96 -21.18 31.62
N LEU A 170 -4.86 -22.16 31.60
CA LEU A 170 -4.59 -23.43 30.97
C LEU A 170 -4.43 -23.26 29.46
N ALA A 171 -5.28 -22.43 28.86
CA ALA A 171 -5.21 -22.16 27.44
C ALA A 171 -3.86 -21.52 27.07
N HIS A 172 -3.46 -20.54 27.87
CA HIS A 172 -2.19 -19.87 27.66
C HIS A 172 -1.04 -20.83 27.78
N ARG A 173 -1.08 -21.70 28.78
CA ARG A 173 0.00 -22.66 28.96
C ARG A 173 0.07 -23.62 27.77
N LEU A 174 -1.10 -23.98 27.25
CA LEU A 174 -1.17 -24.86 26.08
C LEU A 174 -0.51 -24.23 24.87
N THR A 175 -0.90 -22.99 24.54
CA THR A 175 -0.33 -22.36 23.34
C THR A 175 1.15 -22.01 23.51
N MET A 176 1.51 -21.59 24.72
CA MET A 176 2.89 -21.23 25.03
C MET A 176 3.83 -22.43 24.86
N ARG A 177 3.40 -23.55 25.43
CA ARG A 177 4.20 -24.77 25.33
C ARG A 177 4.19 -25.31 23.90
N LEU A 178 3.06 -25.18 23.22
CA LEU A 178 2.93 -25.59 21.83
C LEU A 178 3.98 -24.85 21.01
N ALA A 179 4.22 -23.60 21.36
CA ALA A 179 5.31 -22.83 20.77
C ALA A 179 6.69 -23.40 21.15
N GLU A 180 6.85 -23.74 22.43
CA GLU A 180 8.17 -24.17 22.89
C GLU A 180 8.63 -25.55 22.37
N VAL A 181 7.72 -26.50 22.21
CA VAL A 181 8.09 -27.79 21.61
C VAL A 181 8.47 -27.64 20.14
N ARG A 182 7.87 -26.66 19.47
CA ARG A 182 8.26 -26.35 18.10
C ARG A 182 9.67 -25.80 18.12
N LYS A 183 9.91 -24.83 19.00
CA LYS A 183 11.19 -24.14 19.06
C LYS A 183 12.37 -25.01 19.50
N THR A 184 12.13 -25.99 20.36
CA THR A 184 13.21 -26.84 20.87
C THR A 184 13.55 -27.98 19.91
N GLY A 185 12.69 -28.21 18.93
CA GLY A 185 12.94 -29.25 17.95
C GLY A 185 12.34 -30.55 18.43
N LEU A 186 11.67 -30.50 19.57
CA LEU A 186 11.08 -31.70 20.16
C LEU A 186 10.08 -32.29 19.18
N LEU A 187 9.22 -31.45 18.63
CA LEU A 187 8.34 -31.83 17.53
C LEU A 187 8.62 -30.89 16.36
N PRO A 188 9.61 -31.24 15.53
CA PRO A 188 10.21 -30.33 14.54
C PRO A 188 9.34 -30.12 13.31
N TYR A 189 8.24 -30.85 13.22
CA TYR A 189 7.31 -30.70 12.10
C TYR A 189 6.30 -29.58 12.34
N LEU A 190 6.28 -29.05 13.56
CA LEU A 190 5.33 -27.98 13.88
C LEU A 190 5.70 -26.67 13.20
N ARG A 191 4.66 -25.90 12.86
CA ARG A 191 4.81 -24.58 12.26
C ARG A 191 4.17 -23.55 13.20
N PRO A 192 4.43 -22.23 13.00
CA PRO A 192 4.13 -21.28 14.07
C PRO A 192 2.65 -21.14 14.50
N ASP A 193 1.70 -21.20 13.57
CA ASP A 193 0.31 -20.91 13.92
C ASP A 193 -0.32 -22.01 14.79
N GLY A 194 -1.16 -21.60 15.72
CA GLY A 194 -1.83 -22.54 16.60
C GLY A 194 -2.86 -21.91 17.50
N LYS A 195 -3.82 -22.72 17.94
CA LYS A 195 -4.91 -22.29 18.80
C LYS A 195 -5.17 -23.37 19.83
N ALA A 196 -5.59 -22.97 21.02
CA ALA A 196 -5.99 -23.92 22.04
C ALA A 196 -7.23 -23.43 22.75
N GLN A 197 -8.13 -24.35 23.04
CA GLN A 197 -9.38 -24.04 23.72
C GLN A 197 -9.57 -25.03 24.86
N VAL A 198 -10.09 -24.53 25.97
CA VAL A 198 -10.36 -25.37 27.14
C VAL A 198 -11.77 -25.13 27.70
N THR A 199 -12.51 -26.22 27.86
CA THR A 199 -13.79 -26.18 28.53
C THR A 199 -13.65 -26.91 29.85
N VAL A 200 -13.86 -26.14 30.92
CA VAL A 200 -13.62 -26.58 32.28
C VAL A 200 -14.96 -26.75 33.00
N VAL A 201 -15.04 -27.78 33.83
CA VAL A 201 -16.24 -28.04 34.60
C VAL A 201 -16.11 -27.37 35.96
N TYR A 202 -17.07 -26.51 36.27
CA TYR A 202 -17.07 -25.81 37.53
C TYR A 202 -18.21 -26.28 38.42
N GLU A 203 -17.87 -26.61 39.65
CA GLU A 203 -18.88 -26.80 40.68
C GLU A 203 -19.03 -25.49 41.43
N GLY A 204 -19.95 -24.66 40.94
CA GLY A 204 -20.06 -23.30 41.43
C GLY A 204 -18.81 -22.49 41.15
N ASP A 205 -18.09 -22.22 42.23
CA ASP A 205 -16.85 -21.44 42.21
C ASP A 205 -15.58 -22.28 42.00
N LYS A 206 -15.66 -23.57 42.30
CA LYS A 206 -14.49 -24.46 42.22
C LYS A 206 -14.32 -25.18 40.90
N PRO A 207 -13.17 -25.00 40.25
CA PRO A 207 -12.87 -25.81 39.06
C PRO A 207 -12.64 -27.27 39.43
N LEU A 208 -13.21 -28.20 38.66
CA LEU A 208 -13.04 -29.61 38.97
C LEU A 208 -12.08 -30.30 38.00
N TYR A 209 -12.48 -30.31 36.73
CA TYR A 209 -11.69 -30.96 35.71
C TYR A 209 -11.99 -30.37 34.35
N VAL A 210 -11.18 -30.69 33.37
CA VAL A 210 -11.37 -30.19 32.03
C VAL A 210 -12.33 -31.11 31.27
N LYS A 211 -13.49 -30.59 30.87
CA LYS A 211 -14.37 -31.39 30.03
C LYS A 211 -13.75 -31.59 28.65
N THR A 212 -13.27 -30.51 28.04
CA THR A 212 -12.72 -30.63 26.70
C THR A 212 -11.46 -29.82 26.46
N VAL A 213 -10.48 -30.44 25.80
CA VAL A 213 -9.31 -29.72 25.31
C VAL A 213 -9.28 -29.79 23.80
N VAL A 214 -9.14 -28.64 23.16
CA VAL A 214 -9.00 -28.61 21.71
C VAL A 214 -7.70 -27.93 21.36
N VAL A 215 -6.84 -28.61 20.63
CA VAL A 215 -5.64 -27.98 20.09
C VAL A 215 -5.63 -28.07 18.58
N SER A 216 -5.50 -26.92 17.93
CA SER A 216 -5.29 -26.88 16.49
C SER A 216 -3.87 -26.39 16.26
N ALA A 217 -3.03 -27.24 15.69
CA ALA A 217 -1.63 -26.88 15.51
C ALA A 217 -1.24 -26.94 14.03
N GLN A 218 -0.50 -25.93 13.59
CA GLN A 218 0.06 -25.91 12.25
C GLN A 218 1.27 -26.85 12.15
N HIS A 219 1.33 -27.61 11.06
CA HIS A 219 2.38 -28.61 10.89
C HIS A 219 2.68 -28.86 9.43
N SER A 220 3.83 -29.50 9.16
CA SER A 220 4.13 -29.92 7.81
C SER A 220 3.21 -31.09 7.47
N PRO A 221 2.85 -31.24 6.19
CA PRO A 221 1.92 -32.30 5.79
C PRO A 221 2.56 -33.68 5.80
N GLU A 222 3.86 -33.75 6.03
CA GLU A 222 4.57 -35.02 6.09
C GLU A 222 4.06 -35.88 7.25
N VAL A 223 3.53 -35.22 8.28
CA VAL A 223 2.99 -35.86 9.48
C VAL A 223 1.47 -36.04 9.32
N GLU A 224 0.88 -37.09 9.90
CA GLU A 224 -0.58 -37.26 9.84
C GLU A 224 -1.19 -37.33 11.25
N GLN A 225 -2.52 -37.32 11.35
CA GLN A 225 -3.20 -36.87 12.58
C GLN A 225 -3.12 -37.76 13.80
N GLU A 226 -2.73 -39.02 13.65
CA GLU A 226 -2.73 -39.89 14.81
C GLU A 226 -1.36 -39.84 15.48
N GLN A 227 -0.36 -39.51 14.68
CA GLN A 227 0.96 -39.23 15.22
C GLN A 227 0.92 -37.83 15.82
N LEU A 228 0.16 -36.95 15.18
CA LEU A 228 -0.04 -35.60 15.68
C LEU A 228 -0.78 -35.64 17.01
N ARG A 229 -1.82 -36.47 17.06
CA ARG A 229 -2.66 -36.59 18.24
C ARG A 229 -1.85 -37.16 19.40
N GLU A 230 -1.11 -38.23 19.14
CA GLU A 230 -0.30 -38.81 20.20
C GLU A 230 0.77 -37.84 20.70
N ASP A 231 1.48 -37.21 19.77
CA ASP A 231 2.55 -36.29 20.14
C ASP A 231 2.03 -35.06 20.89
N LEU A 232 0.95 -34.47 20.42
CA LEU A 232 0.39 -33.29 21.08
C LEU A 232 -0.25 -33.62 22.42
N ILE A 233 -0.95 -34.75 22.51
CA ILE A 233 -1.54 -35.11 23.79
C ILE A 233 -0.45 -35.38 24.83
N ARG A 234 0.60 -36.10 24.45
CA ARG A 234 1.62 -36.43 25.45
C ARG A 234 2.63 -35.29 25.74
N GLU A 235 3.01 -34.56 24.70
CA GLU A 235 4.05 -33.55 24.82
C GLU A 235 3.53 -32.16 25.08
N VAL A 236 2.25 -31.92 24.81
CA VAL A 236 1.69 -30.60 25.05
C VAL A 236 0.61 -30.59 26.14
N VAL A 237 -0.46 -31.36 25.95
CA VAL A 237 -1.60 -31.31 26.86
C VAL A 237 -1.31 -31.80 28.29
N ARG A 238 -0.72 -32.98 28.44
CA ARG A 238 -0.51 -33.56 29.76
C ARG A 238 0.59 -32.87 30.57
N GLN A 239 1.57 -32.33 29.89
CA GLN A 239 2.58 -31.47 30.49
C GLN A 239 2.09 -30.05 30.81
N ALA A 240 1.37 -29.37 29.91
CA ALA A 240 0.97 -27.98 30.17
C ALA A 240 -0.18 -27.89 31.18
N ILE A 241 -0.99 -28.93 31.22
CA ILE A 241 -2.09 -28.99 32.17
C ILE A 241 -1.75 -29.96 33.29
N PRO A 242 -1.85 -29.50 34.55
CA PRO A 242 -1.57 -30.37 35.70
C PRO A 242 -2.45 -31.60 35.69
N PRO A 243 -1.90 -32.76 36.11
CA PRO A 243 -2.63 -34.02 36.02
C PRO A 243 -3.94 -34.07 36.82
N GLU A 244 -4.07 -33.29 37.88
CA GLU A 244 -5.30 -33.28 38.67
C GLU A 244 -6.51 -32.87 37.83
N TYR A 245 -6.33 -31.93 36.90
CA TYR A 245 -7.42 -31.44 36.08
C TYR A 245 -7.68 -32.33 34.86
N LEU A 246 -6.78 -33.27 34.61
CA LEU A 246 -6.96 -34.21 33.51
C LEU A 246 -7.53 -35.50 34.09
N LYS A 247 -8.72 -35.88 33.67
CA LYS A 247 -9.39 -37.03 34.27
C LYS A 247 -9.81 -38.10 33.26
N ASP A 248 -9.32 -39.31 33.51
CA ASP A 248 -9.41 -40.42 32.60
C ASP A 248 -10.85 -40.79 32.23
N GLY A 249 -11.14 -40.80 30.94
CA GLY A 249 -12.45 -41.28 30.51
C GLY A 249 -13.53 -40.23 30.37
N GLU A 250 -13.32 -39.06 30.96
CA GLU A 250 -14.33 -38.00 30.93
C GLU A 250 -13.88 -36.80 30.12
N THR A 251 -12.56 -36.58 30.12
CA THR A 251 -11.99 -35.47 29.36
C THR A 251 -11.73 -35.88 27.92
N GLU A 252 -12.23 -35.07 26.99
CA GLU A 252 -12.12 -35.38 25.58
C GLU A 252 -11.00 -34.57 24.93
N TYR A 253 -10.14 -35.25 24.18
CA TYR A 253 -9.03 -34.58 23.51
C TYR A 253 -9.31 -34.47 22.02
N LEU A 254 -9.41 -33.24 21.54
CA LEU A 254 -9.57 -32.98 20.12
C LEU A 254 -8.32 -32.33 19.53
N ILE A 255 -7.69 -33.01 18.58
CA ILE A 255 -6.51 -32.47 17.93
C ILE A 255 -6.79 -32.22 16.45
N ASN A 256 -6.69 -30.96 16.06
CA ASN A 256 -6.99 -30.52 14.70
C ASN A 256 -8.34 -31.00 14.17
N PRO A 257 -9.44 -30.69 14.88
CA PRO A 257 -10.77 -31.15 14.49
C PRO A 257 -11.27 -30.48 13.20
N SER A 258 -10.50 -29.53 12.69
CA SER A 258 -10.91 -28.73 11.55
C SER A 258 -10.31 -29.28 10.28
N GLY A 259 -9.86 -30.52 10.36
CA GLY A 259 -9.10 -31.09 9.26
C GLY A 259 -7.69 -30.64 9.57
N ARG A 260 -6.83 -30.62 8.56
CA ARG A 260 -5.45 -30.28 8.85
C ARG A 260 -5.13 -28.80 8.65
N PHE A 261 -3.99 -28.41 9.20
CA PHE A 261 -3.60 -27.02 9.37
C PHE A 261 -2.22 -26.83 8.75
N ILE A 262 -2.13 -26.91 7.42
CA ILE A 262 -0.84 -26.74 6.75
C ILE A 262 -0.44 -25.29 6.58
N LEU A 263 -1.38 -24.48 6.11
CA LEU A 263 -1.10 -23.06 5.90
C LEU A 263 -1.75 -22.24 7.00
N GLY A 264 -0.98 -21.33 7.57
CA GLY A 264 -1.44 -20.57 8.71
C GLY A 264 -0.86 -19.19 8.65
N GLY A 265 -1.19 -18.35 9.63
CA GLY A 265 -0.67 -17.01 9.67
C GLY A 265 -1.34 -16.13 8.63
N PRO A 266 -0.63 -15.08 8.19
CA PRO A 266 -1.12 -14.03 7.29
C PRO A 266 -1.70 -14.54 5.97
N HIS A 267 -1.26 -15.70 5.48
CA HIS A 267 -1.71 -16.15 4.16
C HIS A 267 -3.16 -16.60 4.21
N ALA A 268 -3.52 -17.30 5.29
CA ALA A 268 -4.89 -17.75 5.52
C ALA A 268 -5.80 -16.61 5.97
N ASP A 269 -5.30 -15.77 6.86
CA ASP A 269 -6.11 -14.77 7.54
C ASP A 269 -5.41 -13.43 7.62
N THR A 270 -6.20 -12.37 7.72
CA THR A 270 -5.68 -11.04 7.93
C THR A 270 -5.52 -10.81 9.41
N GLY A 271 -4.39 -10.22 9.79
CA GLY A 271 -4.10 -9.98 11.18
C GLY A 271 -4.08 -8.49 11.45
N LEU A 272 -4.68 -8.09 12.57
CA LEU A 272 -4.74 -6.68 12.93
C LEU A 272 -4.29 -6.52 14.38
N THR A 273 -3.69 -5.39 14.70
CA THR A 273 -3.33 -5.10 16.09
C THR A 273 -4.59 -4.94 16.95
N GLY A 274 -4.59 -5.54 18.13
CA GLY A 274 -5.68 -5.39 19.09
C GLY A 274 -6.97 -6.15 18.80
N ARG A 275 -6.83 -7.32 18.21
CA ARG A 275 -7.97 -8.19 17.90
C ARG A 275 -7.96 -9.45 18.73
N LYS A 276 -7.17 -9.44 19.81
CA LYS A 276 -7.10 -10.57 20.72
C LYS A 276 -7.17 -10.08 22.16
N ILE A 277 -7.98 -9.04 22.40
CA ILE A 277 -7.93 -8.35 23.68
C ILE A 277 -8.40 -9.22 24.86
N ILE A 278 -9.31 -10.14 24.61
CA ILE A 278 -9.73 -11.08 25.64
C ILE A 278 -8.68 -12.14 25.92
N VAL A 279 -8.03 -12.63 24.86
CA VAL A 279 -6.90 -13.55 25.01
C VAL A 279 -5.78 -12.85 25.79
N ASP A 280 -5.61 -11.56 25.52
CA ASP A 280 -4.57 -10.78 26.19
C ASP A 280 -4.82 -10.64 27.68
N THR A 281 -6.09 -10.69 28.06
CA THR A 281 -6.49 -10.39 29.42
C THR A 281 -6.96 -11.63 30.19
N TYR A 282 -8.26 -11.74 30.42
CA TYR A 282 -8.77 -12.78 31.34
C TYR A 282 -9.59 -13.91 30.72
N GLY A 283 -9.65 -13.95 29.39
CA GLY A 283 -10.28 -15.04 28.69
C GLY A 283 -11.78 -15.16 28.88
N GLY A 284 -12.44 -14.06 29.23
CA GLY A 284 -13.89 -14.05 29.36
C GLY A 284 -14.44 -14.24 30.76
N ALA A 285 -13.55 -14.31 31.74
CA ALA A 285 -13.98 -14.44 33.13
C ALA A 285 -14.71 -13.19 33.65
N VAL A 286 -14.30 -12.01 33.19
CA VAL A 286 -14.83 -10.74 33.68
C VAL A 286 -15.06 -9.77 32.52
N PRO A 287 -15.75 -8.64 32.76
CA PRO A 287 -15.96 -7.69 31.66
C PRO A 287 -14.67 -7.08 31.12
N HIS A 288 -14.76 -6.44 29.96
CA HIS A 288 -13.62 -5.79 29.35
C HIS A 288 -14.04 -4.38 28.90
N GLY A 289 -13.08 -3.47 28.85
CA GLY A 289 -13.38 -2.10 28.46
C GLY A 289 -13.23 -1.74 26.99
N GLY A 290 -12.60 -2.63 26.22
CA GLY A 290 -12.49 -2.46 24.79
C GLY A 290 -11.14 -1.99 24.26
N GLY A 291 -10.28 -1.55 25.15
CA GLY A 291 -8.99 -1.04 24.74
C GLY A 291 -8.01 -2.13 24.36
N ALA A 292 -7.15 -1.82 23.39
CA ALA A 292 -6.08 -2.72 23.00
C ALA A 292 -4.77 -2.27 23.63
N PHE A 293 -3.87 -3.21 23.88
CA PHE A 293 -2.61 -2.88 24.53
C PHE A 293 -1.48 -2.54 23.55
N SER A 294 -1.22 -3.44 22.61
CA SER A 294 0.03 -3.39 21.87
C SER A 294 0.13 -2.20 20.91
N GLY A 295 1.34 -1.69 20.77
CA GLY A 295 1.62 -0.54 19.92
C GLY A 295 1.41 0.78 20.62
N LYS A 296 1.03 0.75 21.89
CA LYS A 296 0.74 1.95 22.67
C LYS A 296 1.74 2.12 23.81
N ASP A 297 2.31 3.32 23.93
CA ASP A 297 3.23 3.63 25.03
C ASP A 297 2.46 3.80 26.34
N PRO A 298 3.16 3.76 27.49
CA PRO A 298 2.45 3.80 28.78
C PRO A 298 1.58 5.04 29.06
N THR A 299 1.72 6.13 28.30
CA THR A 299 0.89 7.31 28.56
C THR A 299 -0.55 7.11 28.10
N LYS A 300 -0.81 6.03 27.38
CA LYS A 300 -2.17 5.66 27.03
C LYS A 300 -2.79 4.86 28.17
N VAL A 301 -3.82 5.41 28.80
CA VAL A 301 -4.41 4.77 29.97
C VAL A 301 -5.03 3.41 29.63
N ASP A 302 -5.40 3.20 28.38
CA ASP A 302 -5.98 1.92 27.95
C ASP A 302 -5.06 0.76 28.35
N ARG A 303 -3.76 0.98 28.19
CA ARG A 303 -2.78 -0.03 28.57
C ARG A 303 -2.36 0.08 30.03
N SER A 304 -1.82 1.24 30.41
CA SER A 304 -1.21 1.39 31.73
C SER A 304 -2.21 1.23 32.87
N ALA A 305 -3.41 1.78 32.71
CA ALA A 305 -4.46 1.63 33.72
C ALA A 305 -4.99 0.20 33.80
N SER A 306 -5.00 -0.52 32.69
CA SER A 306 -5.42 -1.92 32.74
C SER A 306 -4.39 -2.73 33.52
N TYR A 307 -3.12 -2.42 33.26
CA TYR A 307 -2.00 -3.04 33.97
C TYR A 307 -2.10 -2.74 35.46
N TYR A 308 -2.37 -1.48 35.78
CA TYR A 308 -2.47 -1.01 37.16
C TYR A 308 -3.66 -1.65 37.87
N ALA A 309 -4.76 -1.83 37.14
CA ALA A 309 -5.94 -2.47 37.70
C ALA A 309 -5.62 -3.92 38.04
N ARG A 310 -4.87 -4.58 37.16
CA ARG A 310 -4.42 -5.93 37.43
C ARG A 310 -3.55 -5.94 38.68
N TYR A 311 -2.68 -4.94 38.78
CA TYR A 311 -1.76 -4.77 39.89
C TYR A 311 -2.52 -4.67 41.22
N MET A 312 -3.55 -3.83 41.24
CA MET A 312 -4.38 -3.65 42.41
C MET A 312 -5.10 -4.92 42.80
N ALA A 313 -5.77 -5.54 41.81
CA ALA A 313 -6.55 -6.73 42.09
C ALA A 313 -5.67 -7.86 42.63
N LYS A 314 -4.51 -8.04 42.00
CA LYS A 314 -3.58 -9.11 42.38
C LYS A 314 -3.03 -8.86 43.78
N ASN A 315 -2.73 -7.60 44.09
CA ASN A 315 -2.29 -7.26 45.44
C ASN A 315 -3.36 -7.49 46.49
N ILE A 316 -4.60 -7.10 46.17
CA ILE A 316 -5.71 -7.29 47.09
C ILE A 316 -5.96 -8.76 47.40
N VAL A 317 -5.95 -9.60 46.36
CA VAL A 317 -6.17 -11.03 46.57
C VAL A 317 -4.97 -11.69 47.29
N ALA A 318 -3.77 -11.32 46.90
CA ALA A 318 -2.56 -11.88 47.50
C ALA A 318 -2.44 -11.49 48.97
N ALA A 319 -3.03 -10.36 49.34
CA ALA A 319 -2.97 -9.87 50.71
C ALA A 319 -4.00 -10.55 51.61
N GLY A 320 -4.84 -11.39 51.02
CA GLY A 320 -5.81 -12.16 51.77
C GLY A 320 -7.11 -11.41 52.07
N LEU A 321 -7.26 -10.22 51.50
CA LEU A 321 -8.47 -9.43 51.67
C LEU A 321 -9.65 -9.97 50.87
N ALA A 322 -9.38 -10.81 49.86
CA ALA A 322 -10.42 -11.44 49.08
C ALA A 322 -9.90 -12.72 48.41
N ARG A 323 -10.83 -13.61 48.00
CA ARG A 323 -10.46 -14.78 47.22
C ARG A 323 -10.49 -14.39 45.73
N ARG A 324 -11.48 -13.56 45.40
CA ARG A 324 -11.65 -13.00 44.06
C ARG A 324 -11.82 -11.48 44.17
N ALA A 325 -11.10 -10.74 43.32
CA ALA A 325 -11.23 -9.28 43.32
C ALA A 325 -11.24 -8.73 41.90
N LEU A 326 -12.23 -7.87 41.65
CA LEU A 326 -12.39 -7.17 40.38
C LEU A 326 -12.26 -5.69 40.65
N VAL A 327 -11.32 -5.03 39.98
CA VAL A 327 -11.14 -3.61 40.16
C VAL A 327 -11.49 -2.90 38.86
N GLU A 328 -12.41 -1.93 38.94
CA GLU A 328 -12.83 -1.22 37.74
C GLU A 328 -12.30 0.21 37.79
N LEU A 329 -11.68 0.64 36.70
CA LEU A 329 -11.23 2.03 36.58
C LEU A 329 -11.91 2.65 35.39
N ALA A 330 -12.30 3.91 35.46
CA ALA A 330 -12.79 4.58 34.27
C ALA A 330 -12.25 6.00 34.20
N TYR A 331 -11.93 6.45 33.00
CA TYR A 331 -11.32 7.76 32.81
C TYR A 331 -12.10 8.62 31.81
N ALA A 332 -12.24 9.90 32.14
CA ALA A 332 -12.78 10.89 31.21
C ALA A 332 -11.65 11.56 30.48
N ILE A 333 -11.87 11.89 29.21
CA ILE A 333 -10.82 12.45 28.38
C ILE A 333 -10.33 13.78 28.96
N GLY A 334 -9.02 13.93 29.06
CA GLY A 334 -8.43 15.13 29.60
C GLY A 334 -8.35 15.14 31.11
N LYS A 335 -8.82 14.06 31.74
CA LYS A 335 -8.84 14.02 33.20
C LYS A 335 -7.86 13.00 33.80
N ALA A 336 -7.07 13.47 34.76
CA ALA A 336 -6.11 12.65 35.49
C ALA A 336 -6.82 11.70 36.46
N ARG A 337 -7.86 12.21 37.13
CA ARG A 337 -8.55 11.45 38.14
C ARG A 337 -9.68 10.64 37.53
N PRO A 338 -9.78 9.36 37.92
CA PRO A 338 -10.79 8.45 37.39
C PRO A 338 -12.21 8.90 37.71
N VAL A 339 -13.10 8.82 36.73
CA VAL A 339 -14.50 9.15 36.96
C VAL A 339 -15.19 8.10 37.82
N SER A 340 -14.78 6.84 37.68
CA SER A 340 -15.20 5.82 38.62
C SER A 340 -14.00 4.95 39.00
N LEU A 341 -13.95 4.54 40.27
CA LEU A 341 -13.03 3.51 40.72
C LEU A 341 -13.84 2.60 41.61
N ARG A 342 -13.78 1.30 41.35
CA ARG A 342 -14.61 0.37 42.10
C ARG A 342 -13.86 -0.91 42.45
N VAL A 343 -14.13 -1.47 43.62
CA VAL A 343 -13.58 -2.77 43.97
C VAL A 343 -14.74 -3.69 44.27
N GLU A 344 -14.77 -4.84 43.61
CA GLU A 344 -15.84 -5.79 43.76
C GLU A 344 -15.29 -7.15 44.17
N THR A 345 -15.75 -7.68 45.29
CA THR A 345 -15.42 -9.04 45.69
C THR A 345 -16.72 -9.81 45.77
N PHE A 346 -16.81 -10.88 45.01
CA PHE A 346 -18.10 -11.51 44.78
C PHE A 346 -18.48 -12.37 45.96
N GLY A 347 -18.65 -11.69 47.10
CA GLY A 347 -18.88 -12.33 48.39
C GLY A 347 -17.62 -12.90 49.01
N THR A 348 -16.46 -12.51 48.50
CA THR A 348 -15.19 -13.11 48.92
C THR A 348 -14.38 -12.23 49.87
N GLY A 349 -14.84 -11.01 50.08
CA GLY A 349 -14.09 -10.04 50.86
C GLY A 349 -14.07 -10.29 52.36
N VAL A 350 -12.92 -10.01 52.98
CA VAL A 350 -12.81 -10.03 54.44
C VAL A 350 -13.63 -8.87 55.02
N LEU A 351 -13.61 -7.75 54.29
CA LEU A 351 -14.30 -6.52 54.68
C LEU A 351 -15.39 -6.17 53.66
N PRO A 352 -16.30 -5.25 54.01
CA PRO A 352 -17.30 -4.82 53.02
C PRO A 352 -16.62 -4.14 51.83
N ASP A 353 -17.24 -4.23 50.67
CA ASP A 353 -16.59 -3.77 49.44
C ASP A 353 -16.28 -2.27 49.45
N GLU A 354 -17.15 -1.46 50.07
CA GLU A 354 -16.88 -0.02 50.20
C GLU A 354 -15.62 0.23 51.02
N LYS A 355 -15.45 -0.50 52.10
CA LYS A 355 -14.26 -0.37 52.92
C LYS A 355 -13.00 -0.75 52.14
N LEU A 356 -13.10 -1.84 51.39
CA LEU A 356 -12.01 -2.30 50.56
C LEU A 356 -11.66 -1.24 49.52
N THR A 357 -12.69 -0.58 49.00
CA THR A 357 -12.56 0.50 48.03
C THR A 357 -11.79 1.68 48.61
N GLU A 358 -12.16 2.07 49.83
CA GLU A 358 -11.50 3.19 50.48
C GLU A 358 -10.04 2.87 50.79
N ILE A 359 -9.82 1.64 51.25
CA ILE A 359 -8.47 1.13 51.45
C ILE A 359 -7.66 1.19 50.17
N ALA A 360 -8.29 0.79 49.06
CA ALA A 360 -7.61 0.81 47.77
C ALA A 360 -7.22 2.22 47.37
N LYS A 361 -8.13 3.15 47.58
CA LYS A 361 -7.86 4.56 47.27
C LYS A 361 -6.72 5.11 48.11
N LYS A 362 -6.57 4.61 49.33
CA LYS A 362 -5.46 5.08 50.16
C LYS A 362 -4.14 4.39 49.79
N VAL A 363 -4.21 3.12 49.44
CA VAL A 363 -3.05 2.35 49.03
C VAL A 363 -2.60 2.67 47.60
N PHE A 364 -3.53 2.86 46.67
CA PHE A 364 -3.15 3.04 45.27
C PHE A 364 -3.42 4.46 44.77
N ASP A 365 -2.69 4.86 43.74
CA ASP A 365 -2.89 6.15 43.08
C ASP A 365 -3.04 5.92 41.57
N PRO A 366 -4.28 5.93 41.08
CA PRO A 366 -4.58 5.52 39.69
C PRO A 366 -4.45 6.63 38.65
N ARG A 367 -3.86 7.76 38.99
CA ARG A 367 -3.58 8.79 38.00
C ARG A 367 -2.44 8.37 37.08
N PRO A 368 -2.52 8.74 35.79
CA PRO A 368 -1.64 8.24 34.71
C PRO A 368 -0.14 8.41 35.00
N LEU A 369 0.24 9.62 35.39
CA LEU A 369 1.64 9.90 35.74
C LEU A 369 2.08 9.05 36.92
N ALA A 370 1.18 8.93 37.89
CA ALA A 370 1.45 8.14 39.08
C ALA A 370 1.66 6.67 38.71
N ILE A 371 0.83 6.16 37.81
CA ILE A 371 0.97 4.77 37.37
C ILE A 371 2.30 4.53 36.67
N ILE A 372 2.61 5.42 35.72
CA ILE A 372 3.86 5.29 34.96
C ILE A 372 5.05 5.29 35.89
N GLU A 373 5.04 6.18 36.87
CA GLU A 373 6.15 6.25 37.82
C GLU A 373 6.19 5.07 38.80
N GLU A 374 5.02 4.64 39.27
CA GLU A 374 4.98 3.54 40.24
C GLU A 374 5.43 2.22 39.65
N LEU A 375 5.17 2.00 38.37
CA LEU A 375 5.58 0.74 37.77
C LEU A 375 6.80 0.87 36.86
N ASP A 376 7.27 2.11 36.66
CA ASP A 376 8.41 2.39 35.79
C ASP A 376 8.18 1.73 34.44
N LEU A 377 7.05 2.06 33.83
CA LEU A 377 6.60 1.41 32.62
C LEU A 377 7.39 1.85 31.40
N LEU A 378 8.19 2.90 31.56
CA LEU A 378 8.96 3.45 30.45
C LEU A 378 10.24 2.66 30.21
N ARG A 379 10.08 1.36 29.93
CA ARG A 379 11.20 0.49 29.64
C ARG A 379 10.80 -0.49 28.54
N PRO A 380 11.79 -0.98 27.76
CA PRO A 380 11.44 -1.86 26.63
C PRO A 380 11.09 -3.28 27.09
N ILE A 381 9.93 -3.42 27.72
CA ILE A 381 9.50 -4.67 28.32
C ILE A 381 8.26 -5.27 27.67
N TYR A 382 7.83 -4.72 26.54
CA TYR A 382 6.49 -5.02 26.04
C TYR A 382 6.34 -6.11 24.97
N THR A 383 7.41 -6.45 24.27
CA THR A 383 7.31 -7.53 23.29
C THR A 383 6.86 -8.86 23.93
N PRO A 384 7.40 -9.23 25.10
CA PRO A 384 6.92 -10.51 25.65
C PRO A 384 5.42 -10.53 26.03
N THR A 385 4.78 -9.36 26.15
CA THR A 385 3.35 -9.29 26.44
C THR A 385 2.49 -9.65 25.23
N SER A 386 3.10 -9.59 24.04
CA SER A 386 2.37 -9.68 22.77
C SER A 386 1.63 -11.00 22.58
N ALA A 387 2.05 -12.02 23.31
CA ALA A 387 1.35 -13.31 23.27
C ALA A 387 1.34 -14.00 24.63
N TYR A 388 0.36 -14.90 24.81
CA TYR A 388 0.27 -15.79 25.96
C TYR A 388 -0.20 -15.05 27.21
N GLY A 389 -0.73 -13.86 26.98
CA GLY A 389 -1.37 -13.09 28.03
C GLY A 389 -0.49 -12.01 28.66
N HIS A 390 -1.10 -10.85 28.92
CA HIS A 390 -0.39 -9.79 29.62
C HIS A 390 -0.34 -10.03 31.14
N PHE A 391 -1.19 -10.93 31.62
CA PHE A 391 -1.29 -11.18 33.06
C PHE A 391 -1.08 -12.67 33.41
N GLY A 392 -0.64 -12.92 34.63
CA GLY A 392 -0.46 -14.27 35.12
C GLY A 392 0.94 -14.81 34.89
N ARG A 393 1.83 -13.93 34.43
CA ARG A 393 3.20 -14.32 34.12
C ARG A 393 4.17 -13.48 34.95
N PRO A 394 5.22 -14.12 35.49
CA PRO A 394 6.21 -13.47 36.37
C PRO A 394 7.16 -12.53 35.64
N GLY A 395 7.70 -11.55 36.33
CA GLY A 395 8.67 -10.64 35.75
C GLY A 395 8.09 -9.38 35.14
N PHE A 396 6.79 -9.19 35.26
CA PHE A 396 6.18 -7.95 34.82
C PHE A 396 5.85 -7.10 36.04
N PRO A 397 6.11 -5.78 35.95
CA PRO A 397 5.96 -4.87 37.10
C PRO A 397 4.56 -4.95 37.73
N TRP A 398 3.54 -5.15 36.89
CA TRP A 398 2.16 -5.16 37.37
C TRP A 398 1.79 -6.52 37.94
N GLU A 399 2.72 -7.46 37.93
CA GLU A 399 2.48 -8.76 38.54
C GLU A 399 3.15 -8.85 39.91
N GLU A 400 3.77 -7.77 40.35
CA GLU A 400 4.44 -7.79 41.63
C GLU A 400 3.44 -7.47 42.74
N THR A 401 3.39 -8.35 43.73
CA THR A 401 2.48 -8.17 44.85
C THR A 401 3.21 -7.55 46.04
N ASP A 402 3.75 -6.34 45.85
CA ASP A 402 4.60 -5.73 46.87
C ASP A 402 3.90 -4.70 47.74
N ARG A 403 2.60 -4.53 47.55
CA ARG A 403 1.80 -3.66 48.39
C ARG A 403 0.87 -4.46 49.30
N VAL A 404 1.15 -5.77 49.42
CA VAL A 404 0.39 -6.67 50.27
C VAL A 404 0.35 -6.20 51.73
N GLU A 405 1.51 -5.82 52.25
CA GLU A 405 1.62 -5.48 53.65
C GLU A 405 1.01 -4.12 53.97
N ALA A 406 1.07 -3.20 53.01
CA ALA A 406 0.37 -1.93 53.15
C ALA A 406 -1.13 -2.17 53.25
N LEU A 407 -1.64 -3.06 52.40
CA LEU A 407 -3.07 -3.36 52.39
C LEU A 407 -3.46 -4.03 53.70
N ARG A 408 -2.61 -4.93 54.17
CA ARG A 408 -2.87 -5.62 55.42
C ARG A 408 -2.88 -4.63 56.60
N ARG A 409 -1.99 -3.63 56.57
CA ARG A 409 -2.00 -2.62 57.63
C ARG A 409 -3.27 -1.78 57.59
N GLU A 410 -3.67 -1.38 56.39
CA GLU A 410 -4.88 -0.59 56.24
C GLU A 410 -6.13 -1.39 56.64
N ALA A 411 -6.09 -2.69 56.43
CA ALA A 411 -7.18 -3.58 56.81
C ALA A 411 -7.29 -3.77 58.32
N GLY A 412 -6.15 -3.91 59.00
CA GLY A 412 -6.15 -4.13 60.43
C GLY A 412 -5.87 -5.57 60.84
N MET B 19 -27.22 -4.11 49.84
CA MET B 19 -28.10 -4.30 48.69
C MET B 19 -28.44 -2.91 48.17
N ARG B 20 -28.50 -1.97 49.10
CA ARG B 20 -28.73 -0.56 48.77
C ARG B 20 -27.42 0.22 48.60
N ALA B 21 -26.33 -0.49 48.36
CA ALA B 21 -25.02 0.16 48.28
C ALA B 21 -24.84 0.90 46.96
N LEU B 22 -23.99 1.92 46.96
CA LEU B 22 -23.88 2.81 45.81
C LEU B 22 -22.60 2.56 45.02
N ARG B 23 -22.75 2.31 43.73
CA ARG B 23 -21.62 2.05 42.86
C ARG B 23 -21.69 2.91 41.61
N LEU B 24 -20.54 3.29 41.08
CA LEU B 24 -20.51 4.07 39.85
C LEU B 24 -20.18 3.17 38.68
N VAL B 25 -21.05 3.22 37.65
CA VAL B 25 -20.88 2.41 36.47
C VAL B 25 -20.73 3.26 35.21
N THR B 26 -19.63 3.07 34.48
CA THR B 26 -19.33 3.92 33.34
C THR B 26 -19.33 3.15 32.02
N SER B 27 -19.90 3.76 30.99
CA SER B 27 -19.86 3.17 29.65
C SER B 27 -19.74 4.28 28.62
N GLU B 28 -19.30 3.93 27.42
CA GLU B 28 -19.05 4.95 26.41
C GLU B 28 -19.37 4.50 24.99
N SER B 29 -19.52 5.49 24.12
CA SER B 29 -19.84 5.28 22.72
C SER B 29 -19.09 6.27 21.85
N VAL B 30 -19.02 5.97 20.56
CA VAL B 30 -18.45 6.91 19.60
C VAL B 30 -19.46 7.12 18.47
N THR B 31 -19.34 8.25 17.78
CA THR B 31 -20.21 8.47 16.62
C THR B 31 -19.73 7.66 15.42
N GLU B 32 -20.54 7.66 14.38
CA GLU B 32 -20.23 6.95 13.15
C GLU B 32 -18.98 7.51 12.45
N GLY B 33 -18.59 8.73 12.82
CA GLY B 33 -17.47 9.42 12.20
C GLY B 33 -16.14 9.13 12.85
N HIS B 34 -16.17 8.36 13.93
CA HIS B 34 -14.96 7.91 14.61
C HIS B 34 -14.22 6.94 13.68
N PRO B 35 -12.89 7.05 13.60
CA PRO B 35 -12.10 6.27 12.61
C PRO B 35 -12.32 4.75 12.75
N ASP B 36 -12.40 4.27 13.98
CA ASP B 36 -12.69 2.87 14.24
C ASP B 36 -14.05 2.48 13.68
N LYS B 37 -15.05 3.33 13.95
CA LYS B 37 -16.40 3.08 13.48
C LYS B 37 -16.52 3.28 11.97
N LEU B 38 -15.70 4.18 11.42
CA LEU B 38 -15.70 4.36 9.98
C LEU B 38 -15.15 3.13 9.29
N ALA B 39 -14.09 2.53 9.86
CA ALA B 39 -13.56 1.27 9.34
C ALA B 39 -14.60 0.16 9.44
N ASP B 40 -15.32 0.10 10.57
CA ASP B 40 -16.39 -0.87 10.71
C ASP B 40 -17.47 -0.70 9.64
N ARG B 41 -17.88 0.54 9.41
CA ARG B 41 -18.92 0.81 8.44
C ARG B 41 -18.45 0.44 7.03
N ILE B 42 -17.19 0.72 6.71
CA ILE B 42 -16.65 0.34 5.42
C ILE B 42 -16.67 -1.18 5.22
N SER B 43 -16.25 -1.89 6.26
CA SER B 43 -16.22 -3.35 6.20
C SER B 43 -17.63 -3.91 5.97
N ASP B 44 -18.59 -3.41 6.72
CA ASP B 44 -19.96 -3.89 6.61
C ASP B 44 -20.67 -3.43 5.33
N ALA B 45 -20.30 -2.27 4.80
CA ALA B 45 -20.84 -1.81 3.52
C ALA B 45 -20.39 -2.76 2.42
N ILE B 46 -19.13 -3.17 2.51
CA ILE B 46 -18.61 -4.16 1.58
C ILE B 46 -19.38 -5.48 1.72
N LEU B 47 -19.57 -5.91 2.97
CA LEU B 47 -20.30 -7.16 3.21
C LEU B 47 -21.69 -7.11 2.63
N ASP B 48 -22.38 -5.99 2.85
CA ASP B 48 -23.74 -5.79 2.39
C ASP B 48 -23.83 -5.84 0.87
N ALA B 49 -22.93 -5.16 0.19
CA ALA B 49 -22.98 -5.14 -1.27
C ALA B 49 -22.78 -6.54 -1.83
N LEU B 50 -21.83 -7.26 -1.23
CA LEU B 50 -21.55 -8.62 -1.67
C LEU B 50 -22.77 -9.53 -1.44
N ILE B 51 -23.43 -9.38 -0.30
CA ILE B 51 -24.55 -10.25 0.01
C ILE B 51 -25.77 -9.87 -0.85
N ALA B 52 -25.83 -8.61 -1.22
CA ALA B 52 -26.87 -8.12 -2.10
C ALA B 52 -26.77 -8.82 -3.44
N GLN B 53 -25.55 -8.98 -3.94
CA GLN B 53 -25.40 -9.73 -5.18
C GLN B 53 -25.35 -11.25 -5.00
N ASP B 54 -24.80 -11.72 -3.89
CA ASP B 54 -24.71 -13.14 -3.59
C ASP B 54 -25.02 -13.39 -2.11
N LYS B 55 -26.08 -14.13 -1.83
CA LYS B 55 -26.53 -14.23 -0.44
C LYS B 55 -25.76 -15.30 0.33
N LYS B 56 -25.00 -16.13 -0.38
CA LYS B 56 -24.12 -17.10 0.27
C LYS B 56 -22.67 -16.65 0.23
N ALA B 57 -22.46 -15.38 -0.09
CA ALA B 57 -21.11 -14.82 -0.17
C ALA B 57 -20.43 -14.87 1.18
N ARG B 58 -19.17 -15.30 1.16
CA ARG B 58 -18.37 -15.46 2.35
C ARG B 58 -17.35 -14.32 2.48
N VAL B 59 -17.47 -13.55 3.56
CA VAL B 59 -16.70 -12.32 3.67
C VAL B 59 -15.94 -12.16 4.98
N ALA B 60 -14.67 -11.80 4.87
CA ALA B 60 -13.88 -11.36 6.00
C ALA B 60 -13.09 -10.12 5.60
N ALA B 61 -13.74 -8.97 5.68
CA ALA B 61 -13.17 -7.72 5.20
C ALA B 61 -12.70 -6.85 6.36
N GLU B 62 -11.43 -6.48 6.30
CA GLU B 62 -10.80 -5.67 7.32
C GLU B 62 -10.43 -4.32 6.73
N THR B 63 -10.73 -3.26 7.46
CA THR B 63 -10.47 -1.92 6.99
C THR B 63 -9.54 -1.19 7.94
N LEU B 64 -8.48 -0.61 7.37
CA LEU B 64 -7.57 0.25 8.10
C LEU B 64 -7.80 1.64 7.57
N VAL B 65 -7.90 2.61 8.47
CA VAL B 65 -8.16 3.97 8.06
C VAL B 65 -7.15 4.90 8.70
N THR B 66 -6.53 5.75 7.90
CA THR B 66 -5.47 6.62 8.41
C THR B 66 -5.31 7.82 7.50
N THR B 67 -4.33 8.67 7.79
CA THR B 67 -4.19 9.95 7.09
C THR B 67 -4.15 9.79 5.58
N GLY B 68 -5.16 10.33 4.90
CA GLY B 68 -5.21 10.33 3.45
C GLY B 68 -5.54 8.99 2.83
N LEU B 69 -5.76 7.98 3.67
CA LEU B 69 -5.81 6.61 3.20
C LEU B 69 -6.91 5.73 3.81
N VAL B 70 -7.58 4.98 2.93
CA VAL B 70 -8.34 3.81 3.33
C VAL B 70 -7.71 2.56 2.72
N PHE B 71 -7.37 1.59 3.57
CA PHE B 71 -6.77 0.34 3.12
C PHE B 71 -7.69 -0.82 3.46
N VAL B 72 -8.19 -1.50 2.44
CA VAL B 72 -9.07 -2.63 2.65
C VAL B 72 -8.37 -3.94 2.29
N ALA B 73 -8.35 -4.87 3.25
CA ALA B 73 -7.68 -6.16 3.04
C ALA B 73 -8.60 -7.27 3.53
N GLY B 74 -8.31 -8.51 3.17
CA GLY B 74 -9.09 -9.63 3.68
C GLY B 74 -9.47 -10.65 2.64
N GLU B 75 -10.46 -11.49 2.96
CA GLU B 75 -10.81 -12.60 2.07
C GLU B 75 -12.28 -12.58 1.67
N ILE B 76 -12.55 -12.86 0.40
CA ILE B 76 -13.91 -12.86 -0.13
C ILE B 76 -14.14 -14.07 -1.04
N THR B 77 -15.24 -14.77 -0.82
CA THR B 77 -15.69 -15.83 -1.71
C THR B 77 -17.11 -15.54 -2.19
N THR B 78 -17.27 -15.18 -3.46
CA THR B 78 -18.59 -14.77 -3.98
C THR B 78 -18.75 -14.99 -5.48
N GLU B 79 -19.98 -14.97 -5.96
CA GLU B 79 -20.23 -15.07 -7.39
C GLU B 79 -20.70 -13.75 -7.98
N GLY B 80 -20.64 -12.70 -7.15
CA GLY B 80 -20.91 -11.35 -7.55
C GLY B 80 -19.65 -10.52 -7.58
N TYR B 81 -19.77 -9.29 -8.08
CA TYR B 81 -18.69 -8.33 -8.01
C TYR B 81 -19.16 -6.99 -7.43
N VAL B 82 -18.34 -6.43 -6.55
CA VAL B 82 -18.61 -5.10 -6.02
C VAL B 82 -17.45 -4.19 -6.39
N ASP B 83 -17.74 -2.97 -6.81
CA ASP B 83 -16.68 -2.00 -7.05
C ASP B 83 -16.30 -1.41 -5.71
N ILE B 84 -15.24 -1.96 -5.11
CA ILE B 84 -14.86 -1.63 -3.73
C ILE B 84 -14.44 -0.17 -3.51
N PRO B 85 -13.56 0.39 -4.36
CA PRO B 85 -13.15 1.78 -4.09
C PRO B 85 -14.31 2.78 -4.08
N ASN B 86 -15.24 2.64 -5.02
CA ASN B 86 -16.39 3.54 -5.07
C ASN B 86 -17.30 3.36 -3.87
N LEU B 87 -17.46 2.10 -3.44
CA LEU B 87 -18.26 1.80 -2.26
C LEU B 87 -17.66 2.40 -1.01
N VAL B 88 -16.33 2.34 -0.93
CA VAL B 88 -15.59 2.90 0.18
C VAL B 88 -15.78 4.42 0.21
N ARG B 89 -15.65 5.06 -0.95
CA ARG B 89 -15.78 6.51 -1.01
C ARG B 89 -17.21 6.93 -0.64
N LYS B 90 -18.18 6.17 -1.14
CA LYS B 90 -19.59 6.36 -0.82
C LYS B 90 -19.78 6.29 0.69
N THR B 91 -19.21 5.25 1.28
CA THR B 91 -19.30 5.00 2.71
C THR B 91 -18.69 6.11 3.56
N VAL B 92 -17.55 6.62 3.12
CA VAL B 92 -16.88 7.73 3.80
C VAL B 92 -17.76 8.98 3.70
N ARG B 93 -18.41 9.17 2.56
CA ARG B 93 -19.30 10.31 2.38
C ARG B 93 -20.53 10.21 3.31
N GLU B 94 -21.09 9.02 3.49
CA GLU B 94 -22.26 8.90 4.37
C GLU B 94 -22.02 9.38 5.80
N VAL B 95 -20.84 9.11 6.38
CA VAL B 95 -20.61 9.55 7.76
C VAL B 95 -20.19 11.02 7.83
N GLY B 96 -19.95 11.64 6.67
CA GLY B 96 -19.82 13.08 6.60
C GLY B 96 -18.46 13.67 6.21
N TYR B 97 -17.49 12.83 5.91
CA TYR B 97 -16.17 13.34 5.55
C TYR B 97 -16.14 13.69 4.07
N THR B 98 -16.64 14.88 3.76
CA THR B 98 -16.82 15.30 2.38
C THR B 98 -16.00 16.54 2.01
N ARG B 99 -15.35 17.12 3.01
CA ARG B 99 -14.50 18.30 2.81
C ARG B 99 -13.19 18.07 3.56
N ALA B 100 -12.10 18.58 2.99
CA ALA B 100 -10.76 18.41 3.56
C ALA B 100 -10.63 18.97 4.98
N LYS B 101 -11.36 20.06 5.25
CA LYS B 101 -11.31 20.76 6.53
C LYS B 101 -11.73 19.84 7.67
N TYR B 102 -12.56 18.85 7.36
CA TYR B 102 -13.00 17.89 8.37
C TYR B 102 -11.87 16.94 8.78
N GLY B 103 -10.80 16.92 7.99
CA GLY B 103 -9.62 16.11 8.27
C GLY B 103 -9.51 14.88 7.37
N PHE B 104 -10.61 14.56 6.70
CA PHE B 104 -10.66 13.44 5.77
C PHE B 104 -11.68 13.74 4.67
N ASP B 105 -11.41 13.29 3.45
CA ASP B 105 -12.26 13.63 2.31
C ASP B 105 -12.35 12.47 1.32
N ALA B 106 -13.58 12.04 1.03
CA ALA B 106 -13.84 10.88 0.18
C ALA B 106 -13.40 11.06 -1.27
N ASP B 107 -13.47 12.28 -1.79
CA ASP B 107 -13.10 12.54 -3.18
C ASP B 107 -11.57 12.46 -3.39
N THR B 108 -10.82 12.90 -2.38
CA THR B 108 -9.37 13.08 -2.52
C THR B 108 -8.48 12.07 -1.80
N CYS B 109 -9.07 11.23 -0.95
CA CYS B 109 -8.26 10.24 -0.23
C CYS B 109 -7.93 9.06 -1.13
N ALA B 110 -6.88 8.33 -0.77
CA ALA B 110 -6.49 7.14 -1.51
C ALA B 110 -7.29 5.93 -1.05
N VAL B 111 -7.67 5.07 -2.00
CA VAL B 111 -8.31 3.81 -1.65
C VAL B 111 -7.47 2.63 -2.12
N LEU B 112 -6.94 1.87 -1.16
CA LEU B 112 -6.06 0.74 -1.45
C LEU B 112 -6.77 -0.58 -1.16
N THR B 113 -6.57 -1.53 -2.06
CA THR B 113 -7.24 -2.82 -1.95
C THR B 113 -6.27 -3.98 -2.02
N ALA B 114 -6.35 -4.87 -1.04
CA ALA B 114 -5.58 -6.09 -1.05
C ALA B 114 -6.48 -7.25 -0.68
N ILE B 115 -7.48 -7.50 -1.50
CA ILE B 115 -8.49 -8.50 -1.22
C ILE B 115 -8.31 -9.75 -2.04
N ASP B 116 -8.28 -10.89 -1.37
CA ASP B 116 -8.26 -12.19 -2.03
C ASP B 116 -9.69 -12.52 -2.40
N GLU B 117 -10.09 -12.24 -3.65
CA GLU B 117 -11.45 -12.57 -4.03
C GLU B 117 -11.56 -13.74 -5.01
N GLN B 118 -12.34 -14.72 -4.55
CA GLN B 118 -12.49 -16.01 -5.19
C GLN B 118 -13.98 -16.27 -5.39
N SER B 119 -14.35 -16.69 -6.58
CA SER B 119 -15.68 -17.23 -6.76
C SER B 119 -15.65 -18.70 -6.34
N PRO B 120 -16.76 -19.20 -5.75
CA PRO B 120 -16.81 -20.50 -5.07
C PRO B 120 -16.57 -21.73 -5.92
N ASP B 121 -16.56 -21.54 -7.23
CA ASP B 121 -16.06 -22.57 -8.10
C ASP B 121 -14.56 -22.80 -7.85
N ILE B 122 -13.82 -21.71 -7.72
CA ILE B 122 -12.41 -21.72 -7.36
C ILE B 122 -12.53 -21.72 -5.82
N ALA B 123 -11.45 -21.91 -5.06
CA ALA B 123 -11.60 -22.19 -3.64
C ALA B 123 -12.45 -23.44 -3.50
N GLY B 124 -13.51 -23.33 -2.70
CA GLY B 124 -14.48 -24.39 -2.53
C GLY B 124 -15.73 -23.86 -1.84
N GLY B 125 -16.71 -24.75 -1.63
CA GLY B 125 -17.83 -24.44 -0.76
C GLY B 125 -17.44 -24.52 0.70
N VAL B 126 -18.29 -24.04 1.60
CA VAL B 126 -18.01 -24.15 3.03
C VAL B 126 -17.78 -25.62 3.34
N ASN B 127 -16.74 -25.90 4.11
CA ASN B 127 -16.32 -27.28 4.29
C ASN B 127 -17.11 -28.00 5.38
N LEU B 128 -16.90 -29.32 5.45
CA LEU B 128 -17.74 -30.17 6.28
C LEU B 128 -17.40 -30.07 7.74
N SER B 129 -18.43 -30.14 8.58
CA SER B 129 -18.26 -30.08 10.01
C SER B 129 -17.63 -31.36 10.56
N TYR B 130 -17.17 -31.30 11.80
CA TYR B 130 -16.58 -32.44 12.49
C TYR B 130 -17.59 -33.57 12.59
N GLU B 131 -18.84 -33.23 12.92
CA GLU B 131 -19.87 -34.24 13.10
C GLU B 131 -20.24 -34.92 11.79
N TRP B 132 -19.97 -34.26 10.66
CA TRP B 132 -20.11 -34.92 9.36
C TRP B 132 -18.85 -35.73 8.98
N ARG B 133 -17.67 -35.11 9.11
CA ARG B 133 -16.43 -35.74 8.67
C ARG B 133 -15.86 -36.83 9.60
N VAL B 134 -15.83 -36.56 10.90
CA VAL B 134 -15.17 -37.50 11.85
C VAL B 134 -16.23 -38.34 12.56
N LEU B 135 -17.22 -37.68 13.15
CA LEU B 135 -18.45 -38.37 13.44
C LEU B 135 -19.05 -38.46 12.06
N LYS B 136 -19.92 -39.42 11.81
CA LYS B 136 -20.56 -39.40 10.51
C LYS B 136 -22.07 -39.21 10.69
N SER B 137 -22.42 -37.93 10.82
CA SER B 137 -23.78 -37.44 11.00
C SER B 137 -24.41 -37.15 9.64
N THR B 138 -25.68 -37.53 9.50
CA THR B 138 -26.52 -37.23 8.33
C THR B 138 -27.37 -35.97 8.63
N ASP B 139 -27.37 -35.50 9.89
CA ASP B 139 -28.15 -34.30 10.26
C ASP B 139 -27.68 -33.09 9.46
N PRO B 140 -28.60 -32.50 8.68
CA PRO B 140 -28.32 -31.36 7.80
C PRO B 140 -27.99 -30.06 8.56
N LEU B 141 -28.51 -29.88 9.76
CA LEU B 141 -28.17 -28.69 10.55
C LEU B 141 -26.77 -28.80 11.18
N ASP B 142 -26.24 -30.03 11.19
CA ASP B 142 -24.88 -30.28 11.65
C ASP B 142 -23.87 -29.98 10.54
N ARG B 143 -24.36 -29.68 9.35
CA ARG B 143 -23.52 -29.66 8.14
C ARG B 143 -22.45 -28.57 8.15
N VAL B 144 -22.76 -27.39 8.69
CA VAL B 144 -21.76 -26.33 8.80
C VAL B 144 -21.17 -26.24 10.20
N GLY B 145 -19.85 -26.38 10.31
CA GLY B 145 -19.18 -26.27 11.59
C GLY B 145 -18.63 -24.86 11.81
N ALA B 146 -18.19 -24.59 13.04
CA ALA B 146 -17.55 -23.31 13.31
C ALA B 146 -16.25 -23.20 12.54
N GLY B 147 -16.08 -22.09 11.82
CA GLY B 147 -14.87 -21.84 11.07
C GLY B 147 -13.66 -21.64 11.97
N ASP B 148 -13.92 -21.19 13.19
CA ASP B 148 -12.87 -20.87 14.15
C ASP B 148 -13.31 -21.22 15.58
N GLN B 149 -12.36 -21.30 16.51
CA GLN B 149 -12.72 -21.46 17.91
C GLN B 149 -13.35 -20.14 18.34
N GLY B 150 -14.35 -20.20 19.21
CA GLY B 150 -15.02 -18.98 19.61
C GLY B 150 -15.69 -18.99 20.97
N LEU B 151 -15.80 -17.79 21.54
CA LEU B 151 -16.49 -17.60 22.81
C LEU B 151 -17.42 -16.37 22.70
N MET B 152 -18.69 -16.56 23.08
CA MET B 152 -19.74 -15.58 22.81
C MET B 152 -20.56 -15.32 24.07
N PHE B 153 -20.95 -14.06 24.25
CA PHE B 153 -21.81 -13.69 25.37
C PHE B 153 -23.01 -12.87 24.89
N GLY B 154 -24.18 -13.21 25.41
CA GLY B 154 -25.40 -12.49 25.09
C GLY B 154 -25.98 -12.01 26.39
N TYR B 155 -26.55 -10.82 26.39
CA TYR B 155 -27.04 -10.26 27.64
C TYR B 155 -28.38 -9.55 27.48
N ALA B 156 -29.20 -9.64 28.52
CA ALA B 156 -30.42 -8.86 28.58
C ALA B 156 -30.76 -8.53 30.02
N THR B 157 -31.37 -7.37 30.22
CA THR B 157 -31.75 -6.93 31.55
C THR B 157 -32.89 -5.94 31.41
N ASP B 158 -33.79 -5.91 32.37
CA ASP B 158 -35.00 -5.12 32.23
C ASP B 158 -34.87 -3.68 32.74
N GLU B 159 -33.63 -3.23 32.94
CA GLU B 159 -33.35 -1.84 33.31
C GLU B 159 -33.94 -0.84 32.33
N THR B 160 -34.04 -1.24 31.08
CA THR B 160 -34.51 -0.38 30.01
C THR B 160 -35.57 -1.09 29.16
N PRO B 161 -36.37 -0.33 28.40
CA PRO B 161 -37.36 -0.95 27.52
C PRO B 161 -36.73 -1.88 26.47
N GLU B 162 -35.54 -1.52 25.99
CA GLU B 162 -34.83 -2.32 24.98
C GLU B 162 -34.21 -3.59 25.56
N LEU B 163 -34.33 -3.75 26.88
CA LEU B 163 -33.75 -4.86 27.62
C LEU B 163 -32.24 -4.86 27.57
N MET B 164 -31.67 -3.65 27.70
CA MET B 164 -30.23 -3.44 27.67
C MET B 164 -29.72 -2.78 28.95
N PRO B 165 -28.41 -2.97 29.24
CA PRO B 165 -27.86 -2.19 30.36
C PRO B 165 -27.98 -0.71 30.06
N LEU B 166 -28.31 0.10 31.05
CA LEU B 166 -28.59 1.51 30.81
C LEU B 166 -27.39 2.34 30.35
N PRO B 167 -26.18 2.13 30.92
CA PRO B 167 -25.07 3.01 30.53
C PRO B 167 -24.74 2.99 29.02
N ILE B 168 -24.61 1.80 28.44
CA ILE B 168 -24.32 1.73 27.01
C ILE B 168 -25.49 2.28 26.20
N THR B 169 -26.71 2.11 26.71
CA THR B 169 -27.90 2.64 26.05
C THR B 169 -27.86 4.18 25.96
N LEU B 170 -27.54 4.81 27.08
CA LEU B 170 -27.47 6.27 27.13
C LEU B 170 -26.32 6.81 26.30
N ALA B 171 -25.17 6.12 26.37
CA ALA B 171 -24.04 6.54 25.58
C ALA B 171 -24.37 6.47 24.08
N HIS B 172 -24.98 5.36 23.68
CA HIS B 172 -25.37 5.19 22.28
C HIS B 172 -26.35 6.27 21.87
N ARG B 173 -27.34 6.57 22.72
CA ARG B 173 -28.31 7.62 22.39
C ARG B 173 -27.64 8.99 22.23
N LEU B 174 -26.64 9.23 23.07
CA LEU B 174 -25.89 10.48 23.00
C LEU B 174 -25.16 10.61 21.67
N THR B 175 -24.40 9.58 21.28
CA THR B 175 -23.65 9.68 20.03
C THR B 175 -24.56 9.67 18.80
N MET B 176 -25.64 8.89 18.87
CA MET B 176 -26.61 8.81 17.79
C MET B 176 -27.27 10.17 17.56
N ARG B 177 -27.68 10.81 18.65
CA ARG B 177 -28.29 12.13 18.57
C ARG B 177 -27.28 13.18 18.13
N LEU B 178 -26.03 13.03 18.60
CA LEU B 178 -24.96 13.94 18.22
C LEU B 178 -24.76 13.92 16.72
N ALA B 179 -24.86 12.73 16.14
CA ALA B 179 -24.82 12.59 14.68
C ALA B 179 -26.05 13.22 14.02
N GLU B 180 -27.24 12.96 14.58
CA GLU B 180 -28.45 13.44 13.92
C GLU B 180 -28.64 14.96 13.95
N VAL B 181 -28.23 15.63 15.01
CA VAL B 181 -28.31 17.10 15.03
C VAL B 181 -27.40 17.72 13.96
N ARG B 182 -26.27 17.08 13.69
CA ARG B 182 -25.38 17.49 12.62
C ARG B 182 -26.01 17.23 11.22
N LYS B 183 -26.53 16.02 11.03
CA LYS B 183 -27.07 15.61 9.73
C LYS B 183 -28.33 16.37 9.29
N THR B 184 -29.15 16.76 10.26
CA THR B 184 -30.41 17.46 9.97
C THR B 184 -30.14 18.94 9.74
N GLY B 185 -28.93 19.38 10.06
CA GLY B 185 -28.53 20.75 9.83
C GLY B 185 -28.82 21.67 11.00
N LEU B 186 -29.36 21.10 12.08
CA LEU B 186 -29.73 21.90 13.25
C LEU B 186 -28.52 22.59 13.85
N LEU B 187 -27.43 21.84 14.02
CA LEU B 187 -26.18 22.42 14.44
C LEU B 187 -25.12 22.16 13.38
N PRO B 188 -25.07 23.04 12.37
CA PRO B 188 -24.32 22.78 11.14
C PRO B 188 -22.82 22.99 11.30
N TYR B 189 -22.39 23.47 12.46
CA TYR B 189 -20.97 23.68 12.73
C TYR B 189 -20.30 22.40 13.18
N LEU B 190 -21.10 21.38 13.45
CA LEU B 190 -20.60 20.09 13.90
C LEU B 190 -19.92 19.32 12.78
N ARG B 191 -18.92 18.51 13.14
CA ARG B 191 -18.20 17.64 12.20
C ARG B 191 -18.37 16.17 12.64
N PRO B 192 -18.00 15.20 11.80
CA PRO B 192 -18.44 13.82 12.04
C PRO B 192 -17.94 13.15 13.33
N ASP B 193 -16.69 13.41 13.71
CA ASP B 193 -16.09 12.70 14.83
C ASP B 193 -16.73 13.09 16.15
N GLY B 194 -16.88 12.11 17.04
CA GLY B 194 -17.49 12.35 18.34
C GLY B 194 -17.44 11.18 19.30
N LYS B 195 -17.51 11.51 20.59
CA LYS B 195 -17.46 10.54 21.68
C LYS B 195 -18.44 10.94 22.75
N ALA B 196 -18.98 9.96 23.44
CA ALA B 196 -19.83 10.24 24.59
C ALA B 196 -19.59 9.23 25.69
N GLN B 197 -19.56 9.69 26.93
CA GLN B 197 -19.34 8.83 28.08
C GLN B 197 -20.39 9.13 29.15
N VAL B 198 -20.87 8.07 29.78
CA VAL B 198 -21.86 8.19 30.85
C VAL B 198 -21.47 7.40 32.08
N THR B 199 -21.46 8.10 33.21
CA THR B 199 -21.29 7.44 34.49
C THR B 199 -22.59 7.54 35.28
N VAL B 200 -23.12 6.36 35.59
CA VAL B 200 -24.42 6.21 36.22
C VAL B 200 -24.24 5.72 37.66
N VAL B 201 -25.07 6.23 38.55
CA VAL B 201 -25.05 5.79 39.94
C VAL B 201 -26.05 4.66 40.08
N TYR B 202 -25.58 3.53 40.58
CA TYR B 202 -26.42 2.36 40.80
C TYR B 202 -26.57 2.15 42.29
N GLU B 203 -27.81 2.04 42.76
CA GLU B 203 -28.01 1.56 44.11
C GLU B 203 -28.41 0.08 44.04
N GLY B 204 -27.40 -0.77 44.15
CA GLY B 204 -27.47 -2.19 43.81
C GLY B 204 -27.67 -2.45 42.33
N ASP B 205 -28.81 -3.00 41.97
CA ASP B 205 -29.14 -3.24 40.57
C ASP B 205 -29.95 -2.10 39.93
N LYS B 206 -30.53 -1.21 40.74
CA LYS B 206 -31.34 -0.12 40.20
C LYS B 206 -30.47 1.09 39.89
N PRO B 207 -30.45 1.52 38.61
CA PRO B 207 -29.81 2.79 38.28
C PRO B 207 -30.64 3.95 38.84
N LEU B 208 -30.00 4.97 39.39
CA LEU B 208 -30.73 6.11 39.94
C LEU B 208 -30.64 7.35 39.05
N TYR B 209 -29.43 7.82 38.83
CA TYR B 209 -29.23 9.03 38.04
C TYR B 209 -27.86 9.03 37.40
N VAL B 210 -27.65 9.94 36.44
CA VAL B 210 -26.37 10.08 35.79
C VAL B 210 -25.48 11.06 36.56
N LYS B 211 -24.36 10.57 37.08
CA LYS B 211 -23.41 11.45 37.76
C LYS B 211 -22.66 12.34 36.77
N THR B 212 -22.15 11.75 35.70
CA THR B 212 -21.34 12.49 34.74
C THR B 212 -21.71 12.15 33.29
N VAL B 213 -21.84 13.19 32.48
CA VAL B 213 -21.97 13.05 31.03
C VAL B 213 -20.81 13.78 30.38
N VAL B 214 -20.12 13.09 29.48
CA VAL B 214 -19.07 13.76 28.72
C VAL B 214 -19.37 13.65 27.24
N VAL B 215 -19.47 14.79 26.57
CA VAL B 215 -19.62 14.77 25.12
C VAL B 215 -18.43 15.48 24.48
N SER B 216 -17.73 14.76 23.61
CA SER B 216 -16.67 15.36 22.83
C SER B 216 -17.11 15.40 21.37
N ALA B 217 -17.30 16.59 20.83
CA ALA B 217 -17.79 16.72 19.47
C ALA B 217 -16.83 17.50 18.58
N GLN B 218 -16.58 16.96 17.39
CA GLN B 218 -15.78 17.67 16.41
C GLN B 218 -16.62 18.80 15.85
N HIS B 219 -16.03 19.98 15.71
CA HIS B 219 -16.76 21.15 15.25
C HIS B 219 -15.81 22.09 14.53
N SER B 220 -16.39 22.99 13.74
CA SER B 220 -15.68 24.08 13.05
C SER B 220 -15.24 25.14 14.07
N PRO B 221 -14.18 25.90 13.78
CA PRO B 221 -13.72 26.94 14.71
C PRO B 221 -14.65 28.17 14.80
N GLU B 222 -15.69 28.20 13.96
CA GLU B 222 -16.68 29.28 13.96
C GLU B 222 -17.45 29.37 15.26
N VAL B 223 -17.60 28.25 15.93
CA VAL B 223 -18.38 28.19 17.16
C VAL B 223 -17.42 28.34 18.33
N GLU B 224 -17.90 28.96 19.42
CA GLU B 224 -17.10 29.07 20.63
C GLU B 224 -17.68 28.14 21.69
N GLN B 225 -16.96 27.93 22.78
CA GLN B 225 -17.21 26.78 23.63
C GLN B 225 -18.53 26.89 24.35
N GLU B 226 -19.08 28.08 24.45
CA GLU B 226 -20.25 28.25 25.28
C GLU B 226 -21.53 28.10 24.52
N GLN B 227 -21.50 28.39 23.23
CA GLN B 227 -22.64 28.05 22.40
C GLN B 227 -22.52 26.55 22.14
N LEU B 228 -21.30 26.04 22.09
CA LEU B 228 -21.12 24.61 21.90
C LEU B 228 -21.69 23.85 23.09
N ARG B 229 -21.36 24.30 24.29
CA ARG B 229 -21.80 23.63 25.50
C ARG B 229 -23.30 23.77 25.67
N GLU B 230 -23.81 24.99 25.55
CA GLU B 230 -25.25 25.16 25.73
C GLU B 230 -26.04 24.37 24.69
N ASP B 231 -25.63 24.45 23.42
CA ASP B 231 -26.33 23.73 22.36
C ASP B 231 -26.27 22.22 22.52
N LEU B 232 -25.10 21.68 22.88
CA LEU B 232 -25.01 20.22 23.04
C LEU B 232 -25.78 19.74 24.27
N ILE B 233 -25.75 20.52 25.35
CA ILE B 233 -26.53 20.12 26.53
C ILE B 233 -28.03 20.18 26.25
N ARG B 234 -28.50 21.21 25.57
CA ARG B 234 -29.94 21.36 25.35
C ARG B 234 -30.48 20.49 24.21
N GLU B 235 -29.73 20.38 23.12
CA GLU B 235 -30.21 19.69 21.94
C GLU B 235 -29.76 18.23 21.82
N VAL B 236 -28.71 17.85 22.56
CA VAL B 236 -28.24 16.48 22.49
C VAL B 236 -28.45 15.76 23.81
N VAL B 237 -27.84 16.24 24.89
CA VAL B 237 -27.88 15.54 26.18
C VAL B 237 -29.28 15.38 26.79
N ARG B 238 -30.04 16.47 26.86
CA ARG B 238 -31.37 16.43 27.50
C ARG B 238 -32.39 15.66 26.66
N GLN B 239 -32.20 15.65 25.35
CA GLN B 239 -33.03 14.84 24.47
C GLN B 239 -32.64 13.36 24.58
N ALA B 240 -31.34 13.08 24.56
CA ALA B 240 -30.87 11.69 24.53
C ALA B 240 -31.00 10.97 25.86
N ILE B 241 -30.90 11.71 26.95
CA ILE B 241 -31.02 11.09 28.26
C ILE B 241 -32.35 11.42 28.88
N PRO B 242 -33.07 10.37 29.34
CA PRO B 242 -34.37 10.56 29.95
C PRO B 242 -34.21 11.52 31.11
N PRO B 243 -35.26 12.32 31.36
CA PRO B 243 -35.43 13.45 32.28
C PRO B 243 -35.21 13.01 33.74
N GLU B 244 -35.72 11.84 34.12
CA GLU B 244 -35.54 11.33 35.47
C GLU B 244 -34.07 11.15 35.88
N TYR B 245 -33.23 10.77 34.93
CA TYR B 245 -31.85 10.51 35.28
C TYR B 245 -30.96 11.77 35.28
N LEU B 246 -31.47 12.89 34.78
CA LEU B 246 -30.67 14.11 34.80
C LEU B 246 -31.07 15.03 35.96
N LYS B 247 -30.14 15.33 36.86
CA LYS B 247 -30.47 16.14 38.01
C LYS B 247 -29.54 17.36 38.12
N ASP B 248 -30.11 18.56 37.97
CA ASP B 248 -29.32 19.80 37.97
C ASP B 248 -28.67 20.06 39.32
N GLY B 249 -27.38 20.33 39.27
CA GLY B 249 -26.61 20.64 40.47
C GLY B 249 -25.90 19.40 41.00
N GLU B 250 -26.33 18.23 40.54
CA GLU B 250 -25.72 16.96 40.94
C GLU B 250 -25.10 16.24 39.76
N THR B 251 -25.72 16.39 38.60
CA THR B 251 -25.23 15.76 37.38
C THR B 251 -24.20 16.70 36.78
N GLU B 252 -23.02 16.19 36.46
CA GLU B 252 -21.99 17.06 35.94
C GLU B 252 -21.91 16.90 34.42
N TYR B 253 -21.95 18.02 33.69
CA TYR B 253 -21.89 17.99 32.24
C TYR B 253 -20.53 18.46 31.76
N LEU B 254 -19.78 17.59 31.10
CA LEU B 254 -18.51 17.99 30.52
C LEU B 254 -18.63 18.00 28.99
N ILE B 255 -18.45 19.18 28.40
CA ILE B 255 -18.54 19.31 26.95
C ILE B 255 -17.18 19.68 26.38
N ASN B 256 -16.61 18.76 25.62
CA ASN B 256 -15.25 18.90 25.07
C ASN B 256 -14.24 19.34 26.11
N PRO B 257 -14.10 18.57 27.21
CA PRO B 257 -13.25 18.97 28.34
C PRO B 257 -11.76 19.00 28.00
N SER B 258 -11.40 18.55 26.80
CA SER B 258 -10.01 18.38 26.41
C SER B 258 -9.49 19.52 25.55
N GLY B 259 -10.15 20.67 25.60
CA GLY B 259 -9.80 21.76 24.71
C GLY B 259 -10.60 21.63 23.43
N ARG B 260 -10.15 22.22 22.34
CA ARG B 260 -10.99 22.18 21.15
C ARG B 260 -10.69 21.00 20.21
N PHE B 261 -11.70 20.68 19.41
CA PHE B 261 -11.79 19.47 18.63
C PHE B 261 -12.15 19.85 17.19
N ILE B 262 -11.23 20.52 16.53
CA ILE B 262 -11.44 20.95 15.14
C ILE B 262 -11.15 19.82 14.16
N LEU B 263 -10.04 19.13 14.40
CA LEU B 263 -9.62 18.02 13.54
C LEU B 263 -9.88 16.69 14.20
N GLY B 264 -10.50 15.80 13.44
CA GLY B 264 -10.93 14.51 13.96
C GLY B 264 -10.89 13.52 12.83
N GLY B 265 -11.27 12.29 13.14
CA GLY B 265 -11.28 11.24 12.14
C GLY B 265 -9.89 10.73 11.81
N PRO B 266 -9.77 10.14 10.62
CA PRO B 266 -8.60 9.39 10.15
C PRO B 266 -7.28 10.17 10.22
N HIS B 267 -7.32 11.50 10.10
CA HIS B 267 -6.10 12.32 10.11
C HIS B 267 -5.49 12.35 11.48
N ALA B 268 -6.37 12.39 12.46
CA ALA B 268 -5.92 12.41 13.83
C ALA B 268 -5.40 11.05 14.26
N ASP B 269 -6.17 10.01 13.96
CA ASP B 269 -5.87 8.68 14.48
C ASP B 269 -6.10 7.62 13.44
N THR B 270 -5.44 6.49 13.64
CA THR B 270 -5.63 5.36 12.76
C THR B 270 -6.81 4.56 13.25
N GLY B 271 -7.69 4.18 12.31
CA GLY B 271 -8.89 3.44 12.64
C GLY B 271 -8.87 2.07 12.03
N LEU B 272 -9.30 1.08 12.81
CA LEU B 272 -9.35 -0.31 12.38
C LEU B 272 -10.68 -0.97 12.64
N THR B 273 -11.00 -1.95 11.81
CA THR B 273 -12.16 -2.80 11.98
C THR B 273 -11.99 -3.62 13.26
N GLY B 274 -13.05 -3.68 14.07
CA GLY B 274 -13.06 -4.50 15.28
C GLY B 274 -12.27 -4.02 16.48
N ARG B 275 -12.17 -2.71 16.64
CA ARG B 275 -11.48 -2.12 17.80
C ARG B 275 -12.47 -1.37 18.70
N LYS B 276 -13.75 -1.65 18.52
CA LYS B 276 -14.81 -1.06 19.33
C LYS B 276 -15.82 -2.13 19.74
N ILE B 277 -15.33 -3.33 20.03
CA ILE B 277 -16.20 -4.47 20.27
C ILE B 277 -17.07 -4.33 21.52
N ILE B 278 -16.57 -3.61 22.52
CA ILE B 278 -17.36 -3.34 23.72
C ILE B 278 -18.44 -2.28 23.48
N VAL B 279 -18.12 -1.26 22.71
CA VAL B 279 -19.11 -0.27 22.27
C VAL B 279 -20.19 -0.97 21.45
N ASP B 280 -19.75 -1.95 20.66
CA ASP B 280 -20.64 -2.70 19.79
C ASP B 280 -21.65 -3.53 20.55
N THR B 281 -21.25 -3.97 21.73
CA THR B 281 -22.02 -4.94 22.50
C THR B 281 -22.71 -4.32 23.72
N TYR B 282 -22.18 -4.60 24.91
CA TYR B 282 -22.89 -4.22 26.14
C TYR B 282 -22.18 -3.15 26.97
N GLY B 283 -21.11 -2.58 26.44
CA GLY B 283 -20.47 -1.44 27.08
C GLY B 283 -19.82 -1.72 28.43
N GLY B 284 -19.43 -2.96 28.65
CA GLY B 284 -18.71 -3.34 29.86
C GLY B 284 -19.54 -3.92 30.98
N ALA B 285 -20.84 -4.09 30.75
CA ALA B 285 -21.72 -4.70 31.74
C ALA B 285 -21.41 -6.17 31.99
N VAL B 286 -20.98 -6.86 30.93
CA VAL B 286 -20.78 -8.31 30.99
C VAL B 286 -19.48 -8.73 30.29
N PRO B 287 -19.08 -10.00 30.44
CA PRO B 287 -17.87 -10.45 29.74
C PRO B 287 -18.01 -10.40 28.24
N HIS B 288 -16.89 -10.46 27.53
CA HIS B 288 -16.89 -10.47 26.08
C HIS B 288 -15.94 -11.58 25.63
N GLY B 289 -16.21 -12.17 24.47
CA GLY B 289 -15.41 -13.27 23.97
C GLY B 289 -14.23 -12.90 23.07
N GLY B 290 -14.19 -11.65 22.65
CA GLY B 290 -13.05 -11.13 21.91
C GLY B 290 -13.27 -10.98 20.42
N GLY B 291 -14.33 -11.57 19.90
CA GLY B 291 -14.60 -11.53 18.48
C GLY B 291 -15.16 -10.18 18.03
N ALA B 292 -14.82 -9.80 16.80
CA ALA B 292 -15.34 -8.60 16.19
C ALA B 292 -16.48 -8.95 15.24
N PHE B 293 -17.40 -8.01 15.03
CA PHE B 293 -18.55 -8.26 14.17
C PHE B 293 -18.36 -7.88 12.70
N SER B 294 -17.95 -6.64 12.45
CA SER B 294 -18.06 -6.06 11.11
C SER B 294 -17.12 -6.68 10.07
N GLY B 295 -17.60 -6.73 8.84
CA GLY B 295 -16.83 -7.30 7.74
C GLY B 295 -16.95 -8.80 7.63
N LYS B 296 -17.75 -9.40 8.50
CA LYS B 296 -17.89 -10.86 8.55
C LYS B 296 -19.29 -11.31 8.16
N ASP B 297 -19.36 -12.25 7.23
CA ASP B 297 -20.64 -12.84 6.81
C ASP B 297 -21.15 -13.78 7.91
N PRO B 298 -22.44 -14.14 7.87
CA PRO B 298 -23.05 -14.93 8.96
C PRO B 298 -22.45 -16.30 9.24
N THR B 299 -21.63 -16.86 8.35
CA THR B 299 -21.03 -18.16 8.64
C THR B 299 -19.92 -18.04 9.67
N LYS B 300 -19.53 -16.81 9.98
CA LYS B 300 -18.57 -16.60 11.05
C LYS B 300 -19.34 -16.56 12.34
N VAL B 301 -19.11 -17.56 13.20
CA VAL B 301 -19.86 -17.69 14.45
C VAL B 301 -19.61 -16.51 15.39
N ASP B 302 -18.48 -15.83 15.20
CA ASP B 302 -18.15 -14.67 16.02
C ASP B 302 -19.28 -13.66 15.99
N ARG B 303 -19.90 -13.50 14.82
CA ARG B 303 -21.02 -12.60 14.67
C ARG B 303 -22.37 -13.27 14.97
N SER B 304 -22.68 -14.33 14.22
CA SER B 304 -24.00 -14.95 14.28
C SER B 304 -24.33 -15.57 15.63
N ALA B 305 -23.35 -16.22 16.26
CA ALA B 305 -23.57 -16.80 17.59
C ALA B 305 -23.72 -15.74 18.67
N SER B 306 -23.05 -14.60 18.52
CA SER B 306 -23.22 -13.51 19.47
C SER B 306 -24.62 -12.92 19.31
N TYR B 307 -25.04 -12.77 18.06
CA TYR B 307 -26.38 -12.29 17.77
C TYR B 307 -27.41 -13.24 18.36
N TYR B 308 -27.18 -14.53 18.16
CA TYR B 308 -28.08 -15.54 18.69
C TYR B 308 -28.08 -15.52 20.20
N ALA B 309 -26.94 -15.24 20.82
CA ALA B 309 -26.84 -15.16 22.27
C ALA B 309 -27.66 -14.00 22.81
N ARG B 310 -27.58 -12.87 22.13
CA ARG B 310 -28.40 -11.70 22.50
C ARG B 310 -29.88 -12.06 22.34
N TYR B 311 -30.18 -12.79 21.28
CA TYR B 311 -31.52 -13.26 20.99
C TYR B 311 -32.07 -14.14 22.11
N MET B 312 -31.27 -15.12 22.53
CA MET B 312 -31.67 -16.02 23.61
C MET B 312 -31.88 -15.25 24.90
N ALA B 313 -30.92 -14.41 25.26
CA ALA B 313 -31.02 -13.68 26.51
C ALA B 313 -32.24 -12.76 26.53
N LYS B 314 -32.46 -12.06 25.43
CA LYS B 314 -33.57 -11.11 25.34
C LYS B 314 -34.91 -11.84 25.38
N ASN B 315 -34.99 -13.00 24.72
CA ASN B 315 -36.21 -13.77 24.80
C ASN B 315 -36.48 -14.28 26.22
N ILE B 316 -35.42 -14.74 26.87
CA ILE B 316 -35.55 -15.23 28.24
C ILE B 316 -36.04 -14.14 29.20
N VAL B 317 -35.46 -12.96 29.13
CA VAL B 317 -35.88 -11.87 30.01
C VAL B 317 -37.29 -11.37 29.65
N ALA B 318 -37.56 -11.21 28.37
CA ALA B 318 -38.87 -10.71 27.94
C ALA B 318 -40.00 -11.67 28.30
N ALA B 319 -39.67 -12.95 28.42
CA ALA B 319 -40.68 -13.95 28.76
C ALA B 319 -40.94 -14.00 30.27
N GLY B 320 -40.18 -13.24 31.04
CA GLY B 320 -40.39 -13.17 32.48
C GLY B 320 -39.72 -14.27 33.27
N LEU B 321 -38.88 -15.06 32.62
CA LEU B 321 -38.10 -16.09 33.31
C LEU B 321 -36.94 -15.49 34.12
N ALA B 322 -36.57 -14.25 33.81
CA ALA B 322 -35.52 -13.57 34.55
C ALA B 322 -35.60 -12.06 34.41
N ARG B 323 -34.96 -11.36 35.34
CA ARG B 323 -34.76 -9.92 35.27
C ARG B 323 -33.43 -9.59 34.55
N ARG B 324 -32.40 -10.39 34.81
CA ARG B 324 -31.11 -10.29 34.11
C ARG B 324 -30.71 -11.67 33.62
N ALA B 325 -30.31 -11.79 32.35
CA ALA B 325 -29.85 -13.07 31.83
C ALA B 325 -28.62 -12.92 30.93
N LEU B 326 -27.63 -13.76 31.20
CA LEU B 326 -26.40 -13.84 30.44
C LEU B 326 -26.30 -15.22 29.83
N VAL B 327 -26.17 -15.29 28.52
CA VAL B 327 -26.10 -16.56 27.83
C VAL B 327 -24.69 -16.72 27.27
N GLU B 328 -24.02 -17.81 27.61
CA GLU B 328 -22.67 -18.00 27.10
C GLU B 328 -22.68 -19.15 26.09
N LEU B 329 -22.09 -18.90 24.93
CA LEU B 329 -21.92 -19.92 23.91
C LEU B 329 -20.44 -20.11 23.62
N ALA B 330 -20.00 -21.34 23.39
CA ALA B 330 -18.64 -21.51 22.91
C ALA B 330 -18.57 -22.59 21.84
N TYR B 331 -17.73 -22.36 20.84
CA TYR B 331 -17.65 -23.27 19.71
C TYR B 331 -16.24 -23.78 19.52
N ALA B 332 -16.11 -25.08 19.25
CA ALA B 332 -14.84 -25.66 18.91
C ALA B 332 -14.70 -25.62 17.40
N ILE B 333 -13.50 -25.39 16.93
CA ILE B 333 -13.26 -25.18 15.51
C ILE B 333 -13.62 -26.43 14.71
N GLY B 334 -14.40 -26.23 13.65
CA GLY B 334 -14.86 -27.32 12.81
C GLY B 334 -16.11 -28.01 13.32
N LYS B 335 -16.64 -27.56 14.45
CA LYS B 335 -17.80 -28.23 15.06
C LYS B 335 -19.07 -27.37 15.03
N ALA B 336 -20.16 -27.98 14.57
CA ALA B 336 -21.45 -27.33 14.52
C ALA B 336 -22.04 -27.10 15.90
N ARG B 337 -21.87 -28.08 16.77
CA ARG B 337 -22.49 -28.04 18.09
C ARG B 337 -21.57 -27.39 19.12
N PRO B 338 -22.13 -26.50 19.95
CA PRO B 338 -21.39 -25.76 20.96
C PRO B 338 -20.73 -26.65 22.00
N VAL B 339 -19.49 -26.37 22.37
CA VAL B 339 -18.84 -27.08 23.45
C VAL B 339 -19.44 -26.69 24.80
N SER B 340 -19.82 -25.43 24.96
CA SER B 340 -20.58 -25.03 26.13
C SER B 340 -21.75 -24.13 25.76
N LEU B 341 -22.84 -24.32 26.50
CA LEU B 341 -23.98 -23.42 26.54
C LEU B 341 -24.36 -23.22 28.00
N ARG B 342 -24.45 -21.97 28.43
CA ARG B 342 -24.74 -21.69 29.83
C ARG B 342 -25.74 -20.54 29.94
N VAL B 343 -26.61 -20.59 30.93
CA VAL B 343 -27.52 -19.47 31.21
C VAL B 343 -27.29 -19.02 32.64
N GLU B 344 -27.08 -17.71 32.81
CA GLU B 344 -26.80 -17.12 34.11
C GLU B 344 -27.83 -16.06 34.46
N THR B 345 -28.49 -16.25 35.59
CA THR B 345 -29.35 -15.22 36.14
C THR B 345 -28.79 -14.90 37.51
N PHE B 346 -28.43 -13.65 37.72
CA PHE B 346 -27.67 -13.30 38.90
C PHE B 346 -28.62 -13.20 40.09
N GLY B 347 -29.23 -14.33 40.43
CA GLY B 347 -30.27 -14.39 41.44
C GLY B 347 -31.62 -13.88 40.97
N THR B 348 -31.77 -13.69 39.67
CA THR B 348 -33.00 -13.10 39.12
C THR B 348 -33.93 -14.14 38.48
N GLY B 349 -33.46 -15.37 38.36
CA GLY B 349 -34.22 -16.39 37.65
C GLY B 349 -35.42 -16.89 38.41
N VAL B 350 -36.51 -17.13 37.68
CA VAL B 350 -37.70 -17.76 38.25
C VAL B 350 -37.39 -19.20 38.64
N LEU B 351 -36.55 -19.84 37.84
CA LEU B 351 -36.19 -21.22 38.05
C LEU B 351 -34.69 -21.30 38.30
N PRO B 352 -34.18 -22.45 38.77
CA PRO B 352 -32.72 -22.56 38.88
C PRO B 352 -32.06 -22.44 37.50
N ASP B 353 -30.83 -21.92 37.47
CA ASP B 353 -30.13 -21.56 36.24
C ASP B 353 -29.86 -22.72 35.33
N GLU B 354 -29.60 -23.87 35.93
CA GLU B 354 -29.37 -25.13 35.21
C GLU B 354 -30.61 -25.56 34.43
N LYS B 355 -31.76 -25.47 35.08
CA LYS B 355 -33.04 -25.79 34.48
C LYS B 355 -33.34 -24.80 33.34
N LEU B 356 -33.04 -23.52 33.59
CA LEU B 356 -33.17 -22.47 32.58
C LEU B 356 -32.27 -22.77 31.38
N THR B 357 -31.09 -23.31 31.67
CA THR B 357 -30.14 -23.72 30.66
C THR B 357 -30.69 -24.81 29.77
N GLU B 358 -31.26 -25.85 30.37
CA GLU B 358 -31.81 -26.94 29.58
C GLU B 358 -33.06 -26.52 28.80
N ILE B 359 -33.88 -25.67 29.43
CA ILE B 359 -35.02 -25.04 28.77
C ILE B 359 -34.55 -24.34 27.52
N ALA B 360 -33.45 -23.60 27.67
CA ALA B 360 -32.86 -22.86 26.55
C ALA B 360 -32.37 -23.83 25.46
N LYS B 361 -31.74 -24.92 25.89
CA LYS B 361 -31.22 -25.92 24.96
C LYS B 361 -32.32 -26.52 24.12
N LYS B 362 -33.51 -26.70 24.69
CA LYS B 362 -34.60 -27.25 23.89
C LYS B 362 -35.34 -26.20 23.07
N VAL B 363 -35.47 -24.98 23.60
CA VAL B 363 -36.12 -23.92 22.84
C VAL B 363 -35.27 -23.39 21.68
N PHE B 364 -33.95 -23.30 21.89
CA PHE B 364 -33.08 -22.68 20.89
C PHE B 364 -32.14 -23.69 20.21
N ASP B 365 -31.69 -23.35 19.00
CA ASP B 365 -30.74 -24.17 18.26
C ASP B 365 -29.53 -23.35 17.85
N PRO B 366 -28.43 -23.46 18.61
CA PRO B 366 -27.26 -22.60 18.43
C PRO B 366 -26.27 -23.10 17.38
N ARG B 367 -26.67 -24.07 16.57
CA ARG B 367 -25.86 -24.50 15.43
C ARG B 367 -25.84 -23.43 14.35
N PRO B 368 -24.70 -23.27 13.65
CA PRO B 368 -24.51 -22.13 12.72
C PRO B 368 -25.57 -22.01 11.63
N LEU B 369 -25.84 -23.10 10.92
CA LEU B 369 -26.87 -23.07 9.88
C LEU B 369 -28.26 -22.78 10.46
N ALA B 370 -28.52 -23.36 11.63
CA ALA B 370 -29.79 -23.15 12.34
C ALA B 370 -29.94 -21.68 12.73
N ILE B 371 -28.86 -21.07 13.20
CA ILE B 371 -28.88 -19.66 13.55
C ILE B 371 -29.20 -18.82 12.30
N ILE B 372 -28.47 -19.10 11.22
CA ILE B 372 -28.66 -18.37 9.97
C ILE B 372 -30.09 -18.48 9.45
N GLU B 373 -30.67 -19.67 9.51
CA GLU B 373 -32.05 -19.85 9.03
C GLU B 373 -33.08 -19.22 9.98
N GLU B 374 -32.88 -19.38 11.28
CA GLU B 374 -33.82 -18.85 12.28
C GLU B 374 -33.86 -17.33 12.35
N LEU B 375 -32.73 -16.67 12.08
CA LEU B 375 -32.70 -15.22 12.12
C LEU B 375 -32.71 -14.60 10.73
N ASP B 376 -32.70 -15.45 9.70
CA ASP B 376 -32.70 -14.97 8.31
C ASP B 376 -31.54 -14.01 8.07
N LEU B 377 -30.33 -14.48 8.35
CA LEU B 377 -29.15 -13.63 8.30
C LEU B 377 -28.59 -13.33 6.90
N LEU B 378 -28.98 -14.08 5.88
CA LEU B 378 -28.41 -13.88 4.55
C LEU B 378 -29.10 -12.76 3.75
N ARG B 379 -29.05 -11.55 4.31
CA ARG B 379 -29.62 -10.36 3.69
C ARG B 379 -28.68 -9.17 3.95
N PRO B 380 -28.72 -8.14 3.08
CA PRO B 380 -27.82 -7.00 3.28
C PRO B 380 -28.29 -6.07 4.40
N ILE B 381 -28.19 -6.52 5.64
CA ILE B 381 -28.73 -5.81 6.79
C ILE B 381 -27.70 -5.29 7.79
N TYR B 382 -26.43 -5.35 7.46
CA TYR B 382 -25.38 -5.18 8.47
C TYR B 382 -24.75 -3.79 8.59
N THR B 383 -24.88 -2.96 7.57
CA THR B 383 -24.32 -1.61 7.64
C THR B 383 -24.86 -0.79 8.82
N PRO B 384 -26.18 -0.85 9.08
CA PRO B 384 -26.66 -0.04 10.23
C PRO B 384 -26.14 -0.51 11.60
N THR B 385 -25.63 -1.74 11.70
CA THR B 385 -25.04 -2.22 12.95
C THR B 385 -23.68 -1.59 13.20
N SER B 386 -23.07 -1.03 12.14
CA SER B 386 -21.68 -0.56 12.21
C SER B 386 -21.44 0.53 13.24
N ALA B 387 -22.50 1.23 13.65
CA ALA B 387 -22.36 2.23 14.71
C ALA B 387 -23.57 2.23 15.63
N TYR B 388 -23.37 2.70 16.85
CA TYR B 388 -24.42 2.94 17.83
C TYR B 388 -24.92 1.63 18.44
N GLY B 389 -24.14 0.56 18.23
CA GLY B 389 -24.43 -0.70 18.90
C GLY B 389 -25.19 -1.69 18.07
N HIS B 390 -24.82 -2.97 18.18
CA HIS B 390 -25.53 -4.05 17.50
C HIS B 390 -26.80 -4.48 18.24
N PHE B 391 -26.91 -4.13 19.51
CA PHE B 391 -28.03 -4.59 20.31
C PHE B 391 -28.84 -3.43 20.90
N GLY B 392 -30.11 -3.69 21.19
CA GLY B 392 -30.97 -2.69 21.82
C GLY B 392 -31.72 -1.83 20.83
N ARG B 393 -31.66 -2.22 19.55
CA ARG B 393 -32.29 -1.42 18.51
C ARG B 393 -33.35 -2.22 17.77
N PRO B 394 -34.48 -1.56 17.45
CA PRO B 394 -35.59 -2.23 16.79
C PRO B 394 -35.29 -2.53 15.32
N GLY B 395 -35.94 -3.54 14.76
CA GLY B 395 -35.79 -3.87 13.36
C GLY B 395 -34.68 -4.86 13.06
N PHE B 396 -34.02 -5.36 14.09
CA PHE B 396 -33.02 -6.42 13.89
C PHE B 396 -33.60 -7.76 14.33
N PRO B 397 -33.30 -8.82 13.56
CA PRO B 397 -33.86 -10.15 13.78
C PRO B 397 -33.60 -10.67 15.19
N TRP B 398 -32.41 -10.37 15.70
CA TRP B 398 -32.01 -10.91 17.00
C TRP B 398 -32.56 -10.06 18.14
N GLU B 399 -33.30 -9.01 17.79
CA GLU B 399 -33.99 -8.17 18.78
C GLU B 399 -35.48 -8.46 18.89
N GLU B 400 -35.94 -9.44 18.13
CA GLU B 400 -37.34 -9.86 18.16
C GLU B 400 -37.55 -10.89 19.25
N THR B 401 -38.51 -10.64 20.13
CA THR B 401 -38.82 -11.54 21.23
C THR B 401 -40.02 -12.43 20.89
N ASP B 402 -39.85 -13.26 19.87
CA ASP B 402 -40.93 -14.08 19.35
C ASP B 402 -40.88 -15.52 19.88
N ARG B 403 -39.96 -15.77 20.81
CA ARG B 403 -39.86 -17.10 21.41
C ARG B 403 -40.31 -17.07 22.87
N VAL B 404 -40.98 -15.97 23.24
CA VAL B 404 -41.45 -15.78 24.61
C VAL B 404 -42.39 -16.88 25.10
N GLU B 405 -43.41 -17.20 24.29
CA GLU B 405 -44.45 -18.12 24.73
C GLU B 405 -43.99 -19.58 24.69
N ALA B 406 -43.07 -19.89 23.78
CA ALA B 406 -42.43 -21.21 23.77
C ALA B 406 -41.67 -21.44 25.07
N LEU B 407 -40.94 -20.39 25.48
CA LEU B 407 -40.16 -20.43 26.71
C LEU B 407 -41.07 -20.54 27.93
N ARG B 408 -42.15 -19.76 27.92
CA ARG B 408 -43.09 -19.77 29.02
C ARG B 408 -43.78 -21.13 29.19
N ARG B 409 -44.12 -21.77 28.07
CA ARG B 409 -44.71 -23.10 28.14
C ARG B 409 -43.71 -24.14 28.60
N GLU B 410 -42.48 -24.04 28.12
CA GLU B 410 -41.46 -24.99 28.56
C GLU B 410 -41.18 -24.85 30.05
N ALA B 411 -41.17 -23.63 30.56
CA ALA B 411 -40.96 -23.38 31.98
C ALA B 411 -42.17 -23.73 32.84
N GLY B 412 -43.36 -23.35 32.37
CA GLY B 412 -44.58 -23.56 33.13
C GLY B 412 -45.10 -22.28 33.75
N MET C 19 19.78 19.85 -47.21
CA MET C 19 20.38 20.96 -46.47
C MET C 19 19.56 22.24 -46.59
N ARG C 20 18.92 22.45 -47.74
CA ARG C 20 18.11 23.65 -47.94
C ARG C 20 16.58 23.49 -47.72
N ALA C 21 16.09 22.28 -47.54
CA ALA C 21 14.64 22.05 -47.50
C ALA C 21 13.99 22.50 -46.19
N LEU C 22 12.68 22.71 -46.22
CA LEU C 22 11.97 23.24 -45.06
C LEU C 22 11.25 22.11 -44.34
N ARG C 23 11.54 21.97 -43.05
CA ARG C 23 10.96 20.91 -42.23
C ARG C 23 10.39 21.44 -40.92
N LEU C 24 9.36 20.77 -40.41
CA LEU C 24 8.80 21.14 -39.12
C LEU C 24 9.36 20.20 -38.07
N VAL C 25 9.95 20.78 -37.03
CA VAL C 25 10.55 20.00 -35.96
C VAL C 25 9.85 20.33 -34.64
N THR C 26 9.29 19.32 -33.99
CA THR C 26 8.46 19.52 -32.80
C THR C 26 9.06 18.90 -31.53
N SER C 27 8.99 19.64 -30.43
CA SER C 27 9.42 19.13 -29.14
C SER C 27 8.53 19.67 -28.03
N GLU C 28 8.57 19.04 -26.87
CA GLU C 28 7.67 19.44 -25.81
C GLU C 28 8.22 19.31 -24.38
N SER C 29 7.57 19.99 -23.47
CA SER C 29 7.93 19.99 -22.06
C SER C 29 6.69 19.98 -21.17
N VAL C 30 6.91 19.67 -19.90
CA VAL C 30 5.84 19.74 -18.90
C VAL C 30 6.33 20.59 -17.73
N THR C 31 5.40 21.15 -16.96
CA THR C 31 5.80 21.90 -15.76
C THR C 31 6.20 20.98 -14.61
N GLU C 32 6.72 21.59 -13.55
CA GLU C 32 7.12 20.85 -12.36
C GLU C 32 5.91 20.21 -11.67
N GLY C 33 4.72 20.68 -12.01
CA GLY C 33 3.51 20.22 -11.37
C GLY C 33 2.92 19.02 -12.05
N HIS C 34 3.52 18.63 -13.17
CA HIS C 34 3.08 17.43 -13.88
C HIS C 34 3.38 16.23 -13.01
N PRO C 35 2.41 15.33 -12.84
CA PRO C 35 2.58 14.24 -11.87
C PRO C 35 3.84 13.40 -12.11
N ASP C 36 4.19 13.15 -13.36
CA ASP C 36 5.43 12.44 -13.67
C ASP C 36 6.64 13.23 -13.15
N LYS C 37 6.63 14.53 -13.44
CA LYS C 37 7.73 15.39 -13.04
C LYS C 37 7.77 15.63 -11.52
N LEU C 38 6.60 15.58 -10.89
CA LEU C 38 6.54 15.65 -9.44
C LEU C 38 7.15 14.40 -8.82
N ALA C 39 6.91 13.25 -9.42
CA ALA C 39 7.54 12.00 -8.96
C ALA C 39 9.06 12.11 -9.06
N ASP C 40 9.51 12.67 -10.18
CA ASP C 40 10.94 12.88 -10.37
C ASP C 40 11.52 13.77 -9.28
N ARG C 41 10.84 14.87 -8.99
CA ARG C 41 11.31 15.82 -8.00
C ARG C 41 11.35 15.21 -6.58
N ILE C 42 10.35 14.42 -6.22
CA ILE C 42 10.36 13.74 -4.93
C ILE C 42 11.54 12.77 -4.85
N SER C 43 11.76 12.02 -5.93
CA SER C 43 12.85 11.04 -5.95
C SER C 43 14.18 11.73 -5.73
N ASP C 44 14.40 12.82 -6.47
CA ASP C 44 15.66 13.54 -6.38
C ASP C 44 15.82 14.30 -5.05
N ALA C 45 14.71 14.72 -4.46
CA ALA C 45 14.75 15.35 -3.15
C ALA C 45 15.22 14.35 -2.11
N ILE C 46 14.74 13.11 -2.24
CA ILE C 46 15.19 12.02 -1.38
C ILE C 46 16.69 11.78 -1.57
N LEU C 47 17.11 11.75 -2.83
CA LEU C 47 18.51 11.54 -3.16
C LEU C 47 19.39 12.64 -2.56
N ASP C 48 18.95 13.88 -2.69
CA ASP C 48 19.67 15.05 -2.18
C ASP C 48 19.81 15.06 -0.65
N ALA C 49 18.73 14.75 0.05
CA ALA C 49 18.81 14.72 1.51
C ALA C 49 19.80 13.64 1.94
N LEU C 50 19.71 12.49 1.28
CA LEU C 50 20.60 11.38 1.61
C LEU C 50 22.06 11.76 1.34
N ILE C 51 22.31 12.44 0.23
CA ILE C 51 23.68 12.77 -0.13
C ILE C 51 24.21 13.85 0.80
N ALA C 52 23.32 14.71 1.29
CA ALA C 52 23.68 15.75 2.24
C ALA C 52 24.16 15.15 3.54
N GLN C 53 23.48 14.10 4.02
CA GLN C 53 23.96 13.45 5.24
C GLN C 53 25.09 12.44 4.99
N ASP C 54 25.05 11.78 3.84
CA ASP C 54 26.06 10.80 3.46
C ASP C 54 26.39 10.93 1.99
N LYS C 55 27.63 11.28 1.67
CA LYS C 55 27.96 11.60 0.29
C LYS C 55 28.28 10.38 -0.57
N LYS C 56 28.46 9.23 0.06
CA LYS C 56 28.66 7.98 -0.67
C LYS C 56 27.38 7.16 -0.67
N ALA C 57 26.28 7.81 -0.32
CA ALA C 57 24.98 7.13 -0.27
C ALA C 57 24.59 6.59 -1.64
N ARG C 58 24.11 5.35 -1.64
CA ARG C 58 23.72 4.68 -2.85
C ARG C 58 22.19 4.69 -2.88
N VAL C 59 21.62 5.34 -3.89
CA VAL C 59 20.18 5.55 -3.90
C VAL C 59 19.55 5.13 -5.20
N ALA C 60 18.47 4.35 -5.10
CA ALA C 60 17.59 4.10 -6.24
C ALA C 60 16.15 4.22 -5.76
N ALA C 61 15.65 5.44 -5.78
CA ALA C 61 14.32 5.75 -5.25
C ALA C 61 13.31 5.99 -6.38
N GLU C 62 12.24 5.22 -6.34
CA GLU C 62 11.16 5.30 -7.32
C GLU C 62 9.89 5.78 -6.64
N THR C 63 9.23 6.72 -7.27
CA THR C 63 8.05 7.35 -6.71
C THR C 63 6.83 7.19 -7.60
N LEU C 64 5.75 6.72 -7.00
CA LEU C 64 4.46 6.64 -7.66
C LEU C 64 3.58 7.71 -7.07
N VAL C 65 2.89 8.45 -7.91
CA VAL C 65 2.09 9.55 -7.41
C VAL C 65 0.67 9.47 -7.99
N THR C 66 -0.34 9.43 -7.12
CA THR C 66 -1.72 9.24 -7.58
C THR C 66 -2.69 9.77 -6.52
N THR C 67 -3.99 9.57 -6.74
CA THR C 67 -5.02 10.17 -5.88
C THR C 67 -4.83 9.86 -4.40
N GLY C 68 -4.57 10.90 -3.61
CA GLY C 68 -4.44 10.74 -2.17
C GLY C 68 -3.13 10.09 -1.75
N LEU C 69 -2.26 9.78 -2.71
CA LEU C 69 -1.11 8.94 -2.42
C LEU C 69 0.21 9.39 -3.06
N VAL C 70 1.27 9.38 -2.25
CA VAL C 70 2.65 9.31 -2.73
C VAL C 70 3.25 8.00 -2.21
N PHE C 71 3.72 7.17 -3.12
CA PHE C 71 4.27 5.87 -2.79
C PHE C 71 5.75 5.83 -3.12
N VAL C 72 6.59 5.70 -2.12
CA VAL C 72 8.02 5.66 -2.39
C VAL C 72 8.54 4.25 -2.14
N ALA C 73 9.21 3.71 -3.15
CA ALA C 73 9.78 2.37 -3.08
C ALA C 73 11.19 2.44 -3.65
N GLY C 74 11.98 1.39 -3.43
CA GLY C 74 13.30 1.31 -4.01
C GLY C 74 14.31 0.89 -2.97
N GLU C 75 15.59 1.07 -3.27
CA GLU C 75 16.63 0.62 -2.35
C GLU C 75 17.60 1.74 -2.03
N ILE C 76 18.01 1.79 -0.76
CA ILE C 76 18.91 2.81 -0.29
C ILE C 76 20.00 2.18 0.56
N THR C 77 21.26 2.50 0.27
CA THR C 77 22.37 2.07 1.10
C THR C 77 23.14 3.28 1.59
N THR C 78 22.92 3.59 2.86
CA THR C 78 23.49 4.77 3.52
C THR C 78 23.37 4.51 5.00
N GLU C 79 24.12 5.22 5.85
CA GLU C 79 23.56 5.30 7.19
C GLU C 79 23.59 6.71 7.75
N GLY C 80 22.92 7.59 7.00
CA GLY C 80 22.56 8.91 7.48
C GLY C 80 21.09 8.60 7.67
N TYR C 81 20.31 9.50 8.24
CA TYR C 81 18.89 9.24 8.24
C TYR C 81 18.04 10.39 7.71
N VAL C 82 17.13 10.07 6.81
CA VAL C 82 16.21 11.05 6.29
C VAL C 82 14.78 10.62 6.55
N ASP C 83 13.96 11.57 6.99
CA ASP C 83 12.54 11.32 7.21
C ASP C 83 11.79 11.49 5.88
N ILE C 84 11.47 10.37 5.22
CA ILE C 84 10.90 10.39 3.88
C ILE C 84 9.55 11.11 3.80
N PRO C 85 8.58 10.81 4.70
CA PRO C 85 7.30 11.51 4.58
C PRO C 85 7.38 13.03 4.68
N ASN C 86 8.21 13.53 5.59
CA ASN C 86 8.37 14.97 5.78
C ASN C 86 8.96 15.64 4.55
N LEU C 87 9.93 14.95 3.97
CA LEU C 87 10.62 15.39 2.79
C LEU C 87 9.67 15.40 1.58
N VAL C 88 8.85 14.35 1.49
CA VAL C 88 7.88 14.23 0.42
C VAL C 88 6.86 15.36 0.48
N ARG C 89 6.36 15.66 1.67
CA ARG C 89 5.37 16.71 1.83
C ARG C 89 5.96 18.09 1.52
N LYS C 90 7.19 18.34 1.96
CA LYS C 90 7.84 19.60 1.61
C LYS C 90 7.94 19.74 0.09
N THR C 91 8.39 18.66 -0.54
CA THR C 91 8.57 18.62 -2.00
C THR C 91 7.25 18.82 -2.77
N VAL C 92 6.18 18.22 -2.29
CA VAL C 92 4.86 18.41 -2.90
C VAL C 92 4.41 19.85 -2.73
N ARG C 93 4.74 20.46 -1.57
CA ARG C 93 4.37 21.85 -1.33
C ARG C 93 5.06 22.85 -2.24
N GLU C 94 6.37 22.70 -2.43
CA GLU C 94 7.11 23.66 -3.28
C GLU C 94 6.57 23.69 -4.71
N VAL C 95 6.08 22.55 -5.18
CA VAL C 95 5.60 22.44 -6.55
C VAL C 95 4.18 23.04 -6.70
N GLY C 96 3.56 23.37 -5.58
CA GLY C 96 2.35 24.18 -5.60
C GLY C 96 1.08 23.47 -5.19
N TYR C 97 1.19 22.21 -4.82
CA TYR C 97 0.01 21.44 -4.41
C TYR C 97 -0.27 21.61 -2.93
N THR C 98 -0.95 22.70 -2.61
CA THR C 98 -1.18 23.12 -1.24
C THR C 98 -2.67 23.13 -0.91
N ARG C 99 -3.49 22.88 -1.92
CA ARG C 99 -4.95 22.96 -1.79
C ARG C 99 -5.72 21.75 -2.31
N ALA C 100 -6.80 21.41 -1.62
CA ALA C 100 -7.64 20.29 -2.03
C ALA C 100 -8.29 20.45 -3.39
N LYS C 101 -8.68 21.68 -3.76
CA LYS C 101 -9.36 21.88 -5.04
C LYS C 101 -8.47 21.48 -6.20
N TYR C 102 -7.16 21.53 -6.00
CA TYR C 102 -6.25 21.07 -7.06
C TYR C 102 -6.33 19.55 -7.19
N GLY C 103 -6.87 18.89 -6.18
CA GLY C 103 -7.07 17.45 -6.24
C GLY C 103 -5.98 16.72 -5.48
N PHE C 104 -4.91 17.44 -5.16
CA PHE C 104 -3.77 16.89 -4.45
C PHE C 104 -3.18 17.93 -3.53
N ASP C 105 -2.80 17.49 -2.34
CA ASP C 105 -2.36 18.40 -1.30
C ASP C 105 -1.31 17.74 -0.40
N ALA C 106 -0.23 18.47 -0.15
CA ALA C 106 0.90 17.95 0.62
C ALA C 106 0.51 17.59 2.05
N ASP C 107 -0.43 18.33 2.62
CA ASP C 107 -0.87 18.10 4.00
C ASP C 107 -1.81 16.91 4.20
N THR C 108 -2.68 16.63 3.24
CA THR C 108 -3.74 15.64 3.45
C THR C 108 -3.51 14.30 2.76
N CYS C 109 -2.50 14.23 1.89
CA CYS C 109 -2.24 12.99 1.15
C CYS C 109 -1.56 11.96 2.03
N ALA C 110 -1.70 10.68 1.66
CA ALA C 110 -1.01 9.60 2.34
C ALA C 110 0.37 9.45 1.74
N VAL C 111 1.36 9.16 2.59
CA VAL C 111 2.70 8.88 2.12
C VAL C 111 3.12 7.46 2.50
N LEU C 112 3.33 6.62 1.51
CA LEU C 112 3.65 5.22 1.73
C LEU C 112 5.10 4.92 1.37
N THR C 113 5.73 4.09 2.18
CA THR C 113 7.14 3.77 1.98
C THR C 113 7.38 2.25 1.94
N ALA C 114 8.07 1.80 0.90
CA ALA C 114 8.49 0.40 0.80
C ALA C 114 9.92 0.39 0.33
N ILE C 115 10.80 0.96 1.15
CA ILE C 115 12.19 1.15 0.76
C ILE C 115 13.07 0.09 1.39
N ASP C 116 13.86 -0.59 0.58
CA ASP C 116 14.71 -1.64 1.12
C ASP C 116 15.94 -0.95 1.65
N GLU C 117 15.77 -0.37 2.83
CA GLU C 117 16.78 0.41 3.50
C GLU C 117 17.93 -0.43 3.98
N GLN C 118 19.13 0.11 3.89
CA GLN C 118 20.27 -0.60 4.40
C GLN C 118 21.42 0.30 4.82
N SER C 119 22.15 -0.17 5.81
CA SER C 119 23.40 0.46 6.22
C SER C 119 24.51 -0.38 5.59
N PRO C 120 25.60 0.24 5.12
CA PRO C 120 26.60 -0.54 4.38
C PRO C 120 27.41 -1.53 5.22
N ASP C 121 27.25 -1.50 6.53
CA ASP C 121 27.74 -2.56 7.38
C ASP C 121 27.08 -3.91 6.97
N ILE C 122 25.76 -3.95 6.87
CA ILE C 122 25.10 -5.12 6.31
C ILE C 122 25.11 -4.83 4.81
N ALA C 123 24.71 -5.79 3.97
CA ALA C 123 24.99 -5.68 2.53
C ALA C 123 26.50 -5.64 2.35
N GLY C 124 27.01 -4.63 1.63
CA GLY C 124 28.44 -4.47 1.48
C GLY C 124 28.81 -3.11 0.90
N GLY C 125 30.11 -2.90 0.71
CA GLY C 125 30.56 -1.80 -0.11
C GLY C 125 30.31 -2.18 -1.55
N VAL C 126 30.43 -1.23 -2.47
CA VAL C 126 30.25 -1.52 -3.89
C VAL C 126 31.23 -2.62 -4.26
N ASN C 127 30.76 -3.60 -5.05
CA ASN C 127 31.59 -4.75 -5.36
C ASN C 127 32.60 -4.47 -6.45
N LEU C 128 33.47 -5.43 -6.67
CA LEU C 128 34.63 -5.20 -7.49
C LEU C 128 34.21 -5.19 -8.93
N SER C 129 34.83 -4.31 -9.72
CA SER C 129 34.56 -4.24 -11.13
C SER C 129 35.13 -5.48 -11.79
N TYR C 130 34.71 -5.72 -13.02
CA TYR C 130 35.21 -6.86 -13.76
C TYR C 130 36.72 -6.80 -13.95
N GLU C 131 37.24 -5.63 -14.31
CA GLU C 131 38.67 -5.49 -14.54
C GLU C 131 39.50 -5.63 -13.25
N TRP C 132 38.88 -5.47 -12.10
CA TRP C 132 39.53 -5.81 -10.83
C TRP C 132 39.42 -7.29 -10.47
N ARG C 133 38.21 -7.84 -10.56
CA ARG C 133 37.95 -9.21 -10.13
C ARG C 133 38.46 -10.29 -11.10
N VAL C 134 38.23 -10.11 -12.40
CA VAL C 134 38.59 -11.15 -13.38
C VAL C 134 39.88 -10.81 -14.10
N LEU C 135 39.95 -9.60 -14.66
CA LEU C 135 41.23 -9.05 -15.04
C LEU C 135 41.79 -8.66 -13.70
N LYS C 136 43.11 -8.55 -13.55
CA LYS C 136 43.59 -8.13 -12.24
C LYS C 136 44.24 -6.76 -12.30
N SER C 137 43.39 -5.75 -12.29
CA SER C 137 43.81 -4.37 -12.37
C SER C 137 44.02 -3.82 -10.99
N THR C 138 45.11 -3.09 -10.82
CA THR C 138 45.36 -2.38 -9.57
C THR C 138 44.90 -0.93 -9.71
N ASP C 139 44.51 -0.56 -10.93
CA ASP C 139 44.05 0.79 -11.23
C ASP C 139 42.83 1.14 -10.39
N PRO C 140 42.95 2.19 -9.56
CA PRO C 140 41.85 2.61 -8.68
C PRO C 140 40.63 3.17 -9.44
N LEU C 141 40.84 3.75 -10.62
CA LEU C 141 39.72 4.26 -11.41
C LEU C 141 38.95 3.13 -12.12
N ASP C 142 39.57 1.96 -12.22
CA ASP C 142 38.91 0.77 -12.76
C ASP C 142 38.08 0.05 -11.70
N ARG C 143 38.18 0.49 -10.45
CA ARG C 143 37.68 -0.30 -9.32
C ARG C 143 36.15 -0.40 -9.27
N VAL C 144 35.45 0.66 -9.65
CA VAL C 144 33.98 0.61 -9.68
C VAL C 144 33.46 0.37 -11.10
N GLY C 145 32.70 -0.70 -11.27
CA GLY C 145 32.11 -1.02 -12.57
C GLY C 145 30.69 -0.54 -12.69
N ALA C 146 30.13 -0.64 -13.89
CA ALA C 146 28.72 -0.32 -14.10
C ALA C 146 27.83 -1.28 -13.32
N GLY C 147 26.86 -0.73 -12.60
CA GLY C 147 25.92 -1.55 -11.84
C GLY C 147 24.98 -2.35 -12.74
N ASP C 148 24.75 -1.82 -13.93
CA ASP C 148 23.84 -2.42 -14.90
C ASP C 148 24.39 -2.17 -16.29
N GLN C 149 23.90 -2.92 -17.27
CA GLN C 149 24.24 -2.64 -18.65
C GLN C 149 23.57 -1.32 -19.02
N GLY C 150 24.22 -0.54 -19.86
CA GLY C 150 23.66 0.75 -20.21
C GLY C 150 24.06 1.30 -21.56
N LEU C 151 23.21 2.16 -22.10
CA LEU C 151 23.47 2.85 -23.35
C LEU C 151 23.10 4.32 -23.16
N MET C 152 24.02 5.22 -23.52
CA MET C 152 23.93 6.63 -23.16
C MET C 152 24.18 7.50 -24.39
N PHE C 153 23.44 8.60 -24.50
CA PHE C 153 23.67 9.55 -25.58
C PHE C 153 23.84 10.95 -25.05
N GLY C 154 24.84 11.66 -25.57
CA GLY C 154 25.09 13.03 -25.19
C GLY C 154 25.06 13.84 -26.47
N TYR C 155 24.51 15.04 -26.41
CA TYR C 155 24.35 15.81 -27.63
C TYR C 155 24.68 17.27 -27.40
N ALA C 156 25.24 17.91 -28.42
CA ALA C 156 25.44 19.35 -28.37
C ALA C 156 25.38 19.91 -29.77
N THR C 157 24.86 21.12 -29.90
CA THR C 157 24.76 21.77 -31.20
C THR C 157 24.74 23.27 -31.00
N ASP C 158 25.28 24.01 -31.96
CA ASP C 158 25.48 25.45 -31.76
C ASP C 158 24.28 26.28 -32.21
N GLU C 159 23.12 25.64 -32.37
CA GLU C 159 21.86 26.34 -32.68
C GLU C 159 21.53 27.41 -31.65
N THR C 160 21.92 27.15 -30.41
CA THR C 160 21.62 28.04 -29.29
C THR C 160 22.89 28.31 -28.49
N PRO C 161 22.89 29.40 -27.69
CA PRO C 161 24.05 29.68 -26.84
C PRO C 161 24.36 28.56 -25.84
N GLU C 162 23.32 27.91 -25.33
CA GLU C 162 23.48 26.82 -24.35
C GLU C 162 24.02 25.55 -25.00
N LEU C 163 24.16 25.60 -26.32
CA LEU C 163 24.60 24.47 -27.13
C LEU C 163 23.60 23.32 -27.09
N MET C 164 22.31 23.66 -27.13
CA MET C 164 21.21 22.70 -27.10
C MET C 164 20.34 22.82 -28.34
N PRO C 165 19.62 21.73 -28.68
CA PRO C 165 18.65 21.86 -29.77
C PRO C 165 17.60 22.90 -29.40
N LEU C 166 17.19 23.72 -30.35
CA LEU C 166 16.29 24.83 -30.04
C LEU C 166 14.89 24.43 -29.57
N PRO C 167 14.27 23.41 -30.19
CA PRO C 167 12.87 23.14 -29.82
C PRO C 167 12.68 22.78 -28.34
N ILE C 168 13.48 21.86 -27.82
CA ILE C 168 13.36 21.50 -26.41
C ILE C 168 13.75 22.69 -25.52
N THR C 169 14.67 23.53 -25.98
CA THR C 169 15.05 24.72 -25.23
C THR C 169 13.85 25.63 -25.03
N LEU C 170 13.13 25.90 -26.11
CA LEU C 170 11.96 26.76 -26.06
C LEU C 170 10.84 26.14 -25.24
N ALA C 171 10.67 24.83 -25.41
CA ALA C 171 9.65 24.10 -24.66
C ALA C 171 9.89 24.20 -23.14
N HIS C 172 11.14 24.00 -22.75
CA HIS C 172 11.55 24.13 -21.35
C HIS C 172 11.34 25.53 -20.83
N ARG C 173 11.73 26.54 -21.62
CA ARG C 173 11.58 27.93 -21.19
C ARG C 173 10.11 28.28 -20.98
N LEU C 174 9.26 27.73 -21.86
CA LEU C 174 7.82 27.92 -21.75
C LEU C 174 7.27 27.32 -20.45
N THR C 175 7.59 26.06 -20.18
CA THR C 175 7.03 25.44 -18.97
C THR C 175 7.61 26.09 -17.70
N MET C 176 8.87 26.48 -17.76
CA MET C 176 9.51 27.14 -16.63
C MET C 176 8.80 28.47 -16.32
N ARG C 177 8.55 29.26 -17.37
CA ARG C 177 7.90 30.56 -17.18
C ARG C 177 6.45 30.39 -16.74
N LEU C 178 5.80 29.36 -17.27
CA LEU C 178 4.43 29.06 -16.87
C LEU C 178 4.39 28.74 -15.37
N ALA C 179 5.43 28.06 -14.88
CA ALA C 179 5.56 27.86 -13.44
C ALA C 179 5.76 29.18 -12.71
N GLU C 180 6.66 30.04 -13.21
CA GLU C 180 6.98 31.26 -12.44
C GLU C 180 5.87 32.30 -12.39
N VAL C 181 5.11 32.45 -13.47
CA VAL C 181 3.98 33.38 -13.44
C VAL C 181 2.91 32.89 -12.46
N ARG C 182 2.80 31.58 -12.29
CA ARG C 182 1.95 31.01 -11.26
C ARG C 182 2.46 31.26 -9.83
N LYS C 183 3.73 30.91 -9.62
CA LYS C 183 4.33 30.94 -8.28
C LYS C 183 4.47 32.34 -7.71
N THR C 184 4.76 33.28 -8.59
CA THR C 184 5.02 34.66 -8.19
C THR C 184 3.73 35.46 -8.05
N GLY C 185 2.63 34.89 -8.53
CA GLY C 185 1.33 35.53 -8.40
C GLY C 185 0.90 36.38 -9.56
N LEU C 186 1.70 36.41 -10.62
CA LEU C 186 1.39 37.24 -11.78
C LEU C 186 0.06 36.81 -12.42
N LEU C 187 -0.13 35.51 -12.60
CA LEU C 187 -1.39 34.96 -13.06
C LEU C 187 -1.92 34.01 -11.98
N PRO C 188 -2.68 34.55 -11.01
CA PRO C 188 -2.98 33.84 -9.78
C PRO C 188 -4.05 32.77 -9.94
N TYR C 189 -4.66 32.69 -11.12
CA TYR C 189 -5.65 31.67 -11.40
C TYR C 189 -5.01 30.36 -11.86
N LEU C 190 -3.70 30.38 -12.10
CA LEU C 190 -2.97 29.17 -12.51
C LEU C 190 -2.82 28.12 -11.44
N ARG C 191 -2.80 26.87 -11.88
CA ARG C 191 -2.57 25.73 -11.02
C ARG C 191 -1.34 24.96 -11.54
N PRO C 192 -0.77 24.05 -10.74
CA PRO C 192 0.57 23.54 -11.07
C PRO C 192 0.73 22.79 -12.39
N ASP C 193 -0.26 21.99 -12.79
CA ASP C 193 -0.11 21.12 -13.95
C ASP C 193 -0.04 21.94 -15.23
N GLY C 194 0.83 21.56 -16.14
CA GLY C 194 0.97 22.29 -17.38
C GLY C 194 1.85 21.61 -18.41
N LYS C 195 1.61 21.97 -19.67
CA LYS C 195 2.29 21.38 -20.80
C LYS C 195 2.60 22.45 -21.83
N ALA C 196 3.71 22.30 -22.53
CA ALA C 196 4.01 23.21 -23.63
C ALA C 196 4.65 22.44 -24.78
N GLN C 197 4.25 22.78 -25.99
CA GLN C 197 4.76 22.16 -27.20
C GLN C 197 5.17 23.22 -28.21
N VAL C 198 6.25 22.97 -28.92
CA VAL C 198 6.74 23.90 -29.93
C VAL C 198 7.02 23.18 -31.24
N THR C 199 6.45 23.70 -32.32
CA THR C 199 6.80 23.26 -33.66
C THR C 199 7.51 24.40 -34.39
N VAL C 200 8.77 24.12 -34.72
CA VAL C 200 9.70 25.10 -35.25
C VAL C 200 9.97 24.82 -36.71
N VAL C 201 10.11 25.88 -37.50
CA VAL C 201 10.45 25.69 -38.90
C VAL C 201 11.96 25.73 -39.07
N TYR C 202 12.49 24.66 -39.62
CA TYR C 202 13.92 24.54 -39.87
C TYR C 202 14.11 24.64 -41.36
N GLU C 203 15.00 25.52 -41.79
CA GLU C 203 15.44 25.48 -43.17
C GLU C 203 16.71 24.65 -43.22
N GLY C 204 16.55 23.34 -43.41
CA GLY C 204 17.67 22.44 -43.25
C GLY C 204 18.22 22.34 -41.85
N ASP C 205 19.41 22.91 -41.68
CA ASP C 205 20.12 22.94 -40.39
C ASP C 205 19.78 24.10 -39.47
N LYS C 206 19.32 25.19 -40.08
CA LYS C 206 19.04 26.41 -39.35
C LYS C 206 17.58 26.53 -38.93
N PRO C 207 17.32 26.63 -37.62
CA PRO C 207 15.94 26.94 -37.24
C PRO C 207 15.61 28.37 -37.66
N LEU C 208 14.42 28.60 -38.21
CA LEU C 208 14.04 29.95 -38.66
C LEU C 208 13.06 30.63 -37.73
N TYR C 209 11.89 30.04 -37.54
CA TYR C 209 10.88 30.63 -36.67
C TYR C 209 9.96 29.54 -36.12
N VAL C 210 9.18 29.89 -35.11
CA VAL C 210 8.24 28.95 -34.51
C VAL C 210 6.91 28.99 -35.26
N LYS C 211 6.55 27.87 -35.88
CA LYS C 211 5.24 27.77 -36.53
C LYS C 211 4.13 27.72 -35.50
N THR C 212 4.29 26.87 -34.50
CA THR C 212 3.21 26.69 -33.52
C THR C 212 3.71 26.58 -32.09
N VAL C 213 3.03 27.27 -31.18
CA VAL C 213 3.21 27.05 -29.75
C VAL C 213 1.89 26.61 -29.15
N VAL C 214 1.92 25.53 -28.37
CA VAL C 214 0.73 25.11 -27.66
C VAL C 214 1.02 25.11 -26.17
N VAL C 215 0.22 25.86 -25.43
CA VAL C 215 0.31 25.85 -23.98
C VAL C 215 -0.99 25.31 -23.43
N SER C 216 -0.88 24.26 -22.62
CA SER C 216 -2.01 23.76 -21.86
C SER C 216 -1.75 24.03 -20.39
N ALA C 217 -2.54 24.92 -19.79
CA ALA C 217 -2.28 25.31 -18.41
C ALA C 217 -3.45 24.98 -17.49
N GLN C 218 -3.15 24.42 -16.33
CA GLN C 218 -4.18 24.16 -15.32
C GLN C 218 -4.57 25.47 -14.64
N HIS C 219 -5.87 25.67 -14.45
CA HIS C 219 -6.36 26.93 -13.90
C HIS C 219 -7.69 26.76 -13.17
N SER C 220 -8.03 27.75 -12.35
CA SER C 220 -9.32 27.80 -11.67
C SER C 220 -10.42 28.14 -12.69
N PRO C 221 -11.65 27.69 -12.43
CA PRO C 221 -12.75 27.93 -13.38
C PRO C 221 -13.27 29.38 -13.41
N GLU C 222 -12.84 30.24 -12.48
CA GLU C 222 -13.22 31.66 -12.52
C GLU C 222 -12.71 32.43 -13.73
N VAL C 223 -11.61 31.97 -14.32
CA VAL C 223 -11.01 32.62 -15.48
C VAL C 223 -11.56 31.89 -16.69
N GLU C 224 -11.74 32.59 -17.80
CA GLU C 224 -12.18 31.88 -18.99
C GLU C 224 -11.16 32.14 -20.12
N GLN C 225 -11.43 31.55 -21.28
CA GLN C 225 -10.42 31.25 -22.30
C GLN C 225 -9.78 32.44 -23.01
N GLU C 226 -10.43 33.61 -22.97
CA GLU C 226 -9.85 34.68 -23.75
C GLU C 226 -8.91 35.50 -22.89
N GLN C 227 -9.19 35.58 -21.59
CA GLN C 227 -8.23 36.21 -20.71
C GLN C 227 -7.06 35.28 -20.51
N LEU C 228 -7.34 33.98 -20.51
CA LEU C 228 -6.30 32.97 -20.40
C LEU C 228 -5.37 33.06 -21.61
N ARG C 229 -5.95 33.17 -22.80
CA ARG C 229 -5.15 33.22 -24.01
C ARG C 229 -4.28 34.48 -24.08
N GLU C 230 -4.89 35.65 -23.84
CA GLU C 230 -4.11 36.89 -23.90
C GLU C 230 -3.04 36.92 -22.82
N ASP C 231 -3.38 36.49 -21.60
CA ASP C 231 -2.42 36.49 -20.50
C ASP C 231 -1.24 35.55 -20.73
N LEU C 232 -1.50 34.34 -21.22
CA LEU C 232 -0.43 33.39 -21.47
C LEU C 232 0.43 33.79 -22.67
N ILE C 233 -0.19 34.29 -23.73
CA ILE C 233 0.59 34.73 -24.89
C ILE C 233 1.45 35.93 -24.51
N ARG C 234 0.88 36.86 -23.75
CA ARG C 234 1.60 38.08 -23.42
C ARG C 234 2.69 37.87 -22.35
N GLU C 235 2.37 37.08 -21.33
CA GLU C 235 3.27 36.92 -20.19
C GLU C 235 4.13 35.66 -20.21
N VAL C 236 3.72 34.64 -20.96
CA VAL C 236 4.47 33.39 -20.97
C VAL C 236 5.16 33.18 -22.30
N VAL C 237 4.38 33.10 -23.37
CA VAL C 237 4.95 32.78 -24.68
C VAL C 237 5.94 33.85 -25.14
N ARG C 238 5.54 35.11 -25.10
CA ARG C 238 6.40 36.18 -25.61
C ARG C 238 7.60 36.51 -24.74
N GLN C 239 7.50 36.26 -23.45
CA GLN C 239 8.66 36.41 -22.57
C GLN C 239 9.64 35.25 -22.79
N ALA C 240 9.11 34.03 -22.88
CA ALA C 240 9.94 32.81 -22.97
C ALA C 240 10.57 32.54 -24.35
N ILE C 241 9.93 32.98 -25.42
CA ILE C 241 10.50 32.79 -26.75
C ILE C 241 11.03 34.12 -27.26
N PRO C 242 12.30 34.15 -27.68
CA PRO C 242 12.91 35.36 -28.21
C PRO C 242 12.14 35.85 -29.43
N PRO C 243 12.03 37.18 -29.62
CA PRO C 243 11.19 37.75 -30.69
C PRO C 243 11.63 37.34 -32.09
N GLU C 244 12.91 37.01 -32.24
CA GLU C 244 13.50 36.55 -33.50
C GLU C 244 12.79 35.31 -34.06
N TYR C 245 12.34 34.42 -33.17
CA TYR C 245 11.65 33.20 -33.60
C TYR C 245 10.13 33.35 -33.71
N LEU C 246 9.62 34.50 -33.27
CA LEU C 246 8.18 34.79 -33.35
C LEU C 246 7.78 35.72 -34.49
N LYS C 247 6.88 35.26 -35.36
CA LYS C 247 6.43 36.08 -36.48
C LYS C 247 4.92 36.25 -36.51
N ASP C 248 4.48 37.48 -36.29
CA ASP C 248 3.06 37.80 -36.22
C ASP C 248 2.39 37.59 -37.57
N GLY C 249 1.32 36.81 -37.57
CA GLY C 249 0.59 36.50 -38.80
C GLY C 249 0.96 35.15 -39.37
N GLU C 250 2.10 34.61 -38.93
CA GLU C 250 2.49 33.25 -39.32
C GLU C 250 2.61 32.31 -38.14
N THR C 251 2.94 32.84 -36.97
CA THR C 251 3.06 32.01 -35.79
C THR C 251 1.69 31.81 -35.15
N GLU C 252 1.30 30.57 -34.93
CA GLU C 252 -0.01 30.25 -34.39
C GLU C 252 0.07 29.91 -32.91
N TYR C 253 -0.79 30.54 -32.11
CA TYR C 253 -0.81 30.31 -30.68
C TYR C 253 -2.05 29.53 -30.28
N LEU C 254 -1.87 28.33 -29.73
CA LEU C 254 -2.98 27.54 -29.21
C LEU C 254 -2.92 27.45 -27.70
N ILE C 255 -3.95 27.95 -27.03
CA ILE C 255 -3.99 27.92 -25.57
C ILE C 255 -5.10 27.01 -25.07
N ASN C 256 -4.72 25.95 -24.35
CA ASN C 256 -5.66 24.94 -23.87
C ASN C 256 -6.62 24.46 -24.96
N PRO C 257 -6.07 23.97 -26.09
CA PRO C 257 -6.92 23.62 -27.24
C PRO C 257 -7.81 22.41 -26.97
N SER C 258 -7.62 21.80 -25.81
CA SER C 258 -8.31 20.57 -25.47
C SER C 258 -9.50 20.80 -24.53
N GLY C 259 -10.02 22.02 -24.49
CA GLY C 259 -11.07 22.34 -23.53
C GLY C 259 -10.49 22.89 -22.23
N ARG C 260 -11.22 22.75 -21.13
CA ARG C 260 -10.74 23.37 -19.91
C ARG C 260 -9.78 22.45 -19.20
N PHE C 261 -8.94 23.05 -18.37
CA PHE C 261 -7.94 22.30 -17.66
C PHE C 261 -8.06 22.76 -16.21
N ILE C 262 -9.20 22.43 -15.61
CA ILE C 262 -9.47 22.72 -14.21
C ILE C 262 -8.89 21.62 -13.35
N LEU C 263 -9.10 20.38 -13.81
CA LEU C 263 -8.72 19.21 -13.04
C LEU C 263 -7.37 18.71 -13.51
N GLY C 264 -6.44 18.57 -12.57
CA GLY C 264 -5.07 18.25 -12.91
C GLY C 264 -4.29 17.53 -11.84
N GLY C 265 -3.04 17.25 -12.16
CA GLY C 265 -2.12 16.63 -11.24
C GLY C 265 -2.41 15.16 -10.98
N PRO C 266 -1.90 14.65 -9.85
CA PRO C 266 -1.94 13.23 -9.47
C PRO C 266 -3.36 12.67 -9.45
N HIS C 267 -4.32 13.55 -9.21
CA HIS C 267 -5.70 13.15 -9.11
C HIS C 267 -6.25 12.84 -10.50
N ALA C 268 -5.80 13.59 -11.50
CA ALA C 268 -6.16 13.32 -12.89
C ALA C 268 -5.39 12.12 -13.46
N ASP C 269 -4.09 12.08 -13.21
CA ASP C 269 -3.21 11.09 -13.84
C ASP C 269 -2.23 10.56 -12.83
N THR C 270 -1.78 9.32 -13.02
CA THR C 270 -0.80 8.74 -12.13
C THR C 270 0.58 9.13 -12.63
N GLY C 271 1.46 9.52 -11.71
CA GLY C 271 2.79 9.96 -12.06
C GLY C 271 3.84 9.01 -11.53
N LEU C 272 4.83 8.71 -12.37
CA LEU C 272 5.90 7.80 -12.01
C LEU C 272 7.26 8.42 -12.30
N THR C 273 8.26 8.01 -11.52
CA THR C 273 9.63 8.44 -11.72
C THR C 273 10.16 7.91 -13.05
N GLY C 274 10.84 8.77 -13.81
CA GLY C 274 11.50 8.34 -15.03
C GLY C 274 10.59 8.05 -16.21
N ARG C 275 9.49 8.78 -16.34
CA ARG C 275 8.56 8.63 -17.46
C ARG C 275 8.52 9.89 -18.33
N LYS C 276 9.55 10.73 -18.18
CA LYS C 276 9.73 11.94 -18.95
C LYS C 276 11.19 12.11 -19.41
N ILE C 277 11.82 10.99 -19.76
CA ILE C 277 13.26 10.98 -20.03
C ILE C 277 13.67 11.77 -21.27
N ILE C 278 12.79 11.85 -22.27
CA ILE C 278 13.07 12.67 -23.45
C ILE C 278 12.96 14.16 -23.13
N VAL C 279 11.98 14.53 -22.33
CA VAL C 279 11.86 15.89 -21.85
C VAL C 279 13.10 16.23 -21.02
N ASP C 280 13.60 15.24 -20.28
CA ASP C 280 14.78 15.41 -19.43
C ASP C 280 16.03 15.72 -20.25
N THR C 281 16.07 15.16 -21.46
CA THR C 281 17.26 15.17 -22.27
C THR C 281 17.16 16.14 -23.45
N TYR C 282 17.00 15.61 -24.67
CA TYR C 282 17.14 16.45 -25.86
C TYR C 282 15.85 16.66 -26.65
N GLY C 283 14.73 16.23 -26.10
CA GLY C 283 13.44 16.51 -26.70
C GLY C 283 13.14 15.87 -28.04
N GLY C 284 13.81 14.76 -28.34
CA GLY C 284 13.57 13.99 -29.54
C GLY C 284 14.51 14.29 -30.70
N ALA C 285 15.50 15.15 -30.45
CA ALA C 285 16.49 15.50 -31.46
C ALA C 285 17.38 14.30 -31.81
N VAL C 286 17.68 13.48 -30.81
CA VAL C 286 18.64 12.40 -30.97
C VAL C 286 18.16 11.12 -30.31
N PRO C 287 18.85 10.00 -30.54
CA PRO C 287 18.47 8.77 -29.85
C PRO C 287 18.63 8.86 -28.34
N HIS C 288 18.01 7.92 -27.65
CA HIS C 288 18.08 7.82 -26.20
C HIS C 288 18.38 6.37 -25.81
N GLY C 289 19.02 6.17 -24.66
CA GLY C 289 19.39 4.83 -24.22
C GLY C 289 18.38 4.10 -23.35
N GLY C 290 17.37 4.82 -22.86
CA GLY C 290 16.29 4.24 -22.09
C GLY C 290 16.36 4.47 -20.59
N GLY C 291 17.52 4.90 -20.10
CA GLY C 291 17.68 5.11 -18.68
C GLY C 291 17.02 6.36 -18.14
N ALA C 292 16.56 6.28 -16.90
CA ALA C 292 16.00 7.42 -16.19
C ALA C 292 17.04 8.00 -15.25
N PHE C 293 16.95 9.30 -14.97
CA PHE C 293 17.93 9.98 -14.11
C PHE C 293 17.55 10.01 -12.64
N SER C 294 16.34 10.48 -12.32
CA SER C 294 16.01 10.87 -10.96
C SER C 294 15.90 9.72 -9.98
N GLY C 295 16.29 10.00 -8.73
CA GLY C 295 16.29 9.01 -7.67
C GLY C 295 17.56 8.18 -7.64
N LYS C 296 18.49 8.50 -8.54
CA LYS C 296 19.73 7.73 -8.66
C LYS C 296 20.98 8.53 -8.28
N ASP C 297 21.79 7.93 -7.42
CA ASP C 297 23.07 8.49 -7.02
C ASP C 297 24.09 8.35 -8.16
N PRO C 298 25.20 9.08 -8.08
CA PRO C 298 26.19 9.09 -9.17
C PRO C 298 26.84 7.73 -9.53
N THR C 299 26.75 6.69 -8.69
CA THR C 299 27.34 5.43 -9.11
C THR C 299 26.49 4.70 -10.16
N LYS C 300 25.26 5.17 -10.40
CA LYS C 300 24.45 4.59 -11.47
C LYS C 300 24.81 5.25 -12.79
N VAL C 301 25.41 4.47 -13.70
CA VAL C 301 25.91 5.01 -14.95
C VAL C 301 24.79 5.60 -15.82
N ASP C 302 23.56 5.16 -15.60
CA ASP C 302 22.43 5.71 -16.34
C ASP C 302 22.39 7.23 -16.21
N ARG C 303 22.70 7.74 -15.01
CA ARG C 303 22.74 9.17 -14.80
C ARG C 303 24.10 9.78 -15.11
N SER C 304 25.12 9.29 -14.42
CA SER C 304 26.45 9.89 -14.48
C SER C 304 27.08 9.80 -15.89
N ALA C 305 26.91 8.68 -16.57
CA ALA C 305 27.42 8.56 -17.94
C ALA C 305 26.66 9.42 -18.95
N SER C 306 25.36 9.64 -18.73
CA SER C 306 24.61 10.52 -19.63
C SER C 306 25.08 11.94 -19.44
N TYR C 307 25.28 12.31 -18.17
CA TYR C 307 25.80 13.63 -17.83
C TYR C 307 27.17 13.82 -18.47
N TYR C 308 28.02 12.82 -18.33
CA TYR C 308 29.36 12.89 -18.88
C TYR C 308 29.36 12.93 -20.42
N ALA C 309 28.43 12.22 -21.05
CA ALA C 309 28.32 12.26 -22.50
C ALA C 309 27.90 13.67 -22.96
N ARG C 310 26.96 14.28 -22.24
CA ARG C 310 26.59 15.66 -22.54
C ARG C 310 27.80 16.58 -22.38
N TYR C 311 28.59 16.33 -21.35
CA TYR C 311 29.81 17.07 -21.07
C TYR C 311 30.80 16.99 -22.24
N MET C 312 31.02 15.77 -22.74
CA MET C 312 31.94 15.55 -23.85
C MET C 312 31.45 16.25 -25.09
N ALA C 313 30.19 16.02 -25.44
CA ALA C 313 29.63 16.59 -26.66
C ALA C 313 29.68 18.10 -26.63
N LYS C 314 29.31 18.67 -25.49
CA LYS C 314 29.27 20.13 -25.36
C LYS C 314 30.67 20.69 -25.46
N ASN C 315 31.64 19.99 -24.88
CA ASN C 315 33.03 20.43 -24.98
C ASN C 315 33.56 20.38 -26.41
N ILE C 316 33.22 19.30 -27.13
CA ILE C 316 33.62 19.14 -28.52
C ILE C 316 33.05 20.26 -29.39
N VAL C 317 31.76 20.57 -29.18
CA VAL C 317 31.11 21.64 -29.94
C VAL C 317 31.66 23.02 -29.57
N ALA C 318 31.84 23.26 -28.28
CA ALA C 318 32.37 24.55 -27.79
C ALA C 318 33.81 24.78 -28.21
N ALA C 319 34.55 23.69 -28.45
CA ALA C 319 35.95 23.78 -28.87
C ALA C 319 36.11 24.05 -30.36
N GLY C 320 35.01 24.02 -31.11
CA GLY C 320 35.07 24.30 -32.53
C GLY C 320 35.46 23.09 -33.36
N LEU C 321 35.50 21.93 -32.71
CA LEU C 321 35.82 20.68 -33.39
C LEU C 321 34.65 20.18 -34.23
N ALA C 322 33.45 20.67 -33.91
CA ALA C 322 32.24 20.32 -34.65
C ALA C 322 31.17 21.36 -34.47
N ARG C 323 30.19 21.37 -35.37
CA ARG C 323 29.01 22.22 -35.17
C ARG C 323 27.96 21.47 -34.37
N ARG C 324 27.81 20.19 -34.67
CA ARG C 324 26.89 19.32 -33.95
C ARG C 324 27.64 18.05 -33.57
N ALA C 325 27.50 17.61 -32.32
CA ALA C 325 28.16 16.38 -31.90
C ALA C 325 27.26 15.50 -31.05
N LEU C 326 27.23 14.23 -31.43
CA LEU C 326 26.51 13.20 -30.69
C LEU C 326 27.52 12.19 -30.19
N VAL C 327 27.57 12.01 -28.87
CA VAL C 327 28.50 11.10 -28.25
C VAL C 327 27.76 9.92 -27.66
N GLU C 328 28.10 8.71 -28.07
CA GLU C 328 27.43 7.54 -27.52
C GLU C 328 28.38 6.77 -26.62
N LEU C 329 27.88 6.42 -25.44
CA LEU C 329 28.62 5.61 -24.48
C LEU C 329 27.84 4.33 -24.25
N ALA C 330 28.53 3.21 -24.08
CA ALA C 330 27.82 2.01 -23.64
C ALA C 330 28.64 1.22 -22.62
N TYR C 331 27.94 0.65 -21.64
CA TYR C 331 28.57 -0.07 -20.54
C TYR C 331 28.06 -1.49 -20.41
N ALA C 332 28.98 -2.42 -20.17
CA ALA C 332 28.61 -3.79 -19.85
C ALA C 332 28.52 -3.90 -18.33
N ILE C 333 27.58 -4.70 -17.86
CA ILE C 333 27.33 -4.77 -16.42
C ILE C 333 28.55 -5.34 -15.70
N GLY C 334 28.94 -4.66 -14.62
CA GLY C 334 30.10 -5.05 -13.85
C GLY C 334 31.43 -4.51 -14.37
N LYS C 335 31.39 -3.77 -15.49
CA LYS C 335 32.62 -3.27 -16.11
C LYS C 335 32.77 -1.76 -15.99
N ALA C 336 33.95 -1.32 -15.57
CA ALA C 336 34.26 0.10 -15.47
C ALA C 336 34.44 0.74 -16.84
N ARG C 337 35.08 0.02 -17.76
CA ARG C 337 35.41 0.59 -19.07
C ARG C 337 34.30 0.36 -20.09
N PRO C 338 33.96 1.41 -20.85
CA PRO C 338 32.86 1.34 -21.82
C PRO C 338 33.10 0.31 -22.93
N VAL C 339 32.08 -0.47 -23.28
CA VAL C 339 32.20 -1.40 -24.39
C VAL C 339 32.24 -0.64 -25.71
N SER C 340 31.51 0.46 -25.79
CA SER C 340 31.64 1.36 -26.93
C SER C 340 31.68 2.83 -26.53
N LEU C 341 32.48 3.57 -27.27
CA LEU C 341 32.48 5.02 -27.26
C LEU C 341 32.52 5.49 -28.69
N ARG C 342 31.58 6.37 -29.04
CA ARG C 342 31.47 6.83 -30.41
C ARG C 342 31.23 8.33 -30.43
N VAL C 343 31.80 9.01 -31.42
CA VAL C 343 31.50 10.41 -31.63
C VAL C 343 31.05 10.57 -33.06
N GLU C 344 29.88 11.18 -33.25
CA GLU C 344 29.34 11.42 -34.58
C GLU C 344 29.06 12.90 -34.78
N THR C 345 29.63 13.44 -35.85
CA THR C 345 29.32 14.78 -36.27
C THR C 345 28.72 14.64 -37.66
N PHE C 346 27.52 15.18 -37.83
CA PHE C 346 26.73 14.87 -39.01
C PHE C 346 27.23 15.67 -40.21
N GLY C 347 28.48 15.38 -40.60
CA GLY C 347 29.16 16.12 -41.64
C GLY C 347 29.67 17.48 -41.17
N THR C 348 29.68 17.70 -39.85
CA THR C 348 30.02 19.01 -39.30
C THR C 348 31.43 19.08 -38.71
N GLY C 349 32.09 17.93 -38.61
CA GLY C 349 33.38 17.86 -37.95
C GLY C 349 34.52 18.50 -38.72
N VAL C 350 35.43 19.15 -37.99
CA VAL C 350 36.65 19.66 -38.59
C VAL C 350 37.52 18.48 -39.02
N LEU C 351 37.46 17.41 -38.23
CA LEU C 351 38.23 16.20 -38.52
C LEU C 351 37.26 15.07 -38.81
N PRO C 352 37.77 13.96 -39.38
CA PRO C 352 36.85 12.83 -39.55
C PRO C 352 36.35 12.30 -38.20
N ASP C 353 35.16 11.72 -38.20
CA ASP C 353 34.49 11.33 -36.96
C ASP C 353 35.31 10.35 -36.13
N GLU C 354 36.09 9.51 -36.80
CA GLU C 354 36.95 8.55 -36.12
C GLU C 354 38.00 9.27 -35.30
N LYS C 355 38.71 10.18 -35.96
CA LYS C 355 39.82 10.92 -35.34
C LYS C 355 39.27 11.67 -34.15
N LEU C 356 38.08 12.21 -34.35
CA LEU C 356 37.36 12.87 -33.26
C LEU C 356 37.08 11.89 -32.12
N THR C 357 36.70 10.65 -32.44
CA THR C 357 36.43 9.65 -31.41
C THR C 357 37.64 9.30 -30.54
N GLU C 358 38.78 9.00 -31.15
CA GLU C 358 39.96 8.70 -30.31
C GLU C 358 40.49 9.93 -29.56
N ILE C 359 40.40 11.10 -30.19
CA ILE C 359 40.72 12.33 -29.49
C ILE C 359 39.88 12.41 -28.22
N ALA C 360 38.60 12.07 -28.36
CA ALA C 360 37.69 12.06 -27.23
C ALA C 360 38.15 11.03 -26.19
N LYS C 361 38.57 9.86 -26.66
CA LYS C 361 39.05 8.82 -25.75
C LYS C 361 40.28 9.24 -24.96
N LYS C 362 41.18 10.03 -25.53
CA LYS C 362 42.34 10.39 -24.75
C LYS C 362 42.05 11.59 -23.84
N VAL C 363 41.21 12.51 -24.29
CA VAL C 363 40.87 13.68 -23.46
C VAL C 363 39.99 13.36 -22.26
N PHE C 364 39.03 12.45 -22.44
CA PHE C 364 38.03 12.16 -21.41
C PHE C 364 38.22 10.77 -20.80
N ASP C 365 37.72 10.60 -19.57
CA ASP C 365 37.75 9.29 -18.91
C ASP C 365 36.35 8.88 -18.44
N PRO C 366 35.67 8.03 -19.22
CA PRO C 366 34.26 7.69 -18.96
C PRO C 366 34.06 6.57 -17.95
N ARG C 367 35.11 6.20 -17.21
CA ARG C 367 34.94 5.24 -16.12
C ARG C 367 34.17 5.91 -14.98
N PRO C 368 33.30 5.14 -14.29
CA PRO C 368 32.33 5.69 -13.34
C PRO C 368 32.95 6.57 -12.24
N LEU C 369 33.98 6.05 -11.58
CA LEU C 369 34.66 6.77 -10.53
C LEU C 369 35.31 8.06 -11.05
N ALA C 370 35.89 7.95 -12.25
CA ALA C 370 36.53 9.10 -12.88
C ALA C 370 35.48 10.18 -13.14
N ILE C 371 34.29 9.77 -13.60
CA ILE C 371 33.22 10.73 -13.86
C ILE C 371 32.80 11.44 -12.59
N ILE C 372 32.56 10.65 -11.55
CA ILE C 372 32.13 11.18 -10.26
C ILE C 372 33.09 12.24 -9.75
N GLU C 373 34.38 11.97 -9.91
CA GLU C 373 35.40 12.92 -9.48
C GLU C 373 35.57 14.14 -10.39
N GLU C 374 35.50 13.91 -11.69
CA GLU C 374 35.71 14.97 -12.69
C GLU C 374 34.60 16.00 -12.62
N LEU C 375 33.40 15.54 -12.30
CA LEU C 375 32.26 16.46 -12.22
C LEU C 375 31.84 16.79 -10.79
N ASP C 376 32.49 16.18 -9.79
CA ASP C 376 32.16 16.43 -8.39
C ASP C 376 30.67 16.20 -8.12
N LEU C 377 30.21 15.01 -8.49
CA LEU C 377 28.79 14.65 -8.44
C LEU C 377 28.25 14.30 -7.05
N LEU C 378 29.12 14.08 -6.07
CA LEU C 378 28.66 13.67 -4.74
C LEU C 378 28.24 14.86 -3.90
N ARG C 379 27.26 15.60 -4.38
CA ARG C 379 26.73 16.78 -3.69
C ARG C 379 25.21 16.88 -3.90
N PRO C 380 24.49 17.51 -2.94
CA PRO C 380 23.03 17.61 -3.07
C PRO C 380 22.61 18.63 -4.10
N ILE C 381 22.84 18.33 -5.37
CA ILE C 381 22.60 19.28 -6.45
C ILE C 381 21.53 18.85 -7.47
N TYR C 382 20.78 17.79 -7.17
CA TYR C 382 19.97 17.12 -8.19
C TYR C 382 18.50 17.50 -8.26
N THR C 383 17.95 18.08 -7.20
CA THR C 383 16.54 18.48 -7.24
C THR C 383 16.25 19.47 -8.38
N PRO C 384 17.13 20.46 -8.61
CA PRO C 384 16.78 21.37 -9.71
C PRO C 384 16.75 20.72 -11.10
N THR C 385 17.39 19.56 -11.26
CA THR C 385 17.37 18.84 -12.53
C THR C 385 16.01 18.16 -12.79
N SER C 386 15.23 17.95 -11.74
CA SER C 386 14.02 17.15 -11.81
C SER C 386 12.94 17.71 -12.75
N ALA C 387 13.05 18.99 -13.12
CA ALA C 387 12.16 19.56 -14.13
C ALA C 387 12.90 20.55 -15.03
N TYR C 388 12.39 20.74 -16.25
CA TYR C 388 12.85 21.76 -17.19
C TYR C 388 14.17 21.40 -17.87
N GLY C 389 14.55 20.13 -17.79
CA GLY C 389 15.71 19.61 -18.49
C GLY C 389 16.98 19.54 -17.65
N HIS C 390 17.71 18.44 -17.78
CA HIS C 390 18.99 18.26 -17.12
C HIS C 390 20.13 18.98 -17.84
N PHE C 391 19.90 19.35 -19.09
CA PHE C 391 20.95 19.93 -19.91
C PHE C 391 20.59 21.32 -20.43
N GLY C 392 21.61 22.11 -20.70
CA GLY C 392 21.42 23.44 -21.27
C GLY C 392 21.25 24.51 -20.21
N ARG C 393 21.50 24.16 -18.96
CA ARG C 393 21.29 25.11 -17.88
C ARG C 393 22.59 25.40 -17.15
N PRO C 394 22.80 26.67 -16.79
CA PRO C 394 24.05 27.09 -16.17
C PRO C 394 24.18 26.62 -14.72
N GLY C 395 25.43 26.44 -14.28
CA GLY C 395 25.70 26.05 -12.91
C GLY C 395 25.73 24.55 -12.68
N PHE C 396 25.60 23.76 -13.75
CA PHE C 396 25.71 22.32 -13.60
C PHE C 396 27.08 21.86 -14.08
N PRO C 397 27.69 20.92 -13.35
CA PRO C 397 29.07 20.49 -13.63
C PRO C 397 29.24 20.01 -15.06
N TRP C 398 28.22 19.35 -15.61
CA TRP C 398 28.34 18.74 -16.94
C TRP C 398 28.04 19.75 -18.05
N GLU C 399 27.77 20.98 -17.65
CA GLU C 399 27.56 22.08 -18.58
C GLU C 399 28.79 22.99 -18.67
N GLU C 400 29.85 22.62 -17.94
CA GLU C 400 31.07 23.41 -17.89
C GLU C 400 31.96 23.02 -19.07
N THR C 401 32.40 24.00 -19.86
CA THR C 401 33.26 23.72 -21.01
C THR C 401 34.74 23.97 -20.72
N ASP C 402 35.29 23.23 -19.76
CA ASP C 402 36.66 23.48 -19.29
C ASP C 402 37.68 22.52 -19.93
N ARG C 403 37.23 21.74 -20.90
CA ARG C 403 38.14 20.85 -21.60
C ARG C 403 38.38 21.31 -23.03
N VAL C 404 37.97 22.55 -23.31
CA VAL C 404 38.09 23.10 -24.65
C VAL C 404 39.51 23.17 -25.19
N GLU C 405 40.44 23.72 -24.41
CA GLU C 405 41.77 23.93 -24.97
C GLU C 405 42.57 22.63 -25.03
N ALA C 406 42.27 21.68 -24.15
CA ALA C 406 42.89 20.37 -24.25
C ALA C 406 42.47 19.69 -25.56
N LEU C 407 41.20 19.83 -25.88
CA LEU C 407 40.66 19.26 -27.12
C LEU C 407 41.25 19.96 -28.33
N ARG C 408 41.33 21.28 -28.26
CA ARG C 408 41.88 22.07 -29.36
C ARG C 408 43.34 21.75 -29.60
N ARG C 409 44.09 21.53 -28.52
CA ARG C 409 45.48 21.13 -28.65
C ARG C 409 45.62 19.72 -29.20
N GLU C 410 44.78 18.79 -28.77
CA GLU C 410 44.83 17.43 -29.33
C GLU C 410 44.48 17.44 -30.82
N ALA C 411 43.55 18.31 -31.20
CA ALA C 411 43.20 18.51 -32.60
C ALA C 411 44.28 19.33 -33.30
N GLY C 412 44.77 20.37 -32.62
CA GLY C 412 45.73 21.28 -33.20
C GLY C 412 45.09 22.61 -33.60
N MET D 19 33.60 5.94 -45.31
CA MET D 19 32.67 4.82 -45.23
C MET D 19 33.40 3.54 -44.88
N ARG D 20 34.68 3.46 -45.22
CA ARG D 20 35.47 2.27 -44.95
C ARG D 20 35.88 2.22 -43.49
N ALA D 21 35.59 3.32 -42.80
CA ALA D 21 35.97 3.47 -41.40
C ALA D 21 35.00 2.68 -40.51
N LEU D 22 35.46 2.34 -39.32
CA LEU D 22 34.75 1.39 -38.47
C LEU D 22 34.01 2.00 -37.29
N ARG D 23 32.75 1.61 -37.10
CA ARG D 23 31.95 2.20 -36.02
C ARG D 23 31.47 1.19 -34.99
N LEU D 24 31.37 1.57 -33.72
CA LEU D 24 30.80 0.65 -32.74
C LEU D 24 29.36 1.04 -32.41
N VAL D 25 28.42 0.11 -32.58
CA VAL D 25 27.01 0.36 -32.32
C VAL D 25 26.46 -0.64 -31.30
N THR D 26 25.95 -0.15 -30.17
CA THR D 26 25.52 -1.02 -29.07
C THR D 26 24.02 -0.93 -28.80
N SER D 27 23.40 -2.08 -28.58
CA SER D 27 22.00 -2.11 -28.19
C SER D 27 21.79 -3.25 -27.20
N GLU D 28 20.71 -3.18 -26.42
CA GLU D 28 20.49 -4.19 -25.38
C GLU D 28 19.01 -4.54 -25.17
N SER D 29 18.80 -5.68 -24.52
CA SER D 29 17.48 -6.22 -24.24
C SER D 29 17.45 -6.86 -22.85
N VAL D 30 16.24 -7.08 -22.33
CA VAL D 30 16.06 -7.82 -21.09
C VAL D 30 15.05 -8.94 -21.30
N THR D 31 15.09 -9.97 -20.46
CA THR D 31 14.09 -11.03 -20.55
C THR D 31 12.76 -10.62 -19.94
N GLU D 32 11.75 -11.47 -20.12
CA GLU D 32 10.43 -11.22 -19.57
C GLU D 32 10.45 -11.22 -18.04
N GLY D 33 11.52 -11.75 -17.46
CA GLY D 33 11.64 -11.85 -16.01
C GLY D 33 12.23 -10.61 -15.35
N HIS D 34 12.67 -9.66 -16.17
CA HIS D 34 13.19 -8.41 -15.64
C HIS D 34 12.02 -7.66 -14.98
N PRO D 35 12.25 -7.06 -13.80
CA PRO D 35 11.16 -6.43 -13.05
C PRO D 35 10.43 -5.33 -13.83
N ASP D 36 11.17 -4.54 -14.60
CA ASP D 36 10.57 -3.52 -15.45
C ASP D 36 9.63 -4.19 -16.49
N LYS D 37 10.12 -5.26 -17.09
CA LYS D 37 9.34 -5.97 -18.08
C LYS D 37 8.20 -6.73 -17.44
N LEU D 38 8.38 -7.13 -16.19
CA LEU D 38 7.30 -7.80 -15.48
C LEU D 38 6.17 -6.81 -15.21
N ALA D 39 6.53 -5.58 -14.85
CA ALA D 39 5.55 -4.52 -14.68
C ALA D 39 4.81 -4.23 -15.98
N ASP D 40 5.55 -4.17 -17.08
CA ASP D 40 4.96 -3.94 -18.40
C ASP D 40 3.96 -5.04 -18.73
N ARG D 41 4.35 -6.28 -18.49
CA ARG D 41 3.47 -7.42 -18.76
C ARG D 41 2.23 -7.41 -17.88
N ILE D 42 2.38 -7.07 -16.60
CA ILE D 42 1.23 -7.00 -15.71
C ILE D 42 0.26 -5.93 -16.22
N SER D 43 0.80 -4.78 -16.58
CA SER D 43 0.02 -3.67 -17.08
C SER D 43 -0.73 -4.05 -18.36
N ASP D 44 -0.04 -4.71 -19.30
CA ASP D 44 -0.69 -5.12 -20.55
C ASP D 44 -1.69 -6.26 -20.37
N ALA D 45 -1.45 -7.13 -19.40
CA ALA D 45 -2.40 -8.21 -19.09
C ALA D 45 -3.70 -7.64 -18.57
N ILE D 46 -3.59 -6.62 -17.72
CA ILE D 46 -4.78 -5.95 -17.22
C ILE D 46 -5.56 -5.35 -18.39
N LEU D 47 -4.83 -4.70 -19.28
CA LEU D 47 -5.44 -4.06 -20.43
C LEU D 47 -6.16 -5.08 -21.31
N ASP D 48 -5.51 -6.22 -21.53
CA ASP D 48 -6.07 -7.28 -22.36
C ASP D 48 -7.36 -7.80 -21.76
N ALA D 49 -7.33 -8.08 -20.46
CA ALA D 49 -8.50 -8.62 -19.79
C ALA D 49 -9.65 -7.62 -19.85
N LEU D 50 -9.36 -6.34 -19.63
CA LEU D 50 -10.42 -5.35 -19.68
C LEU D 50 -11.04 -5.14 -21.07
N ILE D 51 -10.21 -5.03 -22.10
CA ILE D 51 -10.77 -4.76 -23.41
C ILE D 51 -11.41 -6.01 -24.03
N ALA D 52 -10.98 -7.18 -23.58
CA ALA D 52 -11.60 -8.42 -24.03
C ALA D 52 -13.10 -8.38 -23.72
N GLN D 53 -13.42 -7.85 -22.55
CA GLN D 53 -14.81 -7.67 -22.12
C GLN D 53 -15.46 -6.41 -22.66
N ASP D 54 -14.68 -5.36 -22.86
CA ASP D 54 -15.18 -4.08 -23.35
C ASP D 54 -14.23 -3.45 -24.36
N LYS D 55 -14.68 -3.23 -25.59
CA LYS D 55 -13.72 -2.85 -26.62
C LYS D 55 -13.40 -1.36 -26.64
N LYS D 56 -14.21 -0.55 -25.96
CA LYS D 56 -13.88 0.86 -25.81
C LYS D 56 -13.40 1.23 -24.40
N ALA D 57 -13.01 0.22 -23.64
CA ALA D 57 -12.49 0.44 -22.30
C ALA D 57 -11.21 1.26 -22.38
N ARG D 58 -11.09 2.27 -21.52
CA ARG D 58 -9.94 3.14 -21.49
C ARG D 58 -9.03 2.83 -20.31
N VAL D 59 -7.81 2.47 -20.63
CA VAL D 59 -6.91 1.96 -19.63
C VAL D 59 -5.59 2.71 -19.68
N ALA D 60 -5.17 3.17 -18.51
CA ALA D 60 -3.80 3.64 -18.31
C ALA D 60 -3.33 3.02 -17.01
N ALA D 61 -2.86 1.78 -17.09
CA ALA D 61 -2.51 1.05 -15.87
C ALA D 61 -1.00 1.01 -15.67
N GLU D 62 -0.59 1.45 -14.50
CA GLU D 62 0.80 1.52 -14.11
C GLU D 62 1.06 0.51 -13.01
N THR D 63 2.14 -0.24 -13.15
CA THR D 63 2.49 -1.27 -12.20
C THR D 63 3.83 -0.98 -11.56
N LEU D 64 3.86 -1.04 -10.24
CA LEU D 64 5.09 -0.94 -9.49
C LEU D 64 5.35 -2.32 -8.92
N VAL D 65 6.58 -2.78 -9.06
CA VAL D 65 6.97 -4.11 -8.63
C VAL D 65 8.23 -4.06 -7.77
N THR D 66 8.14 -4.67 -6.59
CA THR D 66 9.24 -4.58 -5.63
C THR D 66 9.14 -5.75 -4.67
N THR D 67 10.02 -5.80 -3.66
CA THR D 67 10.11 -6.97 -2.79
C THR D 67 8.76 -7.33 -2.19
N GLY D 68 8.26 -8.53 -2.54
CA GLY D 68 7.04 -9.04 -1.98
C GLY D 68 5.77 -8.38 -2.47
N LEU D 69 5.91 -7.41 -3.39
CA LEU D 69 4.77 -6.57 -3.74
C LEU D 69 4.60 -6.32 -5.24
N VAL D 70 3.36 -6.46 -5.69
CA VAL D 70 2.87 -5.88 -6.93
C VAL D 70 1.82 -4.84 -6.58
N PHE D 71 2.06 -3.62 -7.00
CA PHE D 71 1.20 -2.50 -6.71
C PHE D 71 0.65 -1.94 -8.00
N VAL D 72 -0.67 -2.02 -8.20
CA VAL D 72 -1.26 -1.53 -9.42
C VAL D 72 -2.05 -0.25 -9.18
N ALA D 73 -1.70 0.79 -9.94
CA ALA D 73 -2.30 2.10 -9.85
C ALA D 73 -2.60 2.58 -11.26
N GLY D 74 -3.35 3.66 -11.40
CA GLY D 74 -3.58 4.21 -12.72
C GLY D 74 -5.04 4.51 -12.93
N GLU D 75 -5.46 4.67 -14.18
CA GLU D 75 -6.85 5.05 -14.41
C GLU D 75 -7.54 4.04 -15.31
N ILE D 76 -8.75 3.66 -14.92
CA ILE D 76 -9.51 2.66 -15.67
C ILE D 76 -10.94 3.12 -15.86
N THR D 77 -11.36 2.99 -17.11
CA THR D 77 -12.67 3.37 -17.62
C THR D 77 -13.38 2.22 -18.36
N THR D 78 -14.33 1.54 -17.70
CA THR D 78 -14.94 0.33 -18.29
C THR D 78 -16.31 -0.14 -17.75
N GLU D 79 -16.97 -1.03 -18.51
CA GLU D 79 -18.15 -1.78 -18.09
C GLU D 79 -17.83 -3.23 -17.90
N GLY D 80 -16.55 -3.53 -17.76
CA GLY D 80 -16.17 -4.89 -17.49
C GLY D 80 -15.66 -5.02 -16.08
N TYR D 81 -15.45 -6.27 -15.68
CA TYR D 81 -14.74 -6.52 -14.45
C TYR D 81 -13.60 -7.48 -14.67
N VAL D 82 -12.45 -7.10 -14.14
CA VAL D 82 -11.30 -7.98 -14.12
C VAL D 82 -10.89 -8.13 -12.67
N ASP D 83 -10.65 -9.36 -12.24
CA ASP D 83 -10.17 -9.56 -10.89
C ASP D 83 -8.66 -9.37 -10.94
N ILE D 84 -8.20 -8.20 -10.51
CA ILE D 84 -6.81 -7.82 -10.65
C ILE D 84 -5.84 -8.75 -9.90
N PRO D 85 -6.11 -9.08 -8.62
CA PRO D 85 -5.10 -9.91 -7.94
C PRO D 85 -4.83 -11.28 -8.59
N ASN D 86 -5.87 -12.00 -9.02
CA ASN D 86 -5.65 -13.31 -9.65
C ASN D 86 -4.96 -13.15 -11.02
N LEU D 87 -5.31 -12.08 -11.74
CA LEU D 87 -4.69 -11.82 -13.03
C LEU D 87 -3.21 -11.53 -12.85
N VAL D 88 -2.89 -10.75 -11.82
CA VAL D 88 -1.52 -10.43 -11.50
C VAL D 88 -0.74 -11.70 -11.13
N ARG D 89 -1.33 -12.54 -10.29
CA ARG D 89 -0.64 -13.77 -9.87
C ARG D 89 -0.44 -14.75 -11.04
N LYS D 90 -1.45 -14.89 -11.88
CA LYS D 90 -1.33 -15.74 -13.07
C LYS D 90 -0.21 -15.23 -13.97
N THR D 91 -0.21 -13.92 -14.18
CA THR D 91 0.80 -13.28 -15.01
C THR D 91 2.22 -13.45 -14.47
N VAL D 92 2.36 -13.32 -13.15
CA VAL D 92 3.65 -13.53 -12.51
C VAL D 92 4.07 -14.98 -12.67
N ARG D 93 3.11 -15.91 -12.61
CA ARG D 93 3.45 -17.33 -12.79
C ARG D 93 3.96 -17.60 -14.20
N GLU D 94 3.34 -16.98 -15.20
CA GLU D 94 3.75 -17.25 -16.58
C GLU D 94 5.21 -16.92 -16.87
N VAL D 95 5.74 -15.84 -16.30
CA VAL D 95 7.13 -15.47 -16.57
C VAL D 95 8.11 -16.26 -15.68
N GLY D 96 7.58 -17.04 -14.75
CA GLY D 96 8.38 -18.04 -14.07
C GLY D 96 8.65 -17.87 -12.58
N TYR D 97 8.09 -16.84 -11.97
CA TYR D 97 8.32 -16.61 -10.55
C TYR D 97 7.33 -17.43 -9.71
N THR D 98 7.69 -18.69 -9.46
CA THR D 98 6.79 -19.62 -8.79
C THR D 98 7.29 -20.12 -7.44
N ARG D 99 8.54 -19.84 -7.10
CA ARG D 99 9.10 -20.19 -5.79
C ARG D 99 9.87 -19.02 -5.21
N ALA D 100 9.87 -18.96 -3.88
CA ALA D 100 10.56 -17.92 -3.14
C ALA D 100 12.05 -17.86 -3.48
N LYS D 101 12.61 -19.01 -3.85
CA LYS D 101 14.04 -19.13 -4.14
C LYS D 101 14.50 -18.19 -5.27
N TYR D 102 13.59 -17.94 -6.22
CA TYR D 102 13.87 -17.07 -7.36
C TYR D 102 13.89 -15.59 -6.98
N GLY D 103 13.40 -15.29 -5.79
CA GLY D 103 13.38 -13.93 -5.26
C GLY D 103 11.99 -13.33 -5.33
N PHE D 104 11.12 -13.96 -6.11
CA PHE D 104 9.74 -13.53 -6.22
C PHE D 104 8.83 -14.72 -6.50
N ASP D 105 7.62 -14.70 -5.95
CA ASP D 105 6.72 -15.85 -6.02
C ASP D 105 5.27 -15.38 -6.16
N ALA D 106 4.58 -15.92 -7.17
CA ALA D 106 3.22 -15.50 -7.50
C ALA D 106 2.22 -15.81 -6.40
N ASP D 107 2.45 -16.91 -5.70
CA ASP D 107 1.56 -17.36 -4.63
C ASP D 107 1.69 -16.56 -3.32
N THR D 108 2.89 -16.12 -2.99
CA THR D 108 3.13 -15.54 -1.67
C THR D 108 3.30 -14.02 -1.66
N CYS D 109 3.38 -13.40 -2.84
CA CYS D 109 3.58 -11.95 -2.91
C CYS D 109 2.30 -11.18 -2.61
N ALA D 110 2.45 -9.93 -2.21
CA ALA D 110 1.30 -9.06 -1.97
C ALA D 110 0.87 -8.40 -3.28
N VAL D 111 -0.44 -8.31 -3.49
CA VAL D 111 -0.96 -7.57 -4.64
C VAL D 111 -1.86 -6.44 -4.18
N LEU D 112 -1.43 -5.20 -4.45
CA LEU D 112 -2.15 -4.01 -4.01
C LEU D 112 -2.79 -3.28 -5.18
N THR D 113 -4.00 -2.76 -4.96
CA THR D 113 -4.71 -2.04 -6.02
C THR D 113 -5.11 -0.65 -5.58
N ALA D 114 -4.74 0.35 -6.37
CA ALA D 114 -5.16 1.73 -6.18
C ALA D 114 -5.57 2.33 -7.53
N ILE D 115 -6.63 1.76 -8.12
CA ILE D 115 -7.07 2.16 -9.45
C ILE D 115 -8.32 3.02 -9.39
N ASP D 116 -8.32 4.16 -10.09
CA ASP D 116 -9.54 4.94 -10.23
C ASP D 116 -10.35 4.21 -11.28
N GLU D 117 -11.27 3.35 -10.86
CA GLU D 117 -12.05 2.70 -11.89
C GLU D 117 -13.48 3.15 -11.94
N GLN D 118 -13.78 3.60 -13.14
CA GLN D 118 -14.98 4.28 -13.51
C GLN D 118 -15.60 3.58 -14.70
N SER D 119 -16.91 3.52 -14.68
CA SER D 119 -17.69 3.35 -15.86
C SER D 119 -17.77 4.79 -16.39
N PRO D 120 -18.15 4.93 -17.65
CA PRO D 120 -18.46 6.23 -18.29
C PRO D 120 -19.83 6.75 -17.86
N ASP D 121 -20.34 6.04 -16.88
CA ASP D 121 -21.54 6.31 -16.13
C ASP D 121 -21.32 7.66 -15.45
N ILE D 122 -20.09 7.80 -14.99
CA ILE D 122 -19.49 9.07 -14.63
C ILE D 122 -18.13 8.99 -15.31
N ALA D 123 -17.50 10.13 -15.54
CA ALA D 123 -16.47 10.18 -16.54
C ALA D 123 -17.20 10.48 -17.83
N GLY D 124 -16.56 10.21 -18.94
CA GLY D 124 -17.18 10.33 -20.24
C GLY D 124 -16.48 9.50 -21.27
N GLY D 125 -17.12 9.40 -22.43
CA GLY D 125 -16.43 8.89 -23.60
C GLY D 125 -15.41 9.96 -23.91
N VAL D 126 -14.44 9.71 -24.80
CA VAL D 126 -13.52 10.79 -25.13
C VAL D 126 -14.31 11.98 -25.67
N ASN D 127 -13.92 13.17 -25.24
CA ASN D 127 -14.64 14.34 -25.67
C ASN D 127 -14.18 14.69 -27.07
N LEU D 128 -14.84 15.67 -27.67
CA LEU D 128 -14.70 15.89 -29.09
C LEU D 128 -13.35 16.52 -29.38
N SER D 129 -12.80 16.17 -30.54
CA SER D 129 -11.51 16.67 -30.96
C SER D 129 -11.61 18.15 -31.29
N TYR D 130 -10.44 18.79 -31.41
CA TYR D 130 -10.38 20.19 -31.73
C TYR D 130 -11.06 20.47 -33.08
N GLU D 131 -10.80 19.62 -34.08
CA GLU D 131 -11.41 19.84 -35.40
C GLU D 131 -12.93 19.61 -35.37
N TRP D 132 -13.42 18.88 -34.36
CA TRP D 132 -14.87 18.83 -34.15
C TRP D 132 -15.42 19.97 -33.32
N ARG D 133 -14.78 20.26 -32.19
CA ARG D 133 -15.30 21.29 -31.28
C ARG D 133 -15.06 22.71 -31.77
N VAL D 134 -13.84 23.01 -32.24
CA VAL D 134 -13.48 24.37 -32.60
C VAL D 134 -13.55 24.61 -34.10
N LEU D 135 -12.91 23.76 -34.89
CA LEU D 135 -13.22 23.66 -36.29
C LEU D 135 -14.55 22.93 -36.29
N LYS D 136 -15.35 23.04 -37.32
CA LYS D 136 -16.58 22.27 -37.31
C LYS D 136 -16.54 21.20 -38.39
N SER D 137 -15.85 20.12 -38.05
CA SER D 137 -15.68 18.98 -38.93
C SER D 137 -16.81 18.01 -38.65
N THR D 138 -17.43 17.49 -39.70
CA THR D 138 -18.44 16.48 -39.53
C THR D 138 -17.84 15.09 -39.71
N ASP D 139 -16.59 15.05 -40.13
CA ASP D 139 -15.88 13.79 -40.36
C ASP D 139 -15.76 13.00 -39.05
N PRO D 140 -16.34 11.79 -39.02
CA PRO D 140 -16.32 10.93 -37.83
C PRO D 140 -14.92 10.45 -37.47
N LEU D 141 -14.02 10.36 -38.45
CA LEU D 141 -12.64 10.00 -38.17
C LEU D 141 -11.89 11.17 -37.54
N ASP D 142 -12.44 12.38 -37.65
CA ASP D 142 -11.87 13.54 -36.97
C ASP D 142 -12.32 13.67 -35.52
N ARG D 143 -13.30 12.86 -35.11
CA ARG D 143 -13.98 13.08 -33.83
C ARG D 143 -13.09 12.78 -32.62
N VAL D 144 -12.19 11.81 -32.74
CA VAL D 144 -11.27 11.52 -31.64
C VAL D 144 -9.92 12.19 -31.81
N GLY D 145 -9.57 13.04 -30.84
CA GLY D 145 -8.30 13.75 -30.88
C GLY D 145 -7.24 13.04 -30.06
N ALA D 146 -5.99 13.46 -30.23
CA ALA D 146 -4.92 12.93 -29.43
C ALA D 146 -5.15 13.32 -27.97
N GLY D 147 -5.05 12.34 -27.08
CA GLY D 147 -5.26 12.56 -25.66
C GLY D 147 -4.21 13.45 -25.04
N ASP D 148 -3.02 13.45 -25.63
CA ASP D 148 -1.90 14.20 -25.10
C ASP D 148 -1.05 14.74 -26.25
N GLN D 149 -0.19 15.72 -25.95
CA GLN D 149 0.78 16.16 -26.94
C GLN D 149 1.76 15.03 -27.14
N GLY D 150 2.22 14.83 -28.38
CA GLY D 150 3.09 13.71 -28.62
C GLY D 150 4.03 13.80 -29.80
N LEU D 151 5.13 13.06 -29.72
CA LEU D 151 6.05 12.97 -30.83
C LEU D 151 6.45 11.49 -31.02
N MET D 152 6.34 11.01 -32.25
CA MET D 152 6.41 9.58 -32.54
C MET D 152 7.40 9.27 -33.66
N PHE D 153 8.12 8.16 -33.50
CA PHE D 153 9.07 7.71 -34.49
C PHE D 153 8.84 6.24 -34.85
N GLY D 154 8.86 5.96 -36.16
CA GLY D 154 8.71 4.61 -36.66
C GLY D 154 9.92 4.34 -37.52
N TYR D 155 10.45 3.12 -37.48
CA TYR D 155 11.67 2.87 -38.23
C TYR D 155 11.66 1.51 -38.91
N ALA D 156 12.30 1.45 -40.07
CA ALA D 156 12.52 0.18 -40.74
C ALA D 156 13.83 0.24 -41.53
N THR D 157 14.50 -0.90 -41.65
CA THR D 157 15.73 -0.98 -42.41
C THR D 157 15.95 -2.41 -42.88
N ASP D 158 16.55 -2.59 -44.05
CA ASP D 158 16.61 -3.91 -44.66
C ASP D 158 17.86 -4.73 -44.28
N GLU D 159 18.59 -4.26 -43.28
CA GLU D 159 19.72 -5.00 -42.72
C GLU D 159 19.31 -6.37 -42.18
N THR D 160 18.07 -6.50 -41.73
CA THR D 160 17.58 -7.78 -41.21
C THR D 160 16.25 -8.10 -41.90
N PRO D 161 15.86 -9.40 -41.93
CA PRO D 161 14.60 -9.81 -42.55
C PRO D 161 13.35 -9.19 -41.94
N GLU D 162 13.38 -8.95 -40.63
CA GLU D 162 12.25 -8.35 -39.91
C GLU D 162 12.16 -6.85 -40.18
N LEU D 163 13.08 -6.35 -40.98
CA LEU D 163 13.18 -4.94 -41.35
C LEU D 163 13.49 -4.08 -40.11
N MET D 164 14.37 -4.60 -39.26
CA MET D 164 14.78 -3.94 -38.02
C MET D 164 16.29 -3.67 -37.97
N PRO D 165 16.70 -2.69 -37.16
CA PRO D 165 18.14 -2.49 -36.93
C PRO D 165 18.74 -3.75 -36.33
N LEU D 166 19.94 -4.15 -36.75
CA LEU D 166 20.49 -5.43 -36.32
C LEU D 166 20.81 -5.53 -34.82
N PRO D 167 21.41 -4.49 -34.21
CA PRO D 167 21.82 -4.68 -32.80
C PRO D 167 20.68 -5.02 -31.84
N ILE D 168 19.60 -4.25 -31.91
CA ILE D 168 18.44 -4.54 -31.08
C ILE D 168 17.81 -5.88 -31.44
N THR D 169 17.86 -6.24 -32.72
CA THR D 169 17.30 -7.51 -33.17
C THR D 169 18.05 -8.67 -32.52
N LEU D 170 19.37 -8.60 -32.54
CA LEU D 170 20.19 -9.65 -31.97
C LEU D 170 19.97 -9.70 -30.47
N ALA D 171 19.87 -8.54 -29.82
CA ALA D 171 19.61 -8.52 -28.39
C ALA D 171 18.26 -9.19 -28.03
N HIS D 172 17.22 -8.84 -28.79
CA HIS D 172 15.90 -9.42 -28.58
C HIS D 172 15.94 -10.94 -28.80
N ARG D 173 16.65 -11.37 -29.83
CA ARG D 173 16.80 -12.82 -30.12
C ARG D 173 17.51 -13.51 -28.97
N LEU D 174 18.50 -12.84 -28.39
CA LEU D 174 19.25 -13.39 -27.27
C LEU D 174 18.38 -13.59 -26.04
N THR D 175 17.69 -12.54 -25.60
CA THR D 175 16.87 -12.67 -24.39
C THR D 175 15.68 -13.60 -24.60
N MET D 176 15.12 -13.56 -25.81
CA MET D 176 14.00 -14.42 -26.15
C MET D 176 14.47 -15.89 -26.08
N ARG D 177 15.64 -16.18 -26.63
CA ARG D 177 16.19 -17.54 -26.58
C ARG D 177 16.58 -17.98 -25.17
N LEU D 178 17.09 -17.06 -24.36
CA LEU D 178 17.42 -17.39 -22.98
C LEU D 178 16.16 -17.81 -22.22
N ALA D 179 15.07 -17.09 -22.51
CA ALA D 179 13.77 -17.43 -21.96
C ALA D 179 13.34 -18.80 -22.46
N GLU D 180 13.56 -19.07 -23.74
CA GLU D 180 13.11 -20.31 -24.35
C GLU D 180 13.86 -21.57 -23.87
N VAL D 181 15.17 -21.46 -23.69
CA VAL D 181 15.93 -22.57 -23.13
C VAL D 181 15.58 -22.77 -21.65
N ARG D 182 15.21 -21.70 -20.96
CA ARG D 182 14.74 -21.86 -19.60
C ARG D 182 13.40 -22.63 -19.55
N LYS D 183 12.44 -22.18 -20.36
CA LYS D 183 11.06 -22.70 -20.35
C LYS D 183 10.91 -24.15 -20.83
N THR D 184 11.73 -24.56 -21.79
CA THR D 184 11.62 -25.89 -22.37
C THR D 184 12.36 -26.96 -21.56
N GLY D 185 13.19 -26.52 -20.61
CA GLY D 185 13.92 -27.43 -19.74
C GLY D 185 15.32 -27.76 -20.23
N LEU D 186 15.74 -27.16 -21.35
CA LEU D 186 17.05 -27.43 -21.93
C LEU D 186 18.17 -27.04 -20.96
N LEU D 187 18.03 -25.86 -20.36
CA LEU D 187 18.92 -25.44 -19.27
C LEU D 187 18.07 -25.17 -18.04
N PRO D 188 17.77 -26.22 -17.25
CA PRO D 188 16.72 -26.17 -16.21
C PRO D 188 17.14 -25.45 -14.94
N TYR D 189 18.40 -25.02 -14.87
CA TYR D 189 18.88 -24.25 -13.72
C TYR D 189 18.63 -22.76 -13.88
N LEU D 190 18.21 -22.35 -15.07
CA LEU D 190 17.96 -20.94 -15.34
C LEU D 190 16.73 -20.43 -14.62
N ARG D 191 16.78 -19.15 -14.26
CA ARG D 191 15.69 -18.46 -13.59
C ARG D 191 15.25 -17.27 -14.47
N PRO D 192 14.09 -16.65 -14.16
CA PRO D 192 13.47 -15.74 -15.14
C PRO D 192 14.26 -14.50 -15.54
N ASP D 193 14.98 -13.89 -14.60
CA ASP D 193 15.64 -12.63 -14.89
C ASP D 193 16.82 -12.83 -15.85
N GLY D 194 17.03 -11.86 -16.73
CA GLY D 194 18.13 -11.95 -17.69
C GLY D 194 18.30 -10.69 -18.52
N LYS D 195 19.51 -10.49 -19.04
CA LYS D 195 19.85 -9.31 -19.82
C LYS D 195 20.78 -9.72 -20.95
N ALA D 196 20.72 -9.01 -22.08
CA ALA D 196 21.68 -9.25 -23.15
C ALA D 196 22.10 -7.94 -23.80
N GLN D 197 23.39 -7.84 -24.14
CA GLN D 197 23.90 -6.64 -24.79
C GLN D 197 24.73 -7.05 -26.00
N VAL D 198 24.63 -6.27 -27.07
CA VAL D 198 25.37 -6.52 -28.28
C VAL D 198 26.07 -5.25 -28.77
N THR D 199 27.37 -5.36 -29.00
CA THR D 199 28.13 -4.28 -29.63
C THR D 199 28.61 -4.74 -31.00
N VAL D 200 28.18 -4.04 -32.04
CA VAL D 200 28.42 -4.46 -33.40
C VAL D 200 29.40 -3.51 -34.12
N VAL D 201 30.25 -4.06 -34.97
CA VAL D 201 31.19 -3.30 -35.76
C VAL D 201 30.55 -2.97 -37.12
N TYR D 202 30.48 -1.69 -37.47
CA TYR D 202 29.81 -1.21 -38.68
C TYR D 202 30.67 -0.64 -39.81
N GLU D 203 30.31 -1.10 -41.01
CA GLU D 203 30.76 -0.57 -42.30
C GLU D 203 29.88 0.61 -42.55
N GLY D 204 30.43 1.74 -42.11
CA GLY D 204 29.68 2.97 -41.94
C GLY D 204 28.28 2.62 -41.49
N ASP D 205 27.47 2.26 -42.48
CA ASP D 205 26.09 1.85 -42.27
C ASP D 205 25.71 0.35 -42.12
N LYS D 206 26.41 -0.60 -42.76
CA LYS D 206 26.02 -2.04 -42.62
C LYS D 206 26.88 -2.84 -41.63
N PRO D 207 26.24 -3.65 -40.77
CA PRO D 207 27.00 -4.47 -39.80
C PRO D 207 27.91 -5.52 -40.41
N LEU D 208 29.08 -5.69 -39.79
CA LEU D 208 30.05 -6.67 -40.21
C LEU D 208 30.00 -7.88 -39.27
N TYR D 209 30.28 -7.63 -38.00
CA TYR D 209 30.29 -8.69 -37.00
C TYR D 209 30.04 -8.12 -35.60
N VAL D 210 29.77 -9.01 -34.65
CA VAL D 210 29.56 -8.60 -33.26
C VAL D 210 30.89 -8.51 -32.53
N LYS D 211 31.26 -7.33 -32.08
CA LYS D 211 32.49 -7.19 -31.32
C LYS D 211 32.33 -7.83 -29.93
N THR D 212 31.22 -7.53 -29.27
CA THR D 212 30.99 -8.03 -27.91
C THR D 212 29.55 -8.51 -27.70
N VAL D 213 29.42 -9.68 -27.06
CA VAL D 213 28.13 -10.13 -26.57
C VAL D 213 28.21 -10.28 -25.06
N VAL D 214 27.23 -9.71 -24.37
CA VAL D 214 27.14 -9.91 -22.93
C VAL D 214 25.79 -10.52 -22.60
N VAL D 215 25.82 -11.67 -21.94
CA VAL D 215 24.59 -12.27 -21.45
C VAL D 215 24.68 -12.38 -19.93
N SER D 216 23.73 -11.77 -19.23
CA SER D 216 23.61 -11.97 -17.79
C SER D 216 22.35 -12.76 -17.53
N ALA D 217 22.51 -13.95 -16.98
CA ALA D 217 21.36 -14.82 -16.76
C ALA D 217 21.21 -15.19 -15.30
N GLN D 218 19.98 -15.13 -14.81
CA GLN D 218 19.70 -15.56 -13.46
C GLN D 218 19.75 -17.07 -13.45
N HIS D 219 20.36 -17.64 -12.43
CA HIS D 219 20.55 -19.08 -12.39
C HIS D 219 20.61 -19.59 -10.96
N SER D 220 20.42 -20.88 -10.80
CA SER D 220 20.57 -21.50 -9.48
C SER D 220 22.04 -21.47 -9.12
N PRO D 221 22.35 -21.39 -7.81
CA PRO D 221 23.75 -21.35 -7.39
C PRO D 221 24.45 -22.71 -7.53
N GLU D 222 23.69 -23.75 -7.86
CA GLU D 222 24.23 -25.09 -8.11
C GLU D 222 25.20 -25.16 -9.30
N VAL D 223 24.98 -24.31 -10.31
CA VAL D 223 25.74 -24.33 -11.56
C VAL D 223 26.87 -23.32 -11.47
N GLU D 224 28.00 -23.55 -12.16
CA GLU D 224 29.06 -22.56 -12.10
C GLU D 224 29.38 -21.97 -13.48
N GLN D 225 30.25 -20.96 -13.47
CA GLN D 225 30.34 -19.95 -14.51
C GLN D 225 30.94 -20.45 -15.79
N GLU D 226 31.64 -21.58 -15.76
CA GLU D 226 32.27 -22.03 -16.99
C GLU D 226 31.35 -23.04 -17.67
N GLN D 227 30.50 -23.70 -16.88
CA GLN D 227 29.43 -24.51 -17.45
C GLN D 227 28.32 -23.58 -17.90
N LEU D 228 28.13 -22.51 -17.14
CA LEU D 228 27.16 -21.49 -17.49
C LEU D 228 27.62 -20.87 -18.79
N ARG D 229 28.91 -20.60 -18.87
CA ARG D 229 29.46 -19.93 -20.04
C ARG D 229 29.34 -20.82 -21.27
N GLU D 230 29.74 -22.08 -21.17
CA GLU D 230 29.63 -22.99 -22.33
C GLU D 230 28.19 -23.20 -22.75
N ASP D 231 27.31 -23.40 -21.77
CA ASP D 231 25.89 -23.65 -22.05
C ASP D 231 25.24 -22.46 -22.73
N LEU D 232 25.53 -21.27 -22.23
CA LEU D 232 24.94 -20.05 -22.78
C LEU D 232 25.53 -19.71 -24.15
N ILE D 233 26.83 -19.91 -24.34
CA ILE D 233 27.43 -19.64 -25.64
C ILE D 233 26.92 -20.61 -26.70
N ARG D 234 26.85 -21.91 -26.38
CA ARG D 234 26.43 -22.86 -27.41
C ARG D 234 24.89 -22.95 -27.59
N GLU D 235 24.12 -22.86 -26.52
CA GLU D 235 22.67 -23.03 -26.61
C GLU D 235 21.91 -21.71 -26.78
N VAL D 236 22.53 -20.59 -26.43
CA VAL D 236 21.84 -19.32 -26.55
C VAL D 236 22.47 -18.41 -27.61
N VAL D 237 23.74 -18.05 -27.43
CA VAL D 237 24.38 -17.08 -28.30
C VAL D 237 24.52 -17.56 -29.75
N ARG D 238 25.02 -18.77 -29.96
CA ARG D 238 25.24 -19.26 -31.31
C ARG D 238 23.94 -19.61 -32.03
N GLN D 239 22.88 -19.95 -31.29
CA GLN D 239 21.57 -20.15 -31.93
C GLN D 239 20.97 -18.81 -32.32
N ALA D 240 20.99 -17.85 -31.40
CA ALA D 240 20.30 -16.57 -31.60
C ALA D 240 21.01 -15.64 -32.57
N ILE D 241 22.33 -15.72 -32.63
CA ILE D 241 23.09 -14.88 -33.53
C ILE D 241 23.59 -15.72 -34.69
N PRO D 242 23.29 -15.29 -35.92
CA PRO D 242 23.72 -16.01 -37.12
C PRO D 242 25.24 -16.10 -37.19
N PRO D 243 25.76 -17.24 -37.68
CA PRO D 243 27.20 -17.51 -37.69
C PRO D 243 27.97 -16.48 -38.50
N GLU D 244 27.28 -15.86 -39.46
CA GLU D 244 27.87 -14.83 -40.32
C GLU D 244 28.43 -13.66 -39.50
N TYR D 245 27.73 -13.27 -38.43
CA TYR D 245 28.13 -12.15 -37.58
C TYR D 245 29.08 -12.53 -36.42
N LEU D 246 29.29 -13.83 -36.21
CA LEU D 246 30.21 -14.30 -35.18
C LEU D 246 31.56 -14.67 -35.80
N LYS D 247 32.61 -14.04 -35.31
CA LYS D 247 33.95 -14.14 -35.88
C LYS D 247 34.97 -14.64 -34.84
N ASP D 248 35.56 -15.80 -35.10
CA ASP D 248 36.48 -16.43 -34.15
C ASP D 248 37.73 -15.58 -33.91
N GLY D 249 38.00 -15.27 -32.64
CA GLY D 249 39.18 -14.51 -32.25
C GLY D 249 38.95 -13.02 -32.06
N GLU D 250 37.84 -12.51 -32.60
CA GLU D 250 37.50 -11.09 -32.49
C GLU D 250 36.21 -10.81 -31.72
N THR D 251 35.26 -11.74 -31.74
CA THR D 251 34.04 -11.54 -30.97
C THR D 251 34.25 -12.05 -29.55
N GLU D 252 33.95 -11.19 -28.59
CA GLU D 252 34.19 -11.49 -27.19
C GLU D 252 32.89 -11.87 -26.50
N TYR D 253 32.91 -12.98 -25.79
CA TYR D 253 31.74 -13.44 -25.08
C TYR D 253 31.89 -13.20 -23.60
N LEU D 254 31.03 -12.36 -23.06
CA LEU D 254 31.00 -12.12 -21.63
C LEU D 254 29.74 -12.76 -21.09
N ILE D 255 29.92 -13.71 -20.19
CA ILE D 255 28.81 -14.39 -19.54
C ILE D 255 28.82 -14.07 -18.05
N ASN D 256 27.78 -13.39 -17.60
CA ASN D 256 27.68 -12.95 -16.21
C ASN D 256 28.94 -12.27 -15.69
N PRO D 257 29.37 -11.19 -16.36
CA PRO D 257 30.61 -10.52 -15.99
C PRO D 257 30.54 -9.82 -14.63
N SER D 258 29.39 -9.90 -14.02
CA SER D 258 29.16 -9.23 -12.77
C SER D 258 29.20 -10.14 -11.58
N GLY D 259 29.64 -11.37 -11.78
CA GLY D 259 29.57 -12.33 -10.72
C GLY D 259 28.21 -12.95 -10.80
N ARG D 260 27.88 -13.81 -9.86
CA ARG D 260 26.69 -14.62 -9.96
C ARG D 260 25.40 -13.86 -9.89
N PHE D 261 24.40 -14.41 -10.54
CA PHE D 261 23.11 -13.79 -10.72
C PHE D 261 22.08 -14.78 -10.14
N ILE D 262 22.12 -14.96 -8.83
CA ILE D 262 21.23 -15.89 -8.13
C ILE D 262 19.85 -15.29 -7.89
N LEU D 263 19.85 -14.07 -7.40
CA LEU D 263 18.62 -13.38 -7.05
C LEU D 263 18.26 -12.34 -8.11
N GLY D 264 17.01 -12.33 -8.53
CA GLY D 264 16.60 -11.46 -9.62
C GLY D 264 15.16 -11.01 -9.48
N GLY D 265 14.71 -10.23 -10.45
CA GLY D 265 13.34 -9.76 -10.42
C GLY D 265 13.15 -8.68 -9.38
N PRO D 266 11.91 -8.56 -8.88
CA PRO D 266 11.43 -7.52 -7.97
C PRO D 266 12.25 -7.41 -6.68
N HIS D 267 12.88 -8.49 -6.24
CA HIS D 267 13.61 -8.48 -4.98
C HIS D 267 14.94 -7.71 -5.07
N ALA D 268 15.64 -7.87 -6.19
CA ALA D 268 16.87 -7.14 -6.44
C ALA D 268 16.61 -5.68 -6.80
N ASP D 269 15.62 -5.45 -7.65
CA ASP D 269 15.40 -4.14 -8.26
C ASP D 269 13.93 -3.79 -8.24
N THR D 270 13.63 -2.50 -8.25
CA THR D 270 12.26 -2.06 -8.34
C THR D 270 11.86 -1.94 -9.80
N GLY D 271 10.68 -2.44 -10.14
CA GLY D 271 10.22 -2.42 -11.52
C GLY D 271 9.01 -1.55 -11.70
N LEU D 272 9.02 -0.75 -12.76
CA LEU D 272 7.94 0.17 -13.07
C LEU D 272 7.51 0.02 -14.52
N THR D 273 6.25 0.30 -14.80
CA THR D 273 5.75 0.31 -16.15
C THR D 273 6.43 1.42 -16.95
N GLY D 274 6.83 1.11 -18.17
CA GLY D 274 7.36 2.12 -19.08
C GLY D 274 8.76 2.64 -18.80
N ARG D 275 9.61 1.76 -18.27
CA ARG D 275 10.99 2.12 -17.97
C ARG D 275 11.98 1.35 -18.86
N LYS D 276 11.45 0.78 -19.94
CA LYS D 276 12.24 0.06 -20.94
C LYS D 276 11.80 0.44 -22.35
N ILE D 277 11.49 1.71 -22.57
CA ILE D 277 10.87 2.14 -23.82
C ILE D 277 11.77 2.01 -25.05
N ILE D 278 13.09 2.12 -24.86
CA ILE D 278 14.05 1.90 -25.95
C ILE D 278 14.20 0.42 -26.30
N VAL D 279 14.19 -0.44 -25.28
CA VAL D 279 14.15 -1.88 -25.50
C VAL D 279 12.85 -2.24 -26.23
N ASP D 280 11.79 -1.50 -25.91
CA ASP D 280 10.50 -1.71 -26.52
C ASP D 280 10.52 -1.38 -28.01
N THR D 281 11.35 -0.44 -28.39
CA THR D 281 11.38 0.08 -29.75
C THR D 281 12.56 -0.34 -30.64
N TYR D 282 13.46 0.58 -30.92
CA TYR D 282 14.57 0.33 -31.83
C TYR D 282 15.95 0.21 -31.24
N GLY D 283 16.06 0.23 -29.93
CA GLY D 283 17.33 0.00 -29.29
C GLY D 283 18.39 1.07 -29.50
N GLY D 284 17.93 2.29 -29.78
CA GLY D 284 18.83 3.42 -29.90
C GLY D 284 19.26 3.75 -31.31
N ALA D 285 18.73 3.04 -32.30
CA ALA D 285 19.06 3.34 -33.68
C ALA D 285 18.55 4.72 -34.08
N VAL D 286 17.39 5.10 -33.56
CA VAL D 286 16.73 6.32 -33.99
C VAL D 286 16.19 7.09 -32.77
N PRO D 287 15.76 8.35 -32.97
CA PRO D 287 15.19 9.08 -31.85
C PRO D 287 13.92 8.46 -31.29
N HIS D 288 13.54 8.88 -30.10
CA HIS D 288 12.32 8.42 -29.44
C HIS D 288 11.55 9.62 -28.90
N GLY D 289 10.23 9.51 -28.82
CA GLY D 289 9.40 10.61 -28.36
C GLY D 289 9.06 10.66 -26.88
N GLY D 290 9.34 9.58 -26.16
CA GLY D 290 9.17 9.57 -24.72
C GLY D 290 7.99 8.81 -24.18
N GLY D 291 7.08 8.41 -25.06
CA GLY D 291 5.91 7.68 -24.62
C GLY D 291 6.17 6.23 -24.28
N ALA D 292 5.44 5.72 -23.31
CA ALA D 292 5.48 4.32 -22.95
C ALA D 292 4.28 3.62 -23.59
N PHE D 293 4.42 2.32 -23.85
CA PHE D 293 3.36 1.55 -24.48
C PHE D 293 2.44 0.86 -23.48
N SER D 294 3.02 0.11 -22.56
CA SER D 294 2.25 -0.84 -21.77
C SER D 294 1.29 -0.16 -20.81
N GLY D 295 0.14 -0.81 -20.61
CA GLY D 295 -0.92 -0.32 -19.74
C GLY D 295 -1.86 0.67 -20.42
N LYS D 296 -1.63 0.95 -21.70
CA LYS D 296 -2.40 1.96 -22.42
C LYS D 296 -3.25 1.36 -23.53
N ASP D 297 -4.53 1.72 -23.55
CA ASP D 297 -5.43 1.31 -24.61
C ASP D 297 -5.11 2.10 -25.89
N PRO D 298 -5.57 1.61 -27.06
CA PRO D 298 -5.19 2.22 -28.35
C PRO D 298 -5.57 3.69 -28.55
N THR D 299 -6.43 4.26 -27.71
CA THR D 299 -6.77 5.67 -27.88
C THR D 299 -5.64 6.59 -27.41
N LYS D 300 -4.64 6.01 -26.74
CA LYS D 300 -3.45 6.78 -26.39
C LYS D 300 -2.49 6.75 -27.58
N VAL D 301 -2.29 7.92 -28.19
CA VAL D 301 -1.51 8.01 -29.42
C VAL D 301 -0.05 7.61 -29.23
N ASP D 302 0.44 7.72 -28.00
CA ASP D 302 1.80 7.32 -27.67
C ASP D 302 2.02 5.88 -28.13
N ARG D 303 1.00 5.05 -27.93
CA ARG D 303 1.07 3.66 -28.36
C ARG D 303 0.64 3.46 -29.83
N SER D 304 -0.59 3.82 -30.16
CA SER D 304 -1.17 3.50 -31.46
C SER D 304 -0.46 4.20 -32.62
N ALA D 305 -0.12 5.48 -32.44
CA ALA D 305 0.60 6.22 -33.47
C ALA D 305 2.04 5.73 -33.64
N SER D 306 2.67 5.23 -32.59
CA SER D 306 4.01 4.67 -32.73
C SER D 306 3.95 3.35 -33.50
N TYR D 307 2.95 2.54 -33.18
CA TYR D 307 2.73 1.30 -33.91
C TYR D 307 2.50 1.60 -35.38
N TYR D 308 1.66 2.60 -35.62
CA TYR D 308 1.31 3.03 -36.96
C TYR D 308 2.53 3.59 -37.70
N ALA D 309 3.39 4.29 -36.98
CA ALA D 309 4.60 4.84 -37.59
C ALA D 309 5.51 3.69 -38.05
N ARG D 310 5.63 2.67 -37.20
CA ARG D 310 6.38 1.48 -37.55
C ARG D 310 5.77 0.79 -38.77
N TYR D 311 4.44 0.76 -38.80
CA TYR D 311 3.68 0.17 -39.88
C TYR D 311 4.00 0.86 -41.21
N MET D 312 3.97 2.20 -41.21
CA MET D 312 4.29 2.96 -42.40
C MET D 312 5.71 2.74 -42.85
N ALA D 313 6.66 2.85 -41.92
CA ALA D 313 8.08 2.73 -42.28
C ALA D 313 8.35 1.35 -42.87
N LYS D 314 7.80 0.32 -42.22
CA LYS D 314 8.02 -1.05 -42.64
C LYS D 314 7.43 -1.31 -44.02
N ASN D 315 6.24 -0.75 -44.27
CA ASN D 315 5.62 -0.86 -45.58
C ASN D 315 6.43 -0.16 -46.66
N ILE D 316 6.93 1.03 -46.32
CA ILE D 316 7.75 1.82 -47.23
C ILE D 316 9.02 1.05 -47.63
N VAL D 317 9.69 0.45 -46.65
CA VAL D 317 10.90 -0.33 -46.93
C VAL D 317 10.61 -1.62 -47.70
N ALA D 318 9.54 -2.33 -47.31
CA ALA D 318 9.16 -3.58 -47.94
C ALA D 318 8.71 -3.40 -49.39
N ALA D 319 8.21 -2.22 -49.72
CA ALA D 319 7.75 -1.91 -51.06
C ALA D 319 8.91 -1.52 -51.98
N GLY D 320 10.10 -1.43 -51.41
CA GLY D 320 11.31 -1.16 -52.19
C GLY D 320 11.57 0.30 -52.46
N LEU D 321 10.79 1.17 -51.83
CA LEU D 321 10.96 2.61 -51.98
C LEU D 321 12.18 3.15 -51.23
N ALA D 322 12.68 2.39 -50.26
CA ALA D 322 13.89 2.76 -49.52
C ALA D 322 14.56 1.55 -48.88
N ARG D 323 15.85 1.68 -48.53
CA ARG D 323 16.51 0.65 -47.74
C ARG D 323 16.32 0.91 -46.25
N ARG D 324 16.34 2.19 -45.89
CA ARG D 324 16.10 2.63 -44.53
C ARG D 324 15.04 3.73 -44.54
N ALA D 325 14.04 3.63 -43.67
CA ALA D 325 13.00 4.66 -43.58
C ALA D 325 12.64 4.99 -42.14
N LEU D 326 12.63 6.29 -41.85
CA LEU D 326 12.25 6.84 -40.56
C LEU D 326 11.01 7.71 -40.72
N VAL D 327 9.97 7.39 -39.98
CA VAL D 327 8.72 8.14 -40.09
C VAL D 327 8.47 8.93 -38.83
N GLU D 328 8.30 10.24 -39.00
CA GLU D 328 8.02 11.13 -37.88
C GLU D 328 6.58 11.56 -37.93
N LEU D 329 5.93 11.41 -36.78
CA LEU D 329 4.58 11.89 -36.58
C LEU D 329 4.60 12.84 -35.40
N ALA D 330 3.81 13.91 -35.44
CA ALA D 330 3.67 14.73 -34.24
C ALA D 330 2.23 15.14 -34.02
N TYR D 331 1.80 15.13 -32.76
CA TYR D 331 0.41 15.42 -32.41
C TYR D 331 0.30 16.55 -31.41
N ALA D 332 -0.66 17.44 -31.67
CA ALA D 332 -1.04 18.48 -30.73
C ALA D 332 -2.22 17.98 -29.90
N ILE D 333 -2.25 18.34 -28.63
CA ILE D 333 -3.26 17.82 -27.72
C ILE D 333 -4.67 18.25 -28.14
N GLY D 334 -5.58 17.29 -28.19
CA GLY D 334 -6.95 17.53 -28.60
C GLY D 334 -7.17 17.50 -30.10
N LYS D 335 -6.11 17.25 -30.86
CA LYS D 335 -6.20 17.30 -32.32
C LYS D 335 -6.02 15.91 -32.92
N ALA D 336 -6.96 15.52 -33.79
CA ALA D 336 -6.92 14.24 -34.47
C ALA D 336 -5.83 14.17 -35.52
N ARG D 337 -5.64 15.27 -36.24
CA ARG D 337 -4.71 15.28 -37.35
C ARG D 337 -3.33 15.67 -36.87
N PRO D 338 -2.32 14.91 -37.29
CA PRO D 338 -0.94 15.16 -36.88
C PRO D 338 -0.49 16.52 -37.37
N VAL D 339 0.22 17.28 -36.54
CA VAL D 339 0.73 18.58 -36.96
C VAL D 339 1.85 18.40 -37.98
N SER D 340 2.66 17.35 -37.83
CA SER D 340 3.63 17.00 -38.87
C SER D 340 3.64 15.52 -39.18
N LEU D 341 3.86 15.22 -40.45
CA LEU D 341 4.18 13.88 -40.89
C LEU D 341 5.38 14.06 -41.83
N ARG D 342 6.47 13.34 -41.56
CA ARG D 342 7.67 13.44 -42.37
C ARG D 342 8.29 12.05 -42.59
N VAL D 343 8.89 11.85 -43.75
CA VAL D 343 9.57 10.60 -44.05
C VAL D 343 11.03 10.85 -44.41
N GLU D 344 11.91 10.09 -43.77
CA GLU D 344 13.34 10.20 -43.97
C GLU D 344 13.95 8.91 -44.50
N THR D 345 14.59 9.03 -45.64
CA THR D 345 15.39 7.95 -46.17
C THR D 345 16.76 8.56 -46.19
N PHE D 346 17.68 7.95 -45.47
CA PHE D 346 18.96 8.59 -45.22
C PHE D 346 19.80 8.40 -46.46
N GLY D 347 19.34 9.02 -47.54
CA GLY D 347 19.91 8.89 -48.87
C GLY D 347 19.55 7.60 -49.55
N THR D 348 18.57 6.89 -48.99
CA THR D 348 18.23 5.55 -49.47
C THR D 348 16.97 5.51 -50.32
N GLY D 349 16.27 6.63 -50.42
CA GLY D 349 15.01 6.66 -51.14
C GLY D 349 15.11 6.55 -52.65
N VAL D 350 14.17 5.83 -53.25
CA VAL D 350 14.03 5.79 -54.70
C VAL D 350 13.59 7.16 -55.22
N LEU D 351 12.75 7.82 -54.44
CA LEU D 351 12.18 9.10 -54.82
C LEU D 351 12.62 10.17 -53.82
N PRO D 352 12.43 11.46 -54.15
CA PRO D 352 12.76 12.46 -53.13
C PRO D 352 11.93 12.28 -51.86
N ASP D 353 12.50 12.67 -50.73
CA ASP D 353 11.89 12.37 -49.43
C ASP D 353 10.52 13.03 -49.34
N GLU D 354 10.38 14.21 -49.92
CA GLU D 354 9.08 14.86 -49.94
C GLU D 354 8.03 14.07 -50.69
N LYS D 355 8.38 13.51 -51.85
CA LYS D 355 7.40 12.72 -52.59
C LYS D 355 7.00 11.50 -51.78
N LEU D 356 7.96 10.87 -51.10
CA LEU D 356 7.64 9.74 -50.23
C LEU D 356 6.68 10.19 -49.13
N THR D 357 6.91 11.38 -48.62
CA THR D 357 6.02 11.95 -47.61
C THR D 357 4.59 12.15 -48.14
N GLU D 358 4.43 12.76 -49.32
CA GLU D 358 3.09 12.97 -49.86
C GLU D 358 2.41 11.66 -50.27
N ILE D 359 3.19 10.73 -50.82
CA ILE D 359 2.71 9.38 -51.09
C ILE D 359 2.17 8.74 -49.81
N ALA D 360 2.94 8.87 -48.71
CA ALA D 360 2.52 8.33 -47.42
C ALA D 360 1.24 9.00 -46.92
N LYS D 361 1.17 10.33 -47.08
CA LYS D 361 -0.02 11.06 -46.67
C LYS D 361 -1.25 10.58 -47.43
N LYS D 362 -1.07 10.17 -48.68
CA LYS D 362 -2.22 9.67 -49.43
C LYS D 362 -2.56 8.21 -49.10
N VAL D 363 -1.54 7.38 -48.91
CA VAL D 363 -1.77 5.98 -48.59
C VAL D 363 -2.25 5.77 -47.15
N PHE D 364 -1.69 6.52 -46.20
CA PHE D 364 -1.96 6.26 -44.80
C PHE D 364 -2.83 7.35 -44.16
N ASP D 365 -3.57 6.97 -43.13
CA ASP D 365 -4.38 7.90 -42.36
C ASP D 365 -4.02 7.80 -40.88
N PRO D 366 -3.18 8.74 -40.41
CA PRO D 366 -2.62 8.66 -39.05
C PRO D 366 -3.49 9.25 -37.95
N ARG D 367 -4.77 9.51 -38.23
CA ARG D 367 -5.70 9.91 -37.17
C ARG D 367 -6.00 8.73 -36.25
N PRO D 368 -6.19 9.00 -34.95
CA PRO D 368 -6.30 7.95 -33.91
C PRO D 368 -7.40 6.91 -34.17
N LEU D 369 -8.63 7.37 -34.44
CA LEU D 369 -9.72 6.45 -34.73
C LEU D 369 -9.40 5.69 -36.01
N ALA D 370 -8.81 6.38 -36.98
CA ALA D 370 -8.44 5.78 -38.24
C ALA D 370 -7.40 4.68 -38.02
N ILE D 371 -6.42 4.95 -37.17
CA ILE D 371 -5.39 3.96 -36.84
C ILE D 371 -6.02 2.73 -36.21
N ILE D 372 -6.87 2.98 -35.21
CA ILE D 372 -7.53 1.90 -34.50
C ILE D 372 -8.35 1.00 -35.43
N GLU D 373 -9.09 1.60 -36.37
CA GLU D 373 -9.88 0.80 -37.31
C GLU D 373 -9.00 0.09 -38.34
N GLU D 374 -7.97 0.75 -38.85
CA GLU D 374 -7.10 0.18 -39.87
C GLU D 374 -6.29 -1.00 -39.33
N LEU D 375 -5.89 -0.96 -38.06
CA LEU D 375 -5.10 -2.06 -37.51
C LEU D 375 -5.92 -2.98 -36.60
N ASP D 376 -7.20 -2.67 -36.41
CA ASP D 376 -8.08 -3.50 -35.60
C ASP D 376 -7.51 -3.68 -34.19
N LEU D 377 -7.19 -2.55 -33.56
CA LEU D 377 -6.48 -2.54 -32.28
C LEU D 377 -7.32 -2.87 -31.04
N LEU D 378 -8.64 -2.87 -31.17
CA LEU D 378 -9.51 -3.14 -30.03
C LEU D 378 -9.70 -4.64 -29.81
N ARG D 379 -8.59 -5.34 -29.61
CA ARG D 379 -8.60 -6.76 -29.35
C ARG D 379 -7.53 -7.05 -28.30
N PRO D 380 -7.67 -8.15 -27.54
CA PRO D 380 -6.69 -8.45 -26.49
C PRO D 380 -5.38 -9.01 -27.05
N ILE D 381 -4.61 -8.15 -27.69
CA ILE D 381 -3.40 -8.57 -28.42
C ILE D 381 -2.08 -8.02 -27.83
N TYR D 382 -2.14 -7.40 -26.66
CA TYR D 382 -0.99 -6.62 -26.18
C TYR D 382 -0.03 -7.27 -25.19
N THR D 383 -0.45 -8.30 -24.48
CA THR D 383 0.46 -8.98 -23.53
C THR D 383 1.74 -9.51 -24.21
N PRO D 384 1.63 -10.13 -25.39
CA PRO D 384 2.89 -10.58 -26.00
C PRO D 384 3.85 -9.44 -26.39
N THR D 385 3.37 -8.21 -26.45
CA THR D 385 4.24 -7.07 -26.76
C THR D 385 5.13 -6.64 -25.58
N SER D 386 4.75 -7.02 -24.36
CA SER D 386 5.39 -6.49 -23.16
C SER D 386 6.88 -6.86 -23.03
N ALA D 387 7.33 -7.87 -23.77
CA ALA D 387 8.76 -8.17 -23.79
C ALA D 387 9.26 -8.57 -25.18
N TYR D 388 10.55 -8.37 -25.40
CA TYR D 388 11.28 -8.80 -26.59
C TYR D 388 10.99 -7.89 -27.77
N GLY D 389 10.43 -6.72 -27.47
CA GLY D 389 10.23 -5.69 -28.48
C GLY D 389 8.83 -5.67 -29.06
N HIS D 390 8.30 -4.47 -29.28
CA HIS D 390 7.00 -4.33 -29.91
C HIS D 390 7.06 -4.49 -31.43
N PHE D 391 8.27 -4.38 -31.97
CA PHE D 391 8.48 -4.41 -33.42
C PHE D 391 9.44 -5.52 -33.85
N GLY D 392 9.31 -5.95 -35.10
CA GLY D 392 10.20 -6.96 -35.66
C GLY D 392 9.71 -8.39 -35.50
N ARG D 393 8.47 -8.52 -35.05
CA ARG D 393 7.88 -9.84 -34.79
C ARG D 393 6.61 -10.05 -35.57
N PRO D 394 6.42 -11.27 -36.12
CA PRO D 394 5.24 -11.59 -36.92
C PRO D 394 4.00 -11.75 -36.03
N GLY D 395 2.83 -11.57 -36.61
CA GLY D 395 1.57 -11.76 -35.90
C GLY D 395 1.06 -10.51 -35.23
N PHE D 396 1.76 -9.40 -35.44
CA PHE D 396 1.27 -8.11 -34.98
C PHE D 396 0.75 -7.33 -36.17
N PRO D 397 -0.39 -6.63 -35.99
CA PRO D 397 -1.04 -5.89 -37.08
C PRO D 397 -0.10 -4.88 -37.73
N TRP D 398 0.74 -4.23 -36.92
CA TRP D 398 1.58 -3.16 -37.43
C TRP D 398 2.85 -3.70 -38.09
N GLU D 399 2.97 -5.03 -38.11
CA GLU D 399 4.07 -5.69 -38.80
C GLU D 399 3.62 -6.28 -40.15
N GLU D 400 2.36 -6.03 -40.51
CA GLU D 400 1.79 -6.57 -41.73
C GLU D 400 2.18 -5.67 -42.89
N THR D 401 2.77 -6.22 -43.94
CA THR D 401 3.15 -5.40 -45.09
C THR D 401 2.14 -5.53 -46.21
N ASP D 402 0.90 -5.13 -45.94
CA ASP D 402 -0.20 -5.29 -46.88
C ASP D 402 -0.52 -4.01 -47.65
N ARG D 403 0.30 -2.98 -47.46
CA ARG D 403 0.11 -1.74 -48.19
C ARG D 403 1.23 -1.53 -49.21
N VAL D 404 1.97 -2.59 -49.47
CA VAL D 404 3.07 -2.56 -50.41
C VAL D 404 2.65 -2.14 -51.82
N GLU D 405 1.57 -2.74 -52.31
CA GLU D 405 1.23 -2.55 -53.70
C GLU D 405 0.65 -1.16 -53.96
N ALA D 406 -0.09 -0.61 -53.01
CA ALA D 406 -0.59 0.77 -53.11
C ALA D 406 0.55 1.79 -53.16
N LEU D 407 1.56 1.57 -52.33
CA LEU D 407 2.72 2.46 -52.27
C LEU D 407 3.45 2.37 -53.59
N ARG D 408 3.58 1.15 -54.09
CA ARG D 408 4.27 0.95 -55.36
C ARG D 408 3.53 1.62 -56.53
N ARG D 409 2.19 1.58 -56.53
CA ARG D 409 1.45 2.25 -57.60
C ARG D 409 1.58 3.76 -57.49
N GLU D 410 1.52 4.29 -56.27
CA GLU D 410 1.70 5.73 -56.11
C GLU D 410 3.10 6.16 -56.54
N ALA D 411 4.08 5.31 -56.31
CA ALA D 411 5.45 5.60 -56.76
C ALA D 411 5.59 5.43 -58.28
N GLY D 412 5.00 4.37 -58.82
CA GLY D 412 5.14 4.06 -60.23
C GLY D 412 6.12 2.93 -60.50
#